data_3GGL
# 
_entry.id   3GGL 
# 
_audit_conform.dict_name       mmcif_pdbx.dic 
_audit_conform.dict_version    5.399 
_audit_conform.dict_location   http://mmcif.pdb.org/dictionaries/ascii/mmcif_pdbx.dic 
# 
loop_
_database_2.database_id 
_database_2.database_code 
_database_2.pdbx_database_accession 
_database_2.pdbx_DOI 
PDB   3GGL         pdb_00003ggl 10.2210/pdb3ggl/pdb 
RCSB  RCSB051833   ?            ?                   
WWPDB D_1000051833 ?            ?                   
# 
loop_
_pdbx_audit_revision_history.ordinal 
_pdbx_audit_revision_history.data_content_type 
_pdbx_audit_revision_history.major_revision 
_pdbx_audit_revision_history.minor_revision 
_pdbx_audit_revision_history.revision_date 
1 'Structure model' 1 0 2009-03-31 
2 'Structure model' 1 1 2011-07-13 
3 'Structure model' 1 2 2023-09-06 
4 'Structure model' 1 3 2023-11-22 
5 'Structure model' 1 4 2024-11-27 
# 
_pdbx_audit_revision_details.ordinal             1 
_pdbx_audit_revision_details.revision_ordinal    1 
_pdbx_audit_revision_details.data_content_type   'Structure model' 
_pdbx_audit_revision_details.provider            repository 
_pdbx_audit_revision_details.type                'Initial release' 
_pdbx_audit_revision_details.description         ? 
_pdbx_audit_revision_details.details             ? 
# 
loop_
_pdbx_audit_revision_group.ordinal 
_pdbx_audit_revision_group.revision_ordinal 
_pdbx_audit_revision_group.data_content_type 
_pdbx_audit_revision_group.group 
1 2 'Structure model' 'Version format compliance' 
2 3 'Structure model' 'Data collection'           
3 3 'Structure model' 'Database references'       
4 3 'Structure model' 'Derived calculations'      
5 3 'Structure model' 'Refinement description'    
6 4 'Structure model' 'Data collection'           
7 5 'Structure model' 'Structure summary'         
# 
loop_
_pdbx_audit_revision_category.ordinal 
_pdbx_audit_revision_category.revision_ordinal 
_pdbx_audit_revision_category.data_content_type 
_pdbx_audit_revision_category.category 
1  3 'Structure model' chem_comp_atom                
2  3 'Structure model' chem_comp_bond                
3  3 'Structure model' database_2                    
4  3 'Structure model' pdbx_initial_refinement_model 
5  3 'Structure model' struct_conn                   
6  3 'Structure model' struct_site                   
7  4 'Structure model' chem_comp_atom                
8  4 'Structure model' chem_comp_bond                
9  5 'Structure model' pdbx_entry_details            
10 5 'Structure model' pdbx_modification_feature     
# 
loop_
_pdbx_audit_revision_item.ordinal 
_pdbx_audit_revision_item.revision_ordinal 
_pdbx_audit_revision_item.data_content_type 
_pdbx_audit_revision_item.item 
1  3 'Structure model' '_database_2.pdbx_DOI'                
2  3 'Structure model' '_database_2.pdbx_database_accession' 
3  3 'Structure model' '_struct_conn.pdbx_leaving_atom_flag' 
4  3 'Structure model' '_struct_conn.ptnr1_auth_comp_id'     
5  3 'Structure model' '_struct_conn.ptnr1_auth_seq_id'      
6  3 'Structure model' '_struct_conn.ptnr1_label_asym_id'    
7  3 'Structure model' '_struct_conn.ptnr1_label_atom_id'    
8  3 'Structure model' '_struct_conn.ptnr1_label_comp_id'    
9  3 'Structure model' '_struct_conn.ptnr1_label_seq_id'     
10 3 'Structure model' '_struct_conn.ptnr2_auth_comp_id'     
11 3 'Structure model' '_struct_conn.ptnr2_auth_seq_id'      
12 3 'Structure model' '_struct_conn.ptnr2_label_asym_id'    
13 3 'Structure model' '_struct_conn.ptnr2_label_atom_id'    
14 3 'Structure model' '_struct_conn.ptnr2_label_comp_id'    
15 3 'Structure model' '_struct_conn.ptnr2_label_seq_id'     
16 3 'Structure model' '_struct_site.pdbx_auth_asym_id'      
17 3 'Structure model' '_struct_site.pdbx_auth_comp_id'      
18 3 'Structure model' '_struct_site.pdbx_auth_seq_id'       
19 4 'Structure model' '_chem_comp_atom.atom_id'             
20 4 'Structure model' '_chem_comp_bond.atom_id_2'           
# 
_pdbx_database_status.entry_id                        3GGL 
_pdbx_database_status.deposit_site                    RCSB 
_pdbx_database_status.process_site                    RCSB 
_pdbx_database_status.recvd_initial_deposition_date   2009-02-28 
_pdbx_database_status.status_code                     REL 
_pdbx_database_status.status_code_sf                  REL 
_pdbx_database_status.status_code_mr                  ? 
_pdbx_database_status.SG_entry                        Y 
_pdbx_database_status.pdb_format_compatible           Y 
_pdbx_database_status.status_code_cs                  ? 
_pdbx_database_status.status_code_nmr_data            ? 
_pdbx_database_status.methods_development_category    ? 
# 
loop_
_pdbx_database_related.db_name 
_pdbx_database_related.db_id 
_pdbx_database_related.details 
_pdbx_database_related.content_type 
PDB      3F2Z    Homolog unspecified 
TargetDB BtR324A .       unspecified 
# 
loop_
_audit_author.name 
_audit_author.pdbx_ordinal 
'Kuzin, A.'                                       1  
'Neely, H.'                                       2  
'Seetharaman, R.'                                 3  
'Lee, D.'                                         4  
'Ciccosanti, C.'                                  5  
'Foote, E.L.'                                     6  
'Janjua, H.'                                      7  
'Xiao, R.'                                        8  
'Nair, R.'                                        9  
'Rost, B.'                                        10 
'Acton, T.'                                       11 
'Everett, J.K.'                                   12 
'Montelione, G.T.'                                13 
'Tong, L.'                                        14 
'Hunt, J.'                                        15 
'Northeast Structural Genomics Consortium (NESG)' 16 
# 
_citation.id                        primary 
_citation.title                     'Northeast Structural Genomics Consortium Target BtR324A' 
_citation.journal_abbrev            'To be Published' 
_citation.journal_volume            ? 
_citation.page_first                ? 
_citation.page_last                 ? 
_citation.year                      ? 
_citation.journal_id_ASTM           ? 
_citation.country                   ? 
_citation.journal_id_ISSN           ? 
_citation.journal_id_CSD            0353 
_citation.book_publisher            ? 
_citation.pdbx_database_id_PubMed   ? 
_citation.pdbx_database_id_DOI      ? 
# 
loop_
_citation_author.citation_id 
_citation_author.name 
_citation_author.ordinal 
_citation_author.identifier_ORCID 
primary 'Kuzin, A.'                                       1  ? 
primary 'Neely, H.'                                       2  ? 
primary 'Seetharaman, R.'                                 3  ? 
primary 'Ciccosanti, C.'                                  4  ? 
primary 'Foote, E.L.'                                     5  ? 
primary 'Nair, R.'                                        6  ? 
primary 'Rost, B.'                                        7  ? 
primary 'Acton, T.'                                       8  ? 
primary 'Everett, J.K.'                                   9  ? 
primary 'Montelione, G.T.'                                10 ? 
primary 'Tong, L.'                                        11 ? 
primary 'Hunt, J.'                                        12 ? 
primary 'Northeast Structural Genomics Consortium (NESG)' 13 ? 
# 
loop_
_entity.id 
_entity.type 
_entity.src_method 
_entity.pdbx_description 
_entity.formula_weight 
_entity.pdbx_number_of_molecules 
_entity.pdbx_ec 
_entity.pdbx_mutation 
_entity.pdbx_fragment 
_entity.details 
1 polymer     man 'Putative chitobiase'   18766.789 1 ? ? 'residues 280-440' ? 
2 non-polymer syn 'ZINC ION'              65.409    1 ? ? ?                  ? 
3 non-polymer syn 'DI(HYDROXYETHYL)ETHER' 106.120   1 ? ? ?                  ? 
4 water       nat water                   18.015    2 ? ? ?                  ? 
# 
_entity_poly.entity_id                      1 
_entity_poly.type                           'polypeptide(L)' 
_entity_poly.nstd_linkage                   no 
_entity_poly.nstd_monomer                   yes 
_entity_poly.pdbx_seq_one_letter_code       
;DTYTGFCIIKEGTKISKSGWEVLSFTTQEASGEGAGNGLAKCLIDGDTETFWHAKWQGGSDPLPYDIVID(MSE)KQNIQ
IAQVELLPRGRGSNNPIKVVEFAASEDNVNWTPIGRFGFTNQDAALEYYVKSIKARYIRLTIPDDGGNSTVAAIRELDVK
GTIINLEHHHHHH
;
_entity_poly.pdbx_seq_one_letter_code_can   
;DTYTGFCIIKEGTKISKSGWEVLSFTTQEASGEGAGNGLAKCLIDGDTETFWHAKWQGGSDPLPYDIVIDMKQNIQIAQV
ELLPRGRGSNNPIKVVEFAASEDNVNWTPIGRFGFTNQDAALEYYVKSIKARYIRLTIPDDGGNSTVAAIRELDVKGTII
NLEHHHHHH
;
_entity_poly.pdbx_strand_id                 A 
_entity_poly.pdbx_target_identifier         BtR324A 
# 
loop_
_pdbx_entity_nonpoly.entity_id 
_pdbx_entity_nonpoly.name 
_pdbx_entity_nonpoly.comp_id 
2 'ZINC ION'              ZN  
3 'DI(HYDROXYETHYL)ETHER' PEG 
4 water                   HOH 
# 
loop_
_entity_poly_seq.entity_id 
_entity_poly_seq.num 
_entity_poly_seq.mon_id 
_entity_poly_seq.hetero 
1 1   ASP n 
1 2   THR n 
1 3   TYR n 
1 4   THR n 
1 5   GLY n 
1 6   PHE n 
1 7   CYS n 
1 8   ILE n 
1 9   ILE n 
1 10  LYS n 
1 11  GLU n 
1 12  GLY n 
1 13  THR n 
1 14  LYS n 
1 15  ILE n 
1 16  SER n 
1 17  LYS n 
1 18  SER n 
1 19  GLY n 
1 20  TRP n 
1 21  GLU n 
1 22  VAL n 
1 23  LEU n 
1 24  SER n 
1 25  PHE n 
1 26  THR n 
1 27  THR n 
1 28  GLN n 
1 29  GLU n 
1 30  ALA n 
1 31  SER n 
1 32  GLY n 
1 33  GLU n 
1 34  GLY n 
1 35  ALA n 
1 36  GLY n 
1 37  ASN n 
1 38  GLY n 
1 39  LEU n 
1 40  ALA n 
1 41  LYS n 
1 42  CYS n 
1 43  LEU n 
1 44  ILE n 
1 45  ASP n 
1 46  GLY n 
1 47  ASP n 
1 48  THR n 
1 49  GLU n 
1 50  THR n 
1 51  PHE n 
1 52  TRP n 
1 53  HIS n 
1 54  ALA n 
1 55  LYS n 
1 56  TRP n 
1 57  GLN n 
1 58  GLY n 
1 59  GLY n 
1 60  SER n 
1 61  ASP n 
1 62  PRO n 
1 63  LEU n 
1 64  PRO n 
1 65  TYR n 
1 66  ASP n 
1 67  ILE n 
1 68  VAL n 
1 69  ILE n 
1 70  ASP n 
1 71  MSE n 
1 72  LYS n 
1 73  GLN n 
1 74  ASN n 
1 75  ILE n 
1 76  GLN n 
1 77  ILE n 
1 78  ALA n 
1 79  GLN n 
1 80  VAL n 
1 81  GLU n 
1 82  LEU n 
1 83  LEU n 
1 84  PRO n 
1 85  ARG n 
1 86  GLY n 
1 87  ARG n 
1 88  GLY n 
1 89  SER n 
1 90  ASN n 
1 91  ASN n 
1 92  PRO n 
1 93  ILE n 
1 94  LYS n 
1 95  VAL n 
1 96  VAL n 
1 97  GLU n 
1 98  PHE n 
1 99  ALA n 
1 100 ALA n 
1 101 SER n 
1 102 GLU n 
1 103 ASP n 
1 104 ASN n 
1 105 VAL n 
1 106 ASN n 
1 107 TRP n 
1 108 THR n 
1 109 PRO n 
1 110 ILE n 
1 111 GLY n 
1 112 ARG n 
1 113 PHE n 
1 114 GLY n 
1 115 PHE n 
1 116 THR n 
1 117 ASN n 
1 118 GLN n 
1 119 ASP n 
1 120 ALA n 
1 121 ALA n 
1 122 LEU n 
1 123 GLU n 
1 124 TYR n 
1 125 TYR n 
1 126 VAL n 
1 127 LYS n 
1 128 SER n 
1 129 ILE n 
1 130 LYS n 
1 131 ALA n 
1 132 ARG n 
1 133 TYR n 
1 134 ILE n 
1 135 ARG n 
1 136 LEU n 
1 137 THR n 
1 138 ILE n 
1 139 PRO n 
1 140 ASP n 
1 141 ASP n 
1 142 GLY n 
1 143 GLY n 
1 144 ASN n 
1 145 SER n 
1 146 THR n 
1 147 VAL n 
1 148 ALA n 
1 149 ALA n 
1 150 ILE n 
1 151 ARG n 
1 152 GLU n 
1 153 LEU n 
1 154 ASP n 
1 155 VAL n 
1 156 LYS n 
1 157 GLY n 
1 158 THR n 
1 159 ILE n 
1 160 ILE n 
1 161 ASN n 
1 162 LEU n 
1 163 GLU n 
1 164 HIS n 
1 165 HIS n 
1 166 HIS n 
1 167 HIS n 
1 168 HIS n 
1 169 HIS n 
# 
_entity_src_gen.entity_id                          1 
_entity_src_gen.pdbx_src_id                        1 
_entity_src_gen.pdbx_alt_source_flag               sample 
_entity_src_gen.pdbx_seq_type                      ? 
_entity_src_gen.pdbx_beg_seq_num                   ? 
_entity_src_gen.pdbx_end_seq_num                   ? 
_entity_src_gen.gene_src_common_name               ? 
_entity_src_gen.gene_src_genus                     ? 
_entity_src_gen.pdbx_gene_src_gene                 BT_0865 
_entity_src_gen.gene_src_species                   ? 
_entity_src_gen.gene_src_strain                    ? 
_entity_src_gen.gene_src_tissue                    ? 
_entity_src_gen.gene_src_tissue_fraction           ? 
_entity_src_gen.gene_src_details                   ? 
_entity_src_gen.pdbx_gene_src_fragment             ? 
_entity_src_gen.pdbx_gene_src_scientific_name      'Bacteroides thetaiotaomicron' 
_entity_src_gen.pdbx_gene_src_ncbi_taxonomy_id     818 
_entity_src_gen.pdbx_gene_src_variant              ? 
_entity_src_gen.pdbx_gene_src_cell_line            ? 
_entity_src_gen.pdbx_gene_src_atcc                 ? 
_entity_src_gen.pdbx_gene_src_organ                ? 
_entity_src_gen.pdbx_gene_src_organelle            ? 
_entity_src_gen.pdbx_gene_src_cell                 ? 
_entity_src_gen.pdbx_gene_src_cellular_location    ? 
_entity_src_gen.host_org_common_name               ? 
_entity_src_gen.pdbx_host_org_scientific_name      'Escherichia coli' 
_entity_src_gen.pdbx_host_org_ncbi_taxonomy_id     562 
_entity_src_gen.host_org_genus                     ? 
_entity_src_gen.pdbx_host_org_gene                 ? 
_entity_src_gen.pdbx_host_org_organ                ? 
_entity_src_gen.host_org_species                   ? 
_entity_src_gen.pdbx_host_org_tissue               ? 
_entity_src_gen.pdbx_host_org_tissue_fraction      ? 
_entity_src_gen.pdbx_host_org_strain               'BL21(DE3)+ Magic' 
_entity_src_gen.pdbx_host_org_variant              ? 
_entity_src_gen.pdbx_host_org_cell_line            ? 
_entity_src_gen.pdbx_host_org_atcc                 ? 
_entity_src_gen.pdbx_host_org_culture_collection   ? 
_entity_src_gen.pdbx_host_org_cell                 ? 
_entity_src_gen.pdbx_host_org_organelle            ? 
_entity_src_gen.pdbx_host_org_cellular_location    ? 
_entity_src_gen.pdbx_host_org_vector_type          plasmid 
_entity_src_gen.pdbx_host_org_vector               ? 
_entity_src_gen.host_org_details                   ? 
_entity_src_gen.expression_system_id               ? 
_entity_src_gen.plasmid_name                       'pET 21-23C' 
_entity_src_gen.plasmid_details                    ? 
_entity_src_gen.pdbx_description                   ? 
# 
loop_
_chem_comp.id 
_chem_comp.type 
_chem_comp.mon_nstd_flag 
_chem_comp.name 
_chem_comp.pdbx_synonyms 
_chem_comp.formula 
_chem_comp.formula_weight 
ALA 'L-peptide linking' y ALANINE                 ? 'C3 H7 N O2'     89.093  
ARG 'L-peptide linking' y ARGININE                ? 'C6 H15 N4 O2 1' 175.209 
ASN 'L-peptide linking' y ASPARAGINE              ? 'C4 H8 N2 O3'    132.118 
ASP 'L-peptide linking' y 'ASPARTIC ACID'         ? 'C4 H7 N O4'     133.103 
CYS 'L-peptide linking' y CYSTEINE                ? 'C3 H7 N O2 S'   121.158 
GLN 'L-peptide linking' y GLUTAMINE               ? 'C5 H10 N2 O3'   146.144 
GLU 'L-peptide linking' y 'GLUTAMIC ACID'         ? 'C5 H9 N O4'     147.129 
GLY 'peptide linking'   y GLYCINE                 ? 'C2 H5 N O2'     75.067  
HIS 'L-peptide linking' y HISTIDINE               ? 'C6 H10 N3 O2 1' 156.162 
HOH non-polymer         . WATER                   ? 'H2 O'           18.015  
ILE 'L-peptide linking' y ISOLEUCINE              ? 'C6 H13 N O2'    131.173 
LEU 'L-peptide linking' y LEUCINE                 ? 'C6 H13 N O2'    131.173 
LYS 'L-peptide linking' y LYSINE                  ? 'C6 H15 N2 O2 1' 147.195 
MSE 'L-peptide linking' n SELENOMETHIONINE        ? 'C5 H11 N O2 Se' 196.106 
PEG non-polymer         . 'DI(HYDROXYETHYL)ETHER' ? 'C4 H10 O3'      106.120 
PHE 'L-peptide linking' y PHENYLALANINE           ? 'C9 H11 N O2'    165.189 
PRO 'L-peptide linking' y PROLINE                 ? 'C5 H9 N O2'     115.130 
SER 'L-peptide linking' y SERINE                  ? 'C3 H7 N O3'     105.093 
THR 'L-peptide linking' y THREONINE               ? 'C4 H9 N O3'     119.119 
TRP 'L-peptide linking' y TRYPTOPHAN              ? 'C11 H12 N2 O2'  204.225 
TYR 'L-peptide linking' y TYROSINE                ? 'C9 H11 N O3'    181.189 
VAL 'L-peptide linking' y VALINE                  ? 'C5 H11 N O2'    117.146 
ZN  non-polymer         . 'ZINC ION'              ? 'Zn 2'           65.409  
# 
loop_
_pdbx_poly_seq_scheme.asym_id 
_pdbx_poly_seq_scheme.entity_id 
_pdbx_poly_seq_scheme.seq_id 
_pdbx_poly_seq_scheme.mon_id 
_pdbx_poly_seq_scheme.ndb_seq_num 
_pdbx_poly_seq_scheme.pdb_seq_num 
_pdbx_poly_seq_scheme.auth_seq_num 
_pdbx_poly_seq_scheme.pdb_mon_id 
_pdbx_poly_seq_scheme.auth_mon_id 
_pdbx_poly_seq_scheme.pdb_strand_id 
_pdbx_poly_seq_scheme.pdb_ins_code 
_pdbx_poly_seq_scheme.hetero 
A 1 1   ASP 1   280 280 ASP ASP A . n 
A 1 2   THR 2   281 281 THR THR A . n 
A 1 3   TYR 3   282 282 TYR TYR A . n 
A 1 4   THR 4   283 283 THR THR A . n 
A 1 5   GLY 5   284 284 GLY GLY A . n 
A 1 6   PHE 6   285 285 PHE PHE A . n 
A 1 7   CYS 7   286 286 CYS CYS A . n 
A 1 8   ILE 8   287 287 ILE ILE A . n 
A 1 9   ILE 9   288 288 ILE ILE A . n 
A 1 10  LYS 10  289 289 LYS LYS A . n 
A 1 11  GLU 11  290 290 GLU GLU A . n 
A 1 12  GLY 12  291 291 GLY GLY A . n 
A 1 13  THR 13  292 292 THR THR A . n 
A 1 14  LYS 14  293 293 LYS LYS A . n 
A 1 15  ILE 15  294 294 ILE ILE A . n 
A 1 16  SER 16  295 295 SER SER A . n 
A 1 17  LYS 17  296 296 LYS LYS A . n 
A 1 18  SER 18  297 297 SER SER A . n 
A 1 19  GLY 19  298 298 GLY GLY A . n 
A 1 20  TRP 20  299 299 TRP TRP A . n 
A 1 21  GLU 21  300 300 GLU GLU A . n 
A 1 22  VAL 22  301 301 VAL VAL A . n 
A 1 23  LEU 23  302 302 LEU LEU A . n 
A 1 24  SER 24  303 303 SER SER A . n 
A 1 25  PHE 25  304 304 PHE PHE A . n 
A 1 26  THR 26  305 305 THR THR A . n 
A 1 27  THR 27  306 306 THR THR A . n 
A 1 28  GLN 28  307 307 GLN GLN A . n 
A 1 29  GLU 29  308 308 GLU GLU A . n 
A 1 30  ALA 30  309 309 ALA ALA A . n 
A 1 31  SER 31  310 310 SER SER A . n 
A 1 32  GLY 32  311 311 GLY GLY A . n 
A 1 33  GLU 33  312 312 GLU GLU A . n 
A 1 34  GLY 34  313 313 GLY GLY A . n 
A 1 35  ALA 35  314 314 ALA ALA A . n 
A 1 36  GLY 36  315 315 GLY GLY A . n 
A 1 37  ASN 37  316 316 ASN ASN A . n 
A 1 38  GLY 38  317 317 GLY GLY A . n 
A 1 39  LEU 39  318 318 LEU LEU A . n 
A 1 40  ALA 40  319 319 ALA ALA A . n 
A 1 41  LYS 41  320 320 LYS LYS A . n 
A 1 42  CYS 42  321 321 CYS CYS A . n 
A 1 43  LEU 43  322 322 LEU LEU A . n 
A 1 44  ILE 44  323 323 ILE ILE A . n 
A 1 45  ASP 45  324 324 ASP ASP A . n 
A 1 46  GLY 46  325 325 GLY GLY A . n 
A 1 47  ASP 47  326 326 ASP ASP A . n 
A 1 48  THR 48  327 327 THR THR A . n 
A 1 49  GLU 49  328 328 GLU GLU A . n 
A 1 50  THR 50  329 329 THR THR A . n 
A 1 51  PHE 51  330 330 PHE PHE A . n 
A 1 52  TRP 52  331 331 TRP TRP A . n 
A 1 53  HIS 53  332 332 HIS HIS A . n 
A 1 54  ALA 54  333 333 ALA ALA A . n 
A 1 55  LYS 55  334 334 LYS LYS A . n 
A 1 56  TRP 56  335 335 TRP TRP A . n 
A 1 57  GLN 57  336 336 GLN GLN A . n 
A 1 58  GLY 58  337 337 GLY GLY A . n 
A 1 59  GLY 59  338 338 GLY GLY A . n 
A 1 60  SER 60  339 339 SER SER A . n 
A 1 61  ASP 61  340 340 ASP ASP A . n 
A 1 62  PRO 62  341 341 PRO PRO A . n 
A 1 63  LEU 63  342 342 LEU LEU A . n 
A 1 64  PRO 64  343 343 PRO PRO A . n 
A 1 65  TYR 65  344 344 TYR TYR A . n 
A 1 66  ASP 66  345 345 ASP ASP A . n 
A 1 67  ILE 67  346 346 ILE ILE A . n 
A 1 68  VAL 68  347 347 VAL VAL A . n 
A 1 69  ILE 69  348 348 ILE ILE A . n 
A 1 70  ASP 70  349 349 ASP ASP A . n 
A 1 71  MSE 71  350 350 MSE MSE A . n 
A 1 72  LYS 72  351 351 LYS LYS A . n 
A 1 73  GLN 73  352 352 GLN GLN A . n 
A 1 74  ASN 74  353 353 ASN ASN A . n 
A 1 75  ILE 75  354 354 ILE ILE A . n 
A 1 76  GLN 76  355 355 GLN GLN A . n 
A 1 77  ILE 77  356 356 ILE ILE A . n 
A 1 78  ALA 78  357 357 ALA ALA A . n 
A 1 79  GLN 79  358 358 GLN GLN A . n 
A 1 80  VAL 80  359 359 VAL VAL A . n 
A 1 81  GLU 81  360 360 GLU GLU A . n 
A 1 82  LEU 82  361 361 LEU LEU A . n 
A 1 83  LEU 83  362 362 LEU LEU A . n 
A 1 84  PRO 84  363 363 PRO PRO A . n 
A 1 85  ARG 85  364 364 ARG ARG A . n 
A 1 86  GLY 86  365 365 GLY GLY A . n 
A 1 87  ARG 87  366 366 ARG ARG A . n 
A 1 88  GLY 88  367 367 GLY GLY A . n 
A 1 89  SER 89  368 368 SER SER A . n 
A 1 90  ASN 90  369 369 ASN ASN A . n 
A 1 91  ASN 91  370 370 ASN ASN A . n 
A 1 92  PRO 92  371 371 PRO PRO A . n 
A 1 93  ILE 93  372 372 ILE ILE A . n 
A 1 94  LYS 94  373 373 LYS LYS A . n 
A 1 95  VAL 95  374 374 VAL VAL A . n 
A 1 96  VAL 96  375 375 VAL VAL A . n 
A 1 97  GLU 97  376 376 GLU GLU A . n 
A 1 98  PHE 98  377 377 PHE PHE A . n 
A 1 99  ALA 99  378 378 ALA ALA A . n 
A 1 100 ALA 100 379 379 ALA ALA A . n 
A 1 101 SER 101 380 380 SER SER A . n 
A 1 102 GLU 102 381 381 GLU GLU A . n 
A 1 103 ASP 103 382 382 ASP ASP A . n 
A 1 104 ASN 104 383 383 ASN ASN A . n 
A 1 105 VAL 105 384 384 VAL VAL A . n 
A 1 106 ASN 106 385 385 ASN ASN A . n 
A 1 107 TRP 107 386 386 TRP TRP A . n 
A 1 108 THR 108 387 387 THR THR A . n 
A 1 109 PRO 109 388 388 PRO PRO A . n 
A 1 110 ILE 110 389 389 ILE ILE A . n 
A 1 111 GLY 111 390 390 GLY GLY A . n 
A 1 112 ARG 112 391 391 ARG ARG A . n 
A 1 113 PHE 113 392 392 PHE PHE A . n 
A 1 114 GLY 114 393 393 GLY GLY A . n 
A 1 115 PHE 115 394 394 PHE PHE A . n 
A 1 116 THR 116 395 395 THR THR A . n 
A 1 117 ASN 117 396 396 ASN ASN A . n 
A 1 118 GLN 118 397 397 GLN GLN A . n 
A 1 119 ASP 119 398 398 ASP ASP A . n 
A 1 120 ALA 120 399 399 ALA ALA A . n 
A 1 121 ALA 121 400 400 ALA ALA A . n 
A 1 122 LEU 122 401 401 LEU LEU A . n 
A 1 123 GLU 123 402 402 GLU GLU A . n 
A 1 124 TYR 124 403 403 TYR TYR A . n 
A 1 125 TYR 125 404 404 TYR TYR A . n 
A 1 126 VAL 126 405 405 VAL VAL A . n 
A 1 127 LYS 127 406 406 LYS LYS A . n 
A 1 128 SER 128 407 407 SER SER A . n 
A 1 129 ILE 129 408 408 ILE ILE A . n 
A 1 130 LYS 130 409 409 LYS LYS A . n 
A 1 131 ALA 131 410 410 ALA ALA A . n 
A 1 132 ARG 132 411 411 ARG ARG A . n 
A 1 133 TYR 133 412 412 TYR TYR A . n 
A 1 134 ILE 134 413 413 ILE ILE A . n 
A 1 135 ARG 135 414 414 ARG ARG A . n 
A 1 136 LEU 136 415 415 LEU LEU A . n 
A 1 137 THR 137 416 416 THR THR A . n 
A 1 138 ILE 138 417 417 ILE ILE A . n 
A 1 139 PRO 139 418 418 PRO PRO A . n 
A 1 140 ASP 140 419 419 ASP ASP A . n 
A 1 141 ASP 141 420 420 ASP ASP A . n 
A 1 142 GLY 142 421 421 GLY GLY A . n 
A 1 143 GLY 143 422 422 GLY GLY A . n 
A 1 144 ASN 144 423 423 ASN ASN A . n 
A 1 145 SER 145 424 424 SER SER A . n 
A 1 146 THR 146 425 425 THR THR A . n 
A 1 147 VAL 147 426 426 VAL VAL A . n 
A 1 148 ALA 148 427 427 ALA ALA A . n 
A 1 149 ALA 149 428 428 ALA ALA A . n 
A 1 150 ILE 150 429 429 ILE ILE A . n 
A 1 151 ARG 151 430 430 ARG ARG A . n 
A 1 152 GLU 152 431 431 GLU GLU A . n 
A 1 153 LEU 153 432 432 LEU LEU A . n 
A 1 154 ASP 154 433 433 ASP ASP A . n 
A 1 155 VAL 155 434 434 VAL VAL A . n 
A 1 156 LYS 156 435 435 LYS LYS A . n 
A 1 157 GLY 157 436 436 GLY GLY A . n 
A 1 158 THR 158 437 437 THR THR A . n 
A 1 159 ILE 159 438 438 ILE ILE A . n 
A 1 160 ILE 160 439 439 ILE ILE A . n 
A 1 161 ASN 161 440 440 ASN ASN A . n 
A 1 162 LEU 162 441 ?   ?   ?   A . n 
A 1 163 GLU 163 442 ?   ?   ?   A . n 
A 1 164 HIS 164 443 ?   ?   ?   A . n 
A 1 165 HIS 165 444 ?   ?   ?   A . n 
A 1 166 HIS 166 445 ?   ?   ?   A . n 
A 1 167 HIS 167 446 ?   ?   ?   A . n 
A 1 168 HIS 168 447 ?   ?   ?   A . n 
A 1 169 HIS 169 448 ?   ?   ?   A . n 
# 
loop_
_pdbx_nonpoly_scheme.asym_id 
_pdbx_nonpoly_scheme.entity_id 
_pdbx_nonpoly_scheme.mon_id 
_pdbx_nonpoly_scheme.ndb_seq_num 
_pdbx_nonpoly_scheme.pdb_seq_num 
_pdbx_nonpoly_scheme.auth_seq_num 
_pdbx_nonpoly_scheme.pdb_mon_id 
_pdbx_nonpoly_scheme.auth_mon_id 
_pdbx_nonpoly_scheme.pdb_strand_id 
_pdbx_nonpoly_scheme.pdb_ins_code 
B 2 ZN  1 1   1 ZN  ZN  A . 
C 3 PEG 1 449 1 PEG PEG A . 
D 4 HOH 1 2   2 HOH HOH A . 
D 4 HOH 2 3   3 HOH HOH A . 
# 
loop_
_software.name 
_software.version 
_software.date 
_software.type 
_software.contact_author 
_software.contact_author_email 
_software.classification 
_software.location 
_software.language 
_software.citation_id 
_software.pdbx_ordinal 
REFMAC      5.2.0019 ?                 program 'Murshudov, G.N.' ccp4@dl.ac.uk            refinement        
http://www.ccp4.ac.uk/main.html  Fortran_77 ? 1 
PDB_EXTRACT 3.00     'March. 27, 2007' package PDB               sw-help@rcsb.rutgers.edu 'data extraction' 
http://pdb.rutgers.edu/software/ C++        ? 2 
ADSC        Quantum  ?                 ?       ?                 ?                        'data collection' ? ?          ? 3 
HKL-2000    .        ?                 ?       ?                 ?                        'data reduction'  ? ?          ? 4 
SCALEPACK   .        ?                 ?       ?                 ?                        'data scaling'    ? ?          ? 5 
BALBES      .        ?                 ?       ?                 ?                        phasing           ? ?          ? 6 
# 
_cell.entry_id           3GGL 
_cell.length_a           86.860 
_cell.length_b           86.860 
_cell.length_c           50.992 
_cell.angle_alpha        90.000 
_cell.angle_beta         90.000 
_cell.angle_gamma        120.000 
_cell.pdbx_unique_axis   ? 
_cell.Z_PDB              6 
_cell.length_a_esd       ? 
_cell.length_b_esd       ? 
_cell.length_c_esd       ? 
_cell.angle_alpha_esd    ? 
_cell.angle_beta_esd     ? 
_cell.angle_gamma_esd    ? 
# 
_symmetry.entry_id                         3GGL 
_symmetry.space_group_name_H-M             'P 32 2 1' 
_symmetry.Int_Tables_number                154 
_symmetry.pdbx_full_space_group_name_H-M   ? 
_symmetry.cell_setting                     ? 
_symmetry.space_group_name_Hall            ? 
# 
_exptl.crystals_number   1 
_exptl.entry_id          3GGL 
_exptl.method            'X-RAY DIFFRACTION' 
# 
_exptl_crystal.id                    1 
_exptl_crystal.density_Matthews      2.96 
_exptl_crystal.density_meas          ? 
_exptl_crystal.density_percent_sol   58.43 
_exptl_crystal.description           ? 
_exptl_crystal.F_000                 ? 
_exptl_crystal.preparation           ? 
# 
_exptl_crystal_grow.crystal_id      1 
_exptl_crystal_grow.method          'VAPOR DIFFUSION, HANGING DROP' 
_exptl_crystal_grow.pH              7.0 
_exptl_crystal_grow.temp            293 
_exptl_crystal_grow.temp_details    ? 
_exptl_crystal_grow.pdbx_details    '0.75M MgFormate, 0.1M Bis-Tris, pH 7.0, VAPOR DIFFUSION, HANGING DROP, temperature 293K' 
_exptl_crystal_grow.pdbx_pH_range   ? 
# 
_diffrn.id                     1 
_diffrn.ambient_temp           100 
_diffrn.ambient_temp_details   ? 
_diffrn.crystal_id             1 
# 
_diffrn_detector.diffrn_id              1 
_diffrn_detector.detector               CCD 
_diffrn_detector.type                   'ADSC QUANTUM 4' 
_diffrn_detector.pdbx_collection_date   2009-01-22 
_diffrn_detector.details                mirrors 
# 
_diffrn_radiation.diffrn_id                        1 
_diffrn_radiation.pdbx_diffrn_protocol             'SINGLE WAVELENGTH' 
_diffrn_radiation.monochromator                    ? 
_diffrn_radiation.wavelength_id                    1 
_diffrn_radiation.pdbx_monochromatic_or_laue_m_l   M 
_diffrn_radiation.pdbx_scattering_type             x-ray 
# 
_diffrn_radiation_wavelength.id           1 
_diffrn_radiation_wavelength.wavelength   0.979 
_diffrn_radiation_wavelength.wt           1.0 
# 
_diffrn_source.diffrn_id                   1 
_diffrn_source.source                      SYNCHROTRON 
_diffrn_source.type                        'NSLS BEAMLINE X4A' 
_diffrn_source.pdbx_wavelength_list        0.979 
_diffrn_source.pdbx_wavelength             ? 
_diffrn_source.pdbx_synchrotron_site       NSLS 
_diffrn_source.pdbx_synchrotron_beamline   X4A 
# 
_reflns.entry_id                     3GGL 
_reflns.observed_criterion_sigma_F   ? 
_reflns.observed_criterion_sigma_I   -3 
_reflns.d_resolution_high            3 
_reflns.d_resolution_low             50 
_reflns.number_all                   ? 
_reflns.number_obs                   8624 
_reflns.percent_possible_obs         99.9 
_reflns.pdbx_Rmerge_I_obs            0.085 
_reflns.pdbx_Rsym_value              ? 
_reflns.pdbx_netI_over_sigmaI        ? 
_reflns.B_iso_Wilson_estimate        ? 
_reflns.pdbx_redundancy              9.4 
_reflns.R_free_details               ? 
_reflns.limit_h_max                  ? 
_reflns.limit_h_min                  ? 
_reflns.limit_k_max                  ? 
_reflns.limit_k_min                  ? 
_reflns.limit_l_max                  ? 
_reflns.limit_l_min                  ? 
_reflns.observed_criterion_F_max     ? 
_reflns.observed_criterion_F_min     ? 
_reflns.pdbx_chi_squared             ? 
_reflns.pdbx_scaling_rejects         ? 
_reflns.pdbx_diffrn_id               1 
_reflns.pdbx_ordinal                 1 
# 
_reflns_shell.d_res_high             3 
_reflns_shell.d_res_low              3.11 
_reflns_shell.percent_possible_obs   ? 
_reflns_shell.percent_possible_all   100 
_reflns_shell.Rmerge_I_obs           0.484 
_reflns_shell.meanI_over_sigI_obs    ? 
_reflns_shell.pdbx_Rsym_value        ? 
_reflns_shell.pdbx_redundancy        8.6 
_reflns_shell.number_unique_all      ? 
_reflns_shell.number_measured_all    ? 
_reflns_shell.number_measured_obs    ? 
_reflns_shell.number_unique_obs      ? 
_reflns_shell.pdbx_chi_squared       ? 
_reflns_shell.pdbx_diffrn_id         ? 
_reflns_shell.pdbx_ordinal           1 
# 
_refine.entry_id                                 3GGL 
_refine.ls_d_res_high                            3.000 
_refine.ls_d_res_low                             20.000 
_refine.pdbx_ls_sigma_F                          0.00 
_refine.ls_percent_reflns_obs                    100.000 
_refine.ls_number_reflns_obs                     4615 
_refine.pdbx_ls_cross_valid_method               THROUGHOUT 
_refine.pdbx_R_Free_selection_details            RANDOM 
_refine.ls_R_factor_obs                          0.202 
_refine.ls_R_factor_R_work                       0.200 
_refine.ls_R_factor_R_free                       0.251 
_refine.ls_percent_reflns_R_free                 4.600 
_refine.ls_number_reflns_R_free                  210 
_refine.B_iso_mean                               66.961 
_refine.aniso_B[1][1]                            -0.160 
_refine.aniso_B[2][2]                            -0.160 
_refine.aniso_B[3][3]                            0.240 
_refine.aniso_B[1][2]                            -0.080 
_refine.aniso_B[1][3]                            0.000 
_refine.aniso_B[2][3]                            0.000 
_refine.correlation_coeff_Fo_to_Fc               0.945 
_refine.correlation_coeff_Fo_to_Fc_free          0.912 
_refine.pdbx_overall_ESU_R_Free                  0.408 
_refine.overall_SU_ML                            0.284 
_refine.overall_SU_B                             36.628 
_refine.solvent_model_details                    'BABINET MODEL WITH MASK' 
_refine.pdbx_solvent_vdw_probe_radii             1.200 
_refine.pdbx_solvent_ion_probe_radii             0.800 
_refine.pdbx_solvent_shrinkage_radii             0.800 
_refine.pdbx_stereochemistry_target_values       'MAXIMUM LIKELIHOOD' 
_refine.pdbx_ls_sigma_I                          ? 
_refine.ls_number_reflns_all                     ? 
_refine.ls_R_factor_all                          ? 
_refine.ls_redundancy_reflns_obs                 ? 
_refine.pdbx_data_cutoff_high_absF               ? 
_refine.pdbx_data_cutoff_low_absF                ? 
_refine.ls_number_parameters                     ? 
_refine.ls_number_restraints                     ? 
_refine.ls_R_factor_R_free_error                 ? 
_refine.ls_R_factor_R_free_error_details         ? 
_refine.pdbx_method_to_determine_struct          'MOLECULAR REPLACEMENT' 
_refine.pdbx_starting_model                      3F2Z 
_refine.pdbx_stereochem_target_val_spec_case     ? 
_refine.solvent_model_param_bsol                 ? 
_refine.solvent_model_param_ksol                 ? 
_refine.occupancy_max                            ? 
_refine.occupancy_min                            ? 
_refine.pdbx_isotropic_thermal_model             ? 
_refine.details                                  'number of unique reflections: 8624. number of the Friedel pairs: 4633.' 
_refine.B_iso_min                                ? 
_refine.B_iso_max                                ? 
_refine.overall_SU_R_Cruickshank_DPI             ? 
_refine.overall_SU_R_free                        ? 
_refine.pdbx_data_cutoff_high_rms_absF           ? 
_refine.pdbx_overall_ESU_R                       ? 
_refine.ls_wR_factor_R_free                      ? 
_refine.ls_wR_factor_R_work                      ? 
_refine.overall_FOM_free_R_set                   ? 
_refine.overall_FOM_work_R_set                   ? 
_refine.pdbx_overall_phase_error                 ? 
_refine.pdbx_refine_id                           'X-RAY DIFFRACTION' 
_refine.pdbx_diffrn_id                           1 
_refine.pdbx_TLS_residual_ADP_flag               ? 
_refine.pdbx_overall_SU_R_free_Cruickshank_DPI   ? 
_refine.pdbx_overall_SU_R_Blow_DPI               ? 
_refine.pdbx_overall_SU_R_free_Blow_DPI          ? 
# 
_refine_hist.pdbx_refine_id                   'X-RAY DIFFRACTION' 
_refine_hist.cycle_id                         LAST 
_refine_hist.pdbx_number_atoms_protein        1243 
_refine_hist.pdbx_number_atoms_nucleic_acid   0 
_refine_hist.pdbx_number_atoms_ligand         1 
_refine_hist.number_atoms_solvent             9 
_refine_hist.number_atoms_total               1253 
_refine_hist.d_res_high                       3.000 
_refine_hist.d_res_low                        20.000 
# 
loop_
_refine_ls_restr.type 
_refine_ls_restr.number 
_refine_ls_restr.dev_ideal 
_refine_ls_restr.dev_ideal_target 
_refine_ls_restr.weight 
_refine_ls_restr.pdbx_refine_id 
_refine_ls_restr.pdbx_restraint_function 
r_bond_refined_d         1275 0.010  0.022  ? 'X-RAY DIFFRACTION' ? 
r_angle_refined_deg      1727 1.384  1.950  ? 'X-RAY DIFFRACTION' ? 
r_dihedral_angle_1_deg   160  6.632  5.000  ? 'X-RAY DIFFRACTION' ? 
r_dihedral_angle_2_deg   58   41.433 25.172 ? 'X-RAY DIFFRACTION' ? 
r_dihedral_angle_3_deg   211  19.331 15.000 ? 'X-RAY DIFFRACTION' ? 
r_dihedral_angle_4_deg   6    15.843 15.000 ? 'X-RAY DIFFRACTION' ? 
r_chiral_restr           190  0.099  0.200  ? 'X-RAY DIFFRACTION' ? 
r_gen_planes_refined     970  0.004  0.020  ? 'X-RAY DIFFRACTION' ? 
r_nbd_refined            607  0.238  0.200  ? 'X-RAY DIFFRACTION' ? 
r_nbtor_refined          881  0.324  0.200  ? 'X-RAY DIFFRACTION' ? 
r_xyhbond_nbd_refined    46   0.177  0.200  ? 'X-RAY DIFFRACTION' ? 
r_symmetry_vdw_refined   33   0.262  0.200  ? 'X-RAY DIFFRACTION' ? 
r_symmetry_hbond_refined 2    0.027  0.200  ? 'X-RAY DIFFRACTION' ? 
r_mcbond_it              809  0.304  1.500  ? 'X-RAY DIFFRACTION' ? 
r_mcangle_it             1279 0.506  2.000  ? 'X-RAY DIFFRACTION' ? 
r_scbond_it              530  0.653  3.000  ? 'X-RAY DIFFRACTION' ? 
r_scangle_it             448  1.142  4.500  ? 'X-RAY DIFFRACTION' ? 
# 
_refine_ls_shell.d_res_high                       3.000 
_refine_ls_shell.d_res_low                        3.076 
_refine_ls_shell.pdbx_total_number_of_bins_used   20 
_refine_ls_shell.percent_reflns_obs               100.000 
_refine_ls_shell.number_reflns_R_work             305 
_refine_ls_shell.R_factor_all                     ? 
_refine_ls_shell.R_factor_R_work                  0.342 
_refine_ls_shell.R_factor_R_free                  0.536 
_refine_ls_shell.percent_reflns_R_free            ? 
_refine_ls_shell.number_reflns_R_free             10 
_refine_ls_shell.R_factor_R_free_error            ? 
_refine_ls_shell.number_reflns_all                ? 
_refine_ls_shell.number_reflns_obs                315 
_refine_ls_shell.redundancy_reflns_obs            ? 
_refine_ls_shell.pdbx_refine_id                   'X-RAY DIFFRACTION' 
# 
_struct.entry_id                  3GGL 
_struct.title                     
;X-Ray Structure of the C-terminal domain (277-440) of Putative chitobiase from Bacteroides thetaiotaomicron. Northeast Structural Genomics Consortium Target BtR324A.
;
_struct.pdbx_model_details        ? 
_struct.pdbx_CASP_flag            N 
_struct.pdbx_model_type_details   ? 
# 
_struct_keywords.entry_id        3GGL 
_struct_keywords.text            
;Structure Genomics, NESG, BtR324A, Q8A9F0_BACTN, Bacteroides thetaiotaomicron, BT_0865, PSI-2, Protein Structure Initiative, Northeast Structural Genomics Consortium, structural genomics, unknown function
;
_struct_keywords.pdbx_keywords   'structural genomics, unknown function' 
# 
loop_
_struct_asym.id 
_struct_asym.pdbx_blank_PDB_chainid_flag 
_struct_asym.pdbx_modified 
_struct_asym.entity_id 
_struct_asym.details 
A N N 1 ? 
B N N 2 ? 
C N N 3 ? 
D N N 4 ? 
# 
_struct_ref.id                         1 
_struct_ref.db_name                    UNP 
_struct_ref.db_code                    Q8A9F0_BACTN 
_struct_ref.pdbx_db_accession          Q8A9F0 
_struct_ref.entity_id                  1 
_struct_ref.pdbx_seq_one_letter_code   
;DTYTGFCIIKEGTKISKSGWEVLSFTTQEASGEGAGNGLAKCLIDGDTETFWHAKWQGGSDPLPYDIVIDMKQNIQIAQV
ELLPRGRGSNNPIKVVEFAASEDNVNWTPIGRFGFTNQDAALEYYVKSIKARYIRLTIPDDGGNSTVAAIRELDVKGTII
N
;
_struct_ref.pdbx_align_begin           280 
_struct_ref.pdbx_db_isoform            ? 
# 
_struct_ref_seq.align_id                      1 
_struct_ref_seq.ref_id                        1 
_struct_ref_seq.pdbx_PDB_id_code              3GGL 
_struct_ref_seq.pdbx_strand_id                A 
_struct_ref_seq.seq_align_beg                 1 
_struct_ref_seq.pdbx_seq_align_beg_ins_code   ? 
_struct_ref_seq.seq_align_end                 161 
_struct_ref_seq.pdbx_seq_align_end_ins_code   ? 
_struct_ref_seq.pdbx_db_accession             Q8A9F0 
_struct_ref_seq.db_align_beg                  280 
_struct_ref_seq.pdbx_db_align_beg_ins_code    ? 
_struct_ref_seq.db_align_end                  440 
_struct_ref_seq.pdbx_db_align_end_ins_code    ? 
_struct_ref_seq.pdbx_auth_seq_align_beg       280 
_struct_ref_seq.pdbx_auth_seq_align_end       440 
# 
loop_
_struct_ref_seq_dif.align_id 
_struct_ref_seq_dif.pdbx_pdb_id_code 
_struct_ref_seq_dif.mon_id 
_struct_ref_seq_dif.pdbx_pdb_strand_id 
_struct_ref_seq_dif.seq_num 
_struct_ref_seq_dif.pdbx_pdb_ins_code 
_struct_ref_seq_dif.pdbx_seq_db_name 
_struct_ref_seq_dif.pdbx_seq_db_accession_code 
_struct_ref_seq_dif.db_mon_id 
_struct_ref_seq_dif.pdbx_seq_db_seq_num 
_struct_ref_seq_dif.details 
_struct_ref_seq_dif.pdbx_auth_seq_num 
_struct_ref_seq_dif.pdbx_ordinal 
1 3GGL LEU A 162 ? UNP Q8A9F0 ? ? 'expression tag' 441 1 
1 3GGL GLU A 163 ? UNP Q8A9F0 ? ? 'expression tag' 442 2 
1 3GGL HIS A 164 ? UNP Q8A9F0 ? ? 'expression tag' 443 3 
1 3GGL HIS A 165 ? UNP Q8A9F0 ? ? 'expression tag' 444 4 
1 3GGL HIS A 166 ? UNP Q8A9F0 ? ? 'expression tag' 445 5 
1 3GGL HIS A 167 ? UNP Q8A9F0 ? ? 'expression tag' 446 6 
1 3GGL HIS A 168 ? UNP Q8A9F0 ? ? 'expression tag' 447 7 
1 3GGL HIS A 169 ? UNP Q8A9F0 ? ? 'expression tag' 448 8 
# 
loop_
_pdbx_struct_assembly.id 
_pdbx_struct_assembly.details 
_pdbx_struct_assembly.method_details 
_pdbx_struct_assembly.oligomeric_details 
_pdbx_struct_assembly.oligomeric_count 
1 author_defined_assembly   ?    monomeric 1 
2 software_defined_assembly PISA dimeric   2 
# 
loop_
_pdbx_struct_assembly_prop.biol_id 
_pdbx_struct_assembly_prop.type 
_pdbx_struct_assembly_prop.value 
_pdbx_struct_assembly_prop.details 
2 'ABSA (A^2)' 2160  ? 
2 MORE         -12   ? 
2 'SSA (A^2)'  14520 ? 
# 
loop_
_pdbx_struct_assembly_gen.assembly_id 
_pdbx_struct_assembly_gen.oper_expression 
_pdbx_struct_assembly_gen.asym_id_list 
1 1   A,B,C,D 
2 1,2 A,B,C,D 
# 
loop_
_pdbx_struct_oper_list.id 
_pdbx_struct_oper_list.type 
_pdbx_struct_oper_list.name 
_pdbx_struct_oper_list.symmetry_operation 
_pdbx_struct_oper_list.matrix[1][1] 
_pdbx_struct_oper_list.matrix[1][2] 
_pdbx_struct_oper_list.matrix[1][3] 
_pdbx_struct_oper_list.vector[1] 
_pdbx_struct_oper_list.matrix[2][1] 
_pdbx_struct_oper_list.matrix[2][2] 
_pdbx_struct_oper_list.matrix[2][3] 
_pdbx_struct_oper_list.vector[2] 
_pdbx_struct_oper_list.matrix[3][1] 
_pdbx_struct_oper_list.matrix[3][2] 
_pdbx_struct_oper_list.matrix[3][3] 
_pdbx_struct_oper_list.vector[3] 
1 'identity operation'         1_555 x,y,z  1.0000000000  0.0000000000 0.0000000000 0.0000000000   0.0000000000 1.0000000000  0.0000000000 0.0000000000  0.0000000000 0.0000000000 1.0000000000 0.0000000000  
2 'crystal symmetry operation' 4_555 y,x,-z -0.9791879171 0.0266764505 0.2011949054 -30.0601411436 0.0266764505 -0.9658067377 0.2578870147 29.4446964560 0.2011949054 0.2578870147 0.9449946548 -0.7945819341 
# 
_struct_biol.id        1 
_struct_biol.details   monomer 
# 
_struct_conf.conf_type_id            HELX_P 
_struct_conf.id                      HELX_P1 
_struct_conf.pdbx_PDB_helix_id       1 
_struct_conf.beg_label_comp_id       LEU 
_struct_conf.beg_label_asym_id       A 
_struct_conf.beg_label_seq_id        39 
_struct_conf.pdbx_beg_PDB_ins_code   ? 
_struct_conf.end_label_comp_id       ASP 
_struct_conf.end_label_asym_id       A 
_struct_conf.end_label_seq_id        45 
_struct_conf.pdbx_end_PDB_ins_code   ? 
_struct_conf.beg_auth_comp_id        LEU 
_struct_conf.beg_auth_asym_id        A 
_struct_conf.beg_auth_seq_id         318 
_struct_conf.end_auth_comp_id        ASP 
_struct_conf.end_auth_asym_id        A 
_struct_conf.end_auth_seq_id         324 
_struct_conf.pdbx_PDB_helix_class    5 
_struct_conf.details                 ? 
_struct_conf.pdbx_PDB_helix_length   7 
# 
_struct_conf_type.id          HELX_P 
_struct_conf_type.criteria    ? 
_struct_conf_type.reference   ? 
# 
loop_
_struct_conn.id 
_struct_conn.conn_type_id 
_struct_conn.pdbx_leaving_atom_flag 
_struct_conn.pdbx_PDB_id 
_struct_conn.ptnr1_label_asym_id 
_struct_conn.ptnr1_label_comp_id 
_struct_conn.ptnr1_label_seq_id 
_struct_conn.ptnr1_label_atom_id 
_struct_conn.pdbx_ptnr1_label_alt_id 
_struct_conn.pdbx_ptnr1_PDB_ins_code 
_struct_conn.pdbx_ptnr1_standard_comp_id 
_struct_conn.ptnr1_symmetry 
_struct_conn.ptnr2_label_asym_id 
_struct_conn.ptnr2_label_comp_id 
_struct_conn.ptnr2_label_seq_id 
_struct_conn.ptnr2_label_atom_id 
_struct_conn.pdbx_ptnr2_label_alt_id 
_struct_conn.pdbx_ptnr2_PDB_ins_code 
_struct_conn.ptnr1_auth_asym_id 
_struct_conn.ptnr1_auth_comp_id 
_struct_conn.ptnr1_auth_seq_id 
_struct_conn.ptnr2_auth_asym_id 
_struct_conn.ptnr2_auth_comp_id 
_struct_conn.ptnr2_auth_seq_id 
_struct_conn.ptnr2_symmetry 
_struct_conn.pdbx_ptnr3_label_atom_id 
_struct_conn.pdbx_ptnr3_label_seq_id 
_struct_conn.pdbx_ptnr3_label_comp_id 
_struct_conn.pdbx_ptnr3_label_asym_id 
_struct_conn.pdbx_ptnr3_label_alt_id 
_struct_conn.pdbx_ptnr3_PDB_ins_code 
_struct_conn.details 
_struct_conn.pdbx_dist_value 
_struct_conn.pdbx_value_order 
_struct_conn.pdbx_role 
covale1 covale both ? A ASP 70 C  ? ? ? 1_555 A MSE 71 N   ? ? A ASP 349 A MSE 350 1_555 ? ? ? ? ? ? ? 1.323 ? ? 
covale2 covale both ? A MSE 71 C  ? ? ? 1_555 A LYS 72 N   ? ? A MSE 350 A LYS 351 1_555 ? ? ? ? ? ? ? 1.320 ? ? 
metalc1 metalc ?    ? B ZN  .  ZN ? ? ? 1_555 A ASP 47 O   ? ? A ZN  1   A ASP 326 1_555 ? ? ? ? ? ? ? 2.067 ? ? 
metalc2 metalc ?    ? B ZN  .  ZN ? ? ? 1_555 A THR 50 O   ? ? A ZN  1   A THR 329 1_555 ? ? ? ? ? ? ? 2.394 ? ? 
metalc3 metalc ?    ? B ZN  .  ZN ? ? ? 1_555 A THR 50 OG1 ? ? A ZN  1   A THR 329 1_555 ? ? ? ? ? ? ? 2.321 ? ? 
# 
loop_
_struct_conn_type.id 
_struct_conn_type.criteria 
_struct_conn_type.reference 
covale ? ? 
metalc ? ? 
# 
loop_
_pdbx_struct_conn_angle.id 
_pdbx_struct_conn_angle.ptnr1_label_atom_id 
_pdbx_struct_conn_angle.ptnr1_label_alt_id 
_pdbx_struct_conn_angle.ptnr1_label_asym_id 
_pdbx_struct_conn_angle.ptnr1_label_comp_id 
_pdbx_struct_conn_angle.ptnr1_label_seq_id 
_pdbx_struct_conn_angle.ptnr1_auth_atom_id 
_pdbx_struct_conn_angle.ptnr1_auth_asym_id 
_pdbx_struct_conn_angle.ptnr1_auth_comp_id 
_pdbx_struct_conn_angle.ptnr1_auth_seq_id 
_pdbx_struct_conn_angle.ptnr1_PDB_ins_code 
_pdbx_struct_conn_angle.ptnr1_symmetry 
_pdbx_struct_conn_angle.ptnr2_label_atom_id 
_pdbx_struct_conn_angle.ptnr2_label_alt_id 
_pdbx_struct_conn_angle.ptnr2_label_asym_id 
_pdbx_struct_conn_angle.ptnr2_label_comp_id 
_pdbx_struct_conn_angle.ptnr2_label_seq_id 
_pdbx_struct_conn_angle.ptnr2_auth_atom_id 
_pdbx_struct_conn_angle.ptnr2_auth_asym_id 
_pdbx_struct_conn_angle.ptnr2_auth_comp_id 
_pdbx_struct_conn_angle.ptnr2_auth_seq_id 
_pdbx_struct_conn_angle.ptnr2_PDB_ins_code 
_pdbx_struct_conn_angle.ptnr2_symmetry 
_pdbx_struct_conn_angle.ptnr3_label_atom_id 
_pdbx_struct_conn_angle.ptnr3_label_alt_id 
_pdbx_struct_conn_angle.ptnr3_label_asym_id 
_pdbx_struct_conn_angle.ptnr3_label_comp_id 
_pdbx_struct_conn_angle.ptnr3_label_seq_id 
_pdbx_struct_conn_angle.ptnr3_auth_atom_id 
_pdbx_struct_conn_angle.ptnr3_auth_asym_id 
_pdbx_struct_conn_angle.ptnr3_auth_comp_id 
_pdbx_struct_conn_angle.ptnr3_auth_seq_id 
_pdbx_struct_conn_angle.ptnr3_PDB_ins_code 
_pdbx_struct_conn_angle.ptnr3_symmetry 
_pdbx_struct_conn_angle.value 
_pdbx_struct_conn_angle.value_esd 
1 O ? A ASP 47 ? A ASP 326 ? 1_555 ZN ? B ZN . ? A ZN 1 ? 1_555 O   ? A THR 50 ? A THR 329 ? 1_555 90.7 ? 
2 O ? A ASP 47 ? A ASP 326 ? 1_555 ZN ? B ZN . ? A ZN 1 ? 1_555 OG1 ? A THR 50 ? A THR 329 ? 1_555 84.7 ? 
3 O ? A THR 50 ? A THR 329 ? 1_555 ZN ? B ZN . ? A ZN 1 ? 1_555 OG1 ? A THR 50 ? A THR 329 ? 1_555 77.2 ? 
# 
_pdbx_modification_feature.ordinal                            1 
_pdbx_modification_feature.label_comp_id                      MSE 
_pdbx_modification_feature.label_asym_id                      A 
_pdbx_modification_feature.label_seq_id                       71 
_pdbx_modification_feature.label_alt_id                       ? 
_pdbx_modification_feature.modified_residue_label_comp_id     . 
_pdbx_modification_feature.modified_residue_label_asym_id     . 
_pdbx_modification_feature.modified_residue_label_seq_id      . 
_pdbx_modification_feature.modified_residue_label_alt_id      . 
_pdbx_modification_feature.auth_comp_id                       MSE 
_pdbx_modification_feature.auth_asym_id                       A 
_pdbx_modification_feature.auth_seq_id                        350 
_pdbx_modification_feature.PDB_ins_code                       ? 
_pdbx_modification_feature.symmetry                           1_555 
_pdbx_modification_feature.modified_residue_auth_comp_id      . 
_pdbx_modification_feature.modified_residue_auth_asym_id      . 
_pdbx_modification_feature.modified_residue_auth_seq_id       . 
_pdbx_modification_feature.modified_residue_PDB_ins_code      . 
_pdbx_modification_feature.modified_residue_symmetry          . 
_pdbx_modification_feature.comp_id_linking_atom               . 
_pdbx_modification_feature.modified_residue_id_linking_atom   . 
_pdbx_modification_feature.modified_residue_id                MET 
_pdbx_modification_feature.ref_pcm_id                         1 
_pdbx_modification_feature.ref_comp_id                        MSE 
_pdbx_modification_feature.type                               Selenomethionine 
_pdbx_modification_feature.category                           'Named protein modification' 
# 
_struct_mon_prot_cis.pdbx_id                1 
_struct_mon_prot_cis.label_comp_id          LEU 
_struct_mon_prot_cis.label_seq_id           63 
_struct_mon_prot_cis.label_asym_id          A 
_struct_mon_prot_cis.label_alt_id           . 
_struct_mon_prot_cis.pdbx_PDB_ins_code      ? 
_struct_mon_prot_cis.auth_comp_id           LEU 
_struct_mon_prot_cis.auth_seq_id            342 
_struct_mon_prot_cis.auth_asym_id           A 
_struct_mon_prot_cis.pdbx_label_comp_id_2   PRO 
_struct_mon_prot_cis.pdbx_label_seq_id_2    64 
_struct_mon_prot_cis.pdbx_label_asym_id_2   A 
_struct_mon_prot_cis.pdbx_PDB_ins_code_2    ? 
_struct_mon_prot_cis.pdbx_auth_comp_id_2    PRO 
_struct_mon_prot_cis.pdbx_auth_seq_id_2     343 
_struct_mon_prot_cis.pdbx_auth_asym_id_2    A 
_struct_mon_prot_cis.pdbx_PDB_model_num     1 
_struct_mon_prot_cis.pdbx_omega_angle       -2.78 
# 
loop_
_struct_site.id 
_struct_site.pdbx_evidence_code 
_struct_site.pdbx_auth_asym_id 
_struct_site.pdbx_auth_comp_id 
_struct_site.pdbx_auth_seq_id 
_struct_site.pdbx_auth_ins_code 
_struct_site.pdbx_num_residues 
_struct_site.details 
AC1 Software A ZN  1   ? 6 'BINDING SITE FOR RESIDUE ZN A 1'    
AC2 Software A PEG 449 ? 3 'BINDING SITE FOR RESIDUE PEG A 449' 
# 
loop_
_struct_site_gen.id 
_struct_site_gen.site_id 
_struct_site_gen.pdbx_num_res 
_struct_site_gen.label_comp_id 
_struct_site_gen.label_asym_id 
_struct_site_gen.label_seq_id 
_struct_site_gen.pdbx_auth_ins_code 
_struct_site_gen.auth_comp_id 
_struct_site_gen.auth_asym_id 
_struct_site_gen.auth_seq_id 
_struct_site_gen.label_atom_id 
_struct_site_gen.label_alt_id 
_struct_site_gen.symmetry 
_struct_site_gen.details 
1 AC1 6 CYS A 42  ? CYS A 321 . ? 1_555 ? 
2 AC1 6 ASP A 45  ? ASP A 324 . ? 1_555 ? 
3 AC1 6 ASP A 47  ? ASP A 326 . ? 1_555 ? 
4 AC1 6 THR A 50  ? THR A 329 . ? 1_555 ? 
5 AC1 6 ARG A 151 ? ARG A 430 . ? 1_555 ? 
6 AC1 6 GLU A 152 ? GLU A 431 . ? 1_555 ? 
7 AC2 3 GLU A 81  ? GLU A 360 . ? 1_555 ? 
8 AC2 3 GLU A 123 ? GLU A 402 . ? 1_555 ? 
9 AC2 3 LYS A 156 ? LYS A 435 . ? 1_555 ? 
# 
_pdbx_entry_details.entry_id                   3GGL 
_pdbx_entry_details.compound_details           ? 
_pdbx_entry_details.source_details             ? 
_pdbx_entry_details.nonpolymer_details         ? 
_pdbx_entry_details.sequence_details           ? 
_pdbx_entry_details.has_ligand_of_interest     ? 
_pdbx_entry_details.has_protein_modification   Y 
# 
_pdbx_validate_close_contact.id               1 
_pdbx_validate_close_contact.PDB_model_num    1 
_pdbx_validate_close_contact.auth_atom_id_1   OG 
_pdbx_validate_close_contact.auth_asym_id_1   A 
_pdbx_validate_close_contact.auth_comp_id_1   SER 
_pdbx_validate_close_contact.auth_seq_id_1    380 
_pdbx_validate_close_contact.PDB_ins_code_1   ? 
_pdbx_validate_close_contact.label_alt_id_1   ? 
_pdbx_validate_close_contact.auth_atom_id_2   O 
_pdbx_validate_close_contact.auth_asym_id_2   A 
_pdbx_validate_close_contact.auth_comp_id_2   ASP 
_pdbx_validate_close_contact.auth_seq_id_2    382 
_pdbx_validate_close_contact.PDB_ins_code_2   ? 
_pdbx_validate_close_contact.label_alt_id_2   ? 
_pdbx_validate_close_contact.dist             2.10 
# 
loop_
_pdbx_validate_torsion.id 
_pdbx_validate_torsion.PDB_model_num 
_pdbx_validate_torsion.auth_comp_id 
_pdbx_validate_torsion.auth_asym_id 
_pdbx_validate_torsion.auth_seq_id 
_pdbx_validate_torsion.PDB_ins_code 
_pdbx_validate_torsion.label_alt_id 
_pdbx_validate_torsion.phi 
_pdbx_validate_torsion.psi 
1  1 CYS A 286 ? ? 177.76  142.15  
2  1 LYS A 289 ? ? -63.63  -175.21 
3  1 GLU A 300 ? ? -167.18 113.32  
4  1 SER A 303 ? ? 177.57  149.27  
5  1 SER A 310 ? ? -154.81 -76.27  
6  1 GLU A 312 ? ? -63.92  -112.33 
7  1 PRO A 371 ? ? -78.60  36.12   
8  1 ASN A 383 ? ? -65.69  0.87    
9  1 ASN A 396 ? ? -82.85  35.95   
10 1 ASP A 419 ? ? -97.70  31.10   
11 1 ASP A 420 ? ? -152.51 23.84   
12 1 ILE A 439 ? ? -114.78 61.27   
# 
_pdbx_SG_project.id                    1 
_pdbx_SG_project.project_name          'PSI, Protein Structure Initiative' 
_pdbx_SG_project.full_name_of_center   'Northeast Structural Genomics Consortium' 
_pdbx_SG_project.initial_of_center     NESG 
# 
_pdbx_struct_mod_residue.id               1 
_pdbx_struct_mod_residue.label_asym_id    A 
_pdbx_struct_mod_residue.label_comp_id    MSE 
_pdbx_struct_mod_residue.label_seq_id     71 
_pdbx_struct_mod_residue.auth_asym_id     A 
_pdbx_struct_mod_residue.auth_comp_id     MSE 
_pdbx_struct_mod_residue.auth_seq_id      350 
_pdbx_struct_mod_residue.PDB_ins_code     ? 
_pdbx_struct_mod_residue.parent_comp_id   MET 
_pdbx_struct_mod_residue.details          SELENOMETHIONINE 
# 
loop_
_pdbx_unobs_or_zero_occ_residues.id 
_pdbx_unobs_or_zero_occ_residues.PDB_model_num 
_pdbx_unobs_or_zero_occ_residues.polymer_flag 
_pdbx_unobs_or_zero_occ_residues.occupancy_flag 
_pdbx_unobs_or_zero_occ_residues.auth_asym_id 
_pdbx_unobs_or_zero_occ_residues.auth_comp_id 
_pdbx_unobs_or_zero_occ_residues.auth_seq_id 
_pdbx_unobs_or_zero_occ_residues.PDB_ins_code 
_pdbx_unobs_or_zero_occ_residues.label_asym_id 
_pdbx_unobs_or_zero_occ_residues.label_comp_id 
_pdbx_unobs_or_zero_occ_residues.label_seq_id 
1 1 Y 1 A LEU 441 ? A LEU 162 
2 1 Y 1 A GLU 442 ? A GLU 163 
3 1 Y 1 A HIS 443 ? A HIS 164 
4 1 Y 1 A HIS 444 ? A HIS 165 
5 1 Y 1 A HIS 445 ? A HIS 166 
6 1 Y 1 A HIS 446 ? A HIS 167 
7 1 Y 1 A HIS 447 ? A HIS 168 
8 1 Y 1 A HIS 448 ? A HIS 169 
# 
loop_
_chem_comp_atom.comp_id 
_chem_comp_atom.atom_id 
_chem_comp_atom.type_symbol 
_chem_comp_atom.pdbx_aromatic_flag 
_chem_comp_atom.pdbx_stereo_config 
_chem_comp_atom.pdbx_ordinal 
ALA N    N  N N 1   
ALA CA   C  N S 2   
ALA C    C  N N 3   
ALA O    O  N N 4   
ALA CB   C  N N 5   
ALA OXT  O  N N 6   
ALA H    H  N N 7   
ALA H2   H  N N 8   
ALA HA   H  N N 9   
ALA HB1  H  N N 10  
ALA HB2  H  N N 11  
ALA HB3  H  N N 12  
ALA HXT  H  N N 13  
ARG N    N  N N 14  
ARG CA   C  N S 15  
ARG C    C  N N 16  
ARG O    O  N N 17  
ARG CB   C  N N 18  
ARG CG   C  N N 19  
ARG CD   C  N N 20  
ARG NE   N  N N 21  
ARG CZ   C  N N 22  
ARG NH1  N  N N 23  
ARG NH2  N  N N 24  
ARG OXT  O  N N 25  
ARG H    H  N N 26  
ARG H2   H  N N 27  
ARG HA   H  N N 28  
ARG HB2  H  N N 29  
ARG HB3  H  N N 30  
ARG HG2  H  N N 31  
ARG HG3  H  N N 32  
ARG HD2  H  N N 33  
ARG HD3  H  N N 34  
ARG HE   H  N N 35  
ARG HH11 H  N N 36  
ARG HH12 H  N N 37  
ARG HH21 H  N N 38  
ARG HH22 H  N N 39  
ARG HXT  H  N N 40  
ASN N    N  N N 41  
ASN CA   C  N S 42  
ASN C    C  N N 43  
ASN O    O  N N 44  
ASN CB   C  N N 45  
ASN CG   C  N N 46  
ASN OD1  O  N N 47  
ASN ND2  N  N N 48  
ASN OXT  O  N N 49  
ASN H    H  N N 50  
ASN H2   H  N N 51  
ASN HA   H  N N 52  
ASN HB2  H  N N 53  
ASN HB3  H  N N 54  
ASN HD21 H  N N 55  
ASN HD22 H  N N 56  
ASN HXT  H  N N 57  
ASP N    N  N N 58  
ASP CA   C  N S 59  
ASP C    C  N N 60  
ASP O    O  N N 61  
ASP CB   C  N N 62  
ASP CG   C  N N 63  
ASP OD1  O  N N 64  
ASP OD2  O  N N 65  
ASP OXT  O  N N 66  
ASP H    H  N N 67  
ASP H2   H  N N 68  
ASP HA   H  N N 69  
ASP HB2  H  N N 70  
ASP HB3  H  N N 71  
ASP HD2  H  N N 72  
ASP HXT  H  N N 73  
CYS N    N  N N 74  
CYS CA   C  N R 75  
CYS C    C  N N 76  
CYS O    O  N N 77  
CYS CB   C  N N 78  
CYS SG   S  N N 79  
CYS OXT  O  N N 80  
CYS H    H  N N 81  
CYS H2   H  N N 82  
CYS HA   H  N N 83  
CYS HB2  H  N N 84  
CYS HB3  H  N N 85  
CYS HG   H  N N 86  
CYS HXT  H  N N 87  
GLN N    N  N N 88  
GLN CA   C  N S 89  
GLN C    C  N N 90  
GLN O    O  N N 91  
GLN CB   C  N N 92  
GLN CG   C  N N 93  
GLN CD   C  N N 94  
GLN OE1  O  N N 95  
GLN NE2  N  N N 96  
GLN OXT  O  N N 97  
GLN H    H  N N 98  
GLN H2   H  N N 99  
GLN HA   H  N N 100 
GLN HB2  H  N N 101 
GLN HB3  H  N N 102 
GLN HG2  H  N N 103 
GLN HG3  H  N N 104 
GLN HE21 H  N N 105 
GLN HE22 H  N N 106 
GLN HXT  H  N N 107 
GLU N    N  N N 108 
GLU CA   C  N S 109 
GLU C    C  N N 110 
GLU O    O  N N 111 
GLU CB   C  N N 112 
GLU CG   C  N N 113 
GLU CD   C  N N 114 
GLU OE1  O  N N 115 
GLU OE2  O  N N 116 
GLU OXT  O  N N 117 
GLU H    H  N N 118 
GLU H2   H  N N 119 
GLU HA   H  N N 120 
GLU HB2  H  N N 121 
GLU HB3  H  N N 122 
GLU HG2  H  N N 123 
GLU HG3  H  N N 124 
GLU HE2  H  N N 125 
GLU HXT  H  N N 126 
GLY N    N  N N 127 
GLY CA   C  N N 128 
GLY C    C  N N 129 
GLY O    O  N N 130 
GLY OXT  O  N N 131 
GLY H    H  N N 132 
GLY H2   H  N N 133 
GLY HA2  H  N N 134 
GLY HA3  H  N N 135 
GLY HXT  H  N N 136 
HIS N    N  N N 137 
HIS CA   C  N S 138 
HIS C    C  N N 139 
HIS O    O  N N 140 
HIS CB   C  N N 141 
HIS CG   C  Y N 142 
HIS ND1  N  Y N 143 
HIS CD2  C  Y N 144 
HIS CE1  C  Y N 145 
HIS NE2  N  Y N 146 
HIS OXT  O  N N 147 
HIS H    H  N N 148 
HIS H2   H  N N 149 
HIS HA   H  N N 150 
HIS HB2  H  N N 151 
HIS HB3  H  N N 152 
HIS HD1  H  N N 153 
HIS HD2  H  N N 154 
HIS HE1  H  N N 155 
HIS HE2  H  N N 156 
HIS HXT  H  N N 157 
HOH O    O  N N 158 
HOH H1   H  N N 159 
HOH H2   H  N N 160 
ILE N    N  N N 161 
ILE CA   C  N S 162 
ILE C    C  N N 163 
ILE O    O  N N 164 
ILE CB   C  N S 165 
ILE CG1  C  N N 166 
ILE CG2  C  N N 167 
ILE CD1  C  N N 168 
ILE OXT  O  N N 169 
ILE H    H  N N 170 
ILE H2   H  N N 171 
ILE HA   H  N N 172 
ILE HB   H  N N 173 
ILE HG12 H  N N 174 
ILE HG13 H  N N 175 
ILE HG21 H  N N 176 
ILE HG22 H  N N 177 
ILE HG23 H  N N 178 
ILE HD11 H  N N 179 
ILE HD12 H  N N 180 
ILE HD13 H  N N 181 
ILE HXT  H  N N 182 
LEU N    N  N N 183 
LEU CA   C  N S 184 
LEU C    C  N N 185 
LEU O    O  N N 186 
LEU CB   C  N N 187 
LEU CG   C  N N 188 
LEU CD1  C  N N 189 
LEU CD2  C  N N 190 
LEU OXT  O  N N 191 
LEU H    H  N N 192 
LEU H2   H  N N 193 
LEU HA   H  N N 194 
LEU HB2  H  N N 195 
LEU HB3  H  N N 196 
LEU HG   H  N N 197 
LEU HD11 H  N N 198 
LEU HD12 H  N N 199 
LEU HD13 H  N N 200 
LEU HD21 H  N N 201 
LEU HD22 H  N N 202 
LEU HD23 H  N N 203 
LEU HXT  H  N N 204 
LYS N    N  N N 205 
LYS CA   C  N S 206 
LYS C    C  N N 207 
LYS O    O  N N 208 
LYS CB   C  N N 209 
LYS CG   C  N N 210 
LYS CD   C  N N 211 
LYS CE   C  N N 212 
LYS NZ   N  N N 213 
LYS OXT  O  N N 214 
LYS H    H  N N 215 
LYS H2   H  N N 216 
LYS HA   H  N N 217 
LYS HB2  H  N N 218 
LYS HB3  H  N N 219 
LYS HG2  H  N N 220 
LYS HG3  H  N N 221 
LYS HD2  H  N N 222 
LYS HD3  H  N N 223 
LYS HE2  H  N N 224 
LYS HE3  H  N N 225 
LYS HZ1  H  N N 226 
LYS HZ2  H  N N 227 
LYS HZ3  H  N N 228 
LYS HXT  H  N N 229 
MSE N    N  N N 230 
MSE CA   C  N S 231 
MSE C    C  N N 232 
MSE O    O  N N 233 
MSE OXT  O  N N 234 
MSE CB   C  N N 235 
MSE CG   C  N N 236 
MSE SE   SE N N 237 
MSE CE   C  N N 238 
MSE H    H  N N 239 
MSE H2   H  N N 240 
MSE HA   H  N N 241 
MSE HXT  H  N N 242 
MSE HB2  H  N N 243 
MSE HB3  H  N N 244 
MSE HG2  H  N N 245 
MSE HG3  H  N N 246 
MSE HE1  H  N N 247 
MSE HE2  H  N N 248 
MSE HE3  H  N N 249 
PEG C1   C  N N 250 
PEG O1   O  N N 251 
PEG C2   C  N N 252 
PEG O2   O  N N 253 
PEG C3   C  N N 254 
PEG C4   C  N N 255 
PEG O4   O  N N 256 
PEG H11  H  N N 257 
PEG H12  H  N N 258 
PEG HO1  H  N N 259 
PEG H21  H  N N 260 
PEG H22  H  N N 261 
PEG H31  H  N N 262 
PEG H32  H  N N 263 
PEG H41  H  N N 264 
PEG H42  H  N N 265 
PEG HO4  H  N N 266 
PHE N    N  N N 267 
PHE CA   C  N S 268 
PHE C    C  N N 269 
PHE O    O  N N 270 
PHE CB   C  N N 271 
PHE CG   C  Y N 272 
PHE CD1  C  Y N 273 
PHE CD2  C  Y N 274 
PHE CE1  C  Y N 275 
PHE CE2  C  Y N 276 
PHE CZ   C  Y N 277 
PHE OXT  O  N N 278 
PHE H    H  N N 279 
PHE H2   H  N N 280 
PHE HA   H  N N 281 
PHE HB2  H  N N 282 
PHE HB3  H  N N 283 
PHE HD1  H  N N 284 
PHE HD2  H  N N 285 
PHE HE1  H  N N 286 
PHE HE2  H  N N 287 
PHE HZ   H  N N 288 
PHE HXT  H  N N 289 
PRO N    N  N N 290 
PRO CA   C  N S 291 
PRO C    C  N N 292 
PRO O    O  N N 293 
PRO CB   C  N N 294 
PRO CG   C  N N 295 
PRO CD   C  N N 296 
PRO OXT  O  N N 297 
PRO H    H  N N 298 
PRO HA   H  N N 299 
PRO HB2  H  N N 300 
PRO HB3  H  N N 301 
PRO HG2  H  N N 302 
PRO HG3  H  N N 303 
PRO HD2  H  N N 304 
PRO HD3  H  N N 305 
PRO HXT  H  N N 306 
SER N    N  N N 307 
SER CA   C  N S 308 
SER C    C  N N 309 
SER O    O  N N 310 
SER CB   C  N N 311 
SER OG   O  N N 312 
SER OXT  O  N N 313 
SER H    H  N N 314 
SER H2   H  N N 315 
SER HA   H  N N 316 
SER HB2  H  N N 317 
SER HB3  H  N N 318 
SER HG   H  N N 319 
SER HXT  H  N N 320 
THR N    N  N N 321 
THR CA   C  N S 322 
THR C    C  N N 323 
THR O    O  N N 324 
THR CB   C  N R 325 
THR OG1  O  N N 326 
THR CG2  C  N N 327 
THR OXT  O  N N 328 
THR H    H  N N 329 
THR H2   H  N N 330 
THR HA   H  N N 331 
THR HB   H  N N 332 
THR HG1  H  N N 333 
THR HG21 H  N N 334 
THR HG22 H  N N 335 
THR HG23 H  N N 336 
THR HXT  H  N N 337 
TRP N    N  N N 338 
TRP CA   C  N S 339 
TRP C    C  N N 340 
TRP O    O  N N 341 
TRP CB   C  N N 342 
TRP CG   C  Y N 343 
TRP CD1  C  Y N 344 
TRP CD2  C  Y N 345 
TRP NE1  N  Y N 346 
TRP CE2  C  Y N 347 
TRP CE3  C  Y N 348 
TRP CZ2  C  Y N 349 
TRP CZ3  C  Y N 350 
TRP CH2  C  Y N 351 
TRP OXT  O  N N 352 
TRP H    H  N N 353 
TRP H2   H  N N 354 
TRP HA   H  N N 355 
TRP HB2  H  N N 356 
TRP HB3  H  N N 357 
TRP HD1  H  N N 358 
TRP HE1  H  N N 359 
TRP HE3  H  N N 360 
TRP HZ2  H  N N 361 
TRP HZ3  H  N N 362 
TRP HH2  H  N N 363 
TRP HXT  H  N N 364 
TYR N    N  N N 365 
TYR CA   C  N S 366 
TYR C    C  N N 367 
TYR O    O  N N 368 
TYR CB   C  N N 369 
TYR CG   C  Y N 370 
TYR CD1  C  Y N 371 
TYR CD2  C  Y N 372 
TYR CE1  C  Y N 373 
TYR CE2  C  Y N 374 
TYR CZ   C  Y N 375 
TYR OH   O  N N 376 
TYR OXT  O  N N 377 
TYR H    H  N N 378 
TYR H2   H  N N 379 
TYR HA   H  N N 380 
TYR HB2  H  N N 381 
TYR HB3  H  N N 382 
TYR HD1  H  N N 383 
TYR HD2  H  N N 384 
TYR HE1  H  N N 385 
TYR HE2  H  N N 386 
TYR HH   H  N N 387 
TYR HXT  H  N N 388 
VAL N    N  N N 389 
VAL CA   C  N S 390 
VAL C    C  N N 391 
VAL O    O  N N 392 
VAL CB   C  N N 393 
VAL CG1  C  N N 394 
VAL CG2  C  N N 395 
VAL OXT  O  N N 396 
VAL H    H  N N 397 
VAL H2   H  N N 398 
VAL HA   H  N N 399 
VAL HB   H  N N 400 
VAL HG11 H  N N 401 
VAL HG12 H  N N 402 
VAL HG13 H  N N 403 
VAL HG21 H  N N 404 
VAL HG22 H  N N 405 
VAL HG23 H  N N 406 
VAL HXT  H  N N 407 
ZN  ZN   ZN N N 408 
# 
loop_
_chem_comp_bond.comp_id 
_chem_comp_bond.atom_id_1 
_chem_comp_bond.atom_id_2 
_chem_comp_bond.value_order 
_chem_comp_bond.pdbx_aromatic_flag 
_chem_comp_bond.pdbx_stereo_config 
_chem_comp_bond.pdbx_ordinal 
ALA N   CA   sing N N 1   
ALA N   H    sing N N 2   
ALA N   H2   sing N N 3   
ALA CA  C    sing N N 4   
ALA CA  CB   sing N N 5   
ALA CA  HA   sing N N 6   
ALA C   O    doub N N 7   
ALA C   OXT  sing N N 8   
ALA CB  HB1  sing N N 9   
ALA CB  HB2  sing N N 10  
ALA CB  HB3  sing N N 11  
ALA OXT HXT  sing N N 12  
ARG N   CA   sing N N 13  
ARG N   H    sing N N 14  
ARG N   H2   sing N N 15  
ARG CA  C    sing N N 16  
ARG CA  CB   sing N N 17  
ARG CA  HA   sing N N 18  
ARG C   O    doub N N 19  
ARG C   OXT  sing N N 20  
ARG CB  CG   sing N N 21  
ARG CB  HB2  sing N N 22  
ARG CB  HB3  sing N N 23  
ARG CG  CD   sing N N 24  
ARG CG  HG2  sing N N 25  
ARG CG  HG3  sing N N 26  
ARG CD  NE   sing N N 27  
ARG CD  HD2  sing N N 28  
ARG CD  HD3  sing N N 29  
ARG NE  CZ   sing N N 30  
ARG NE  HE   sing N N 31  
ARG CZ  NH1  sing N N 32  
ARG CZ  NH2  doub N N 33  
ARG NH1 HH11 sing N N 34  
ARG NH1 HH12 sing N N 35  
ARG NH2 HH21 sing N N 36  
ARG NH2 HH22 sing N N 37  
ARG OXT HXT  sing N N 38  
ASN N   CA   sing N N 39  
ASN N   H    sing N N 40  
ASN N   H2   sing N N 41  
ASN CA  C    sing N N 42  
ASN CA  CB   sing N N 43  
ASN CA  HA   sing N N 44  
ASN C   O    doub N N 45  
ASN C   OXT  sing N N 46  
ASN CB  CG   sing N N 47  
ASN CB  HB2  sing N N 48  
ASN CB  HB3  sing N N 49  
ASN CG  OD1  doub N N 50  
ASN CG  ND2  sing N N 51  
ASN ND2 HD21 sing N N 52  
ASN ND2 HD22 sing N N 53  
ASN OXT HXT  sing N N 54  
ASP N   CA   sing N N 55  
ASP N   H    sing N N 56  
ASP N   H2   sing N N 57  
ASP CA  C    sing N N 58  
ASP CA  CB   sing N N 59  
ASP CA  HA   sing N N 60  
ASP C   O    doub N N 61  
ASP C   OXT  sing N N 62  
ASP CB  CG   sing N N 63  
ASP CB  HB2  sing N N 64  
ASP CB  HB3  sing N N 65  
ASP CG  OD1  doub N N 66  
ASP CG  OD2  sing N N 67  
ASP OD2 HD2  sing N N 68  
ASP OXT HXT  sing N N 69  
CYS N   CA   sing N N 70  
CYS N   H    sing N N 71  
CYS N   H2   sing N N 72  
CYS CA  C    sing N N 73  
CYS CA  CB   sing N N 74  
CYS CA  HA   sing N N 75  
CYS C   O    doub N N 76  
CYS C   OXT  sing N N 77  
CYS CB  SG   sing N N 78  
CYS CB  HB2  sing N N 79  
CYS CB  HB3  sing N N 80  
CYS SG  HG   sing N N 81  
CYS OXT HXT  sing N N 82  
GLN N   CA   sing N N 83  
GLN N   H    sing N N 84  
GLN N   H2   sing N N 85  
GLN CA  C    sing N N 86  
GLN CA  CB   sing N N 87  
GLN CA  HA   sing N N 88  
GLN C   O    doub N N 89  
GLN C   OXT  sing N N 90  
GLN CB  CG   sing N N 91  
GLN CB  HB2  sing N N 92  
GLN CB  HB3  sing N N 93  
GLN CG  CD   sing N N 94  
GLN CG  HG2  sing N N 95  
GLN CG  HG3  sing N N 96  
GLN CD  OE1  doub N N 97  
GLN CD  NE2  sing N N 98  
GLN NE2 HE21 sing N N 99  
GLN NE2 HE22 sing N N 100 
GLN OXT HXT  sing N N 101 
GLU N   CA   sing N N 102 
GLU N   H    sing N N 103 
GLU N   H2   sing N N 104 
GLU CA  C    sing N N 105 
GLU CA  CB   sing N N 106 
GLU CA  HA   sing N N 107 
GLU C   O    doub N N 108 
GLU C   OXT  sing N N 109 
GLU CB  CG   sing N N 110 
GLU CB  HB2  sing N N 111 
GLU CB  HB3  sing N N 112 
GLU CG  CD   sing N N 113 
GLU CG  HG2  sing N N 114 
GLU CG  HG3  sing N N 115 
GLU CD  OE1  doub N N 116 
GLU CD  OE2  sing N N 117 
GLU OE2 HE2  sing N N 118 
GLU OXT HXT  sing N N 119 
GLY N   CA   sing N N 120 
GLY N   H    sing N N 121 
GLY N   H2   sing N N 122 
GLY CA  C    sing N N 123 
GLY CA  HA2  sing N N 124 
GLY CA  HA3  sing N N 125 
GLY C   O    doub N N 126 
GLY C   OXT  sing N N 127 
GLY OXT HXT  sing N N 128 
HIS N   CA   sing N N 129 
HIS N   H    sing N N 130 
HIS N   H2   sing N N 131 
HIS CA  C    sing N N 132 
HIS CA  CB   sing N N 133 
HIS CA  HA   sing N N 134 
HIS C   O    doub N N 135 
HIS C   OXT  sing N N 136 
HIS CB  CG   sing N N 137 
HIS CB  HB2  sing N N 138 
HIS CB  HB3  sing N N 139 
HIS CG  ND1  sing Y N 140 
HIS CG  CD2  doub Y N 141 
HIS ND1 CE1  doub Y N 142 
HIS ND1 HD1  sing N N 143 
HIS CD2 NE2  sing Y N 144 
HIS CD2 HD2  sing N N 145 
HIS CE1 NE2  sing Y N 146 
HIS CE1 HE1  sing N N 147 
HIS NE2 HE2  sing N N 148 
HIS OXT HXT  sing N N 149 
HOH O   H1   sing N N 150 
HOH O   H2   sing N N 151 
ILE N   CA   sing N N 152 
ILE N   H    sing N N 153 
ILE N   H2   sing N N 154 
ILE CA  C    sing N N 155 
ILE CA  CB   sing N N 156 
ILE CA  HA   sing N N 157 
ILE C   O    doub N N 158 
ILE C   OXT  sing N N 159 
ILE CB  CG1  sing N N 160 
ILE CB  CG2  sing N N 161 
ILE CB  HB   sing N N 162 
ILE CG1 CD1  sing N N 163 
ILE CG1 HG12 sing N N 164 
ILE CG1 HG13 sing N N 165 
ILE CG2 HG21 sing N N 166 
ILE CG2 HG22 sing N N 167 
ILE CG2 HG23 sing N N 168 
ILE CD1 HD11 sing N N 169 
ILE CD1 HD12 sing N N 170 
ILE CD1 HD13 sing N N 171 
ILE OXT HXT  sing N N 172 
LEU N   CA   sing N N 173 
LEU N   H    sing N N 174 
LEU N   H2   sing N N 175 
LEU CA  C    sing N N 176 
LEU CA  CB   sing N N 177 
LEU CA  HA   sing N N 178 
LEU C   O    doub N N 179 
LEU C   OXT  sing N N 180 
LEU CB  CG   sing N N 181 
LEU CB  HB2  sing N N 182 
LEU CB  HB3  sing N N 183 
LEU CG  CD1  sing N N 184 
LEU CG  CD2  sing N N 185 
LEU CG  HG   sing N N 186 
LEU CD1 HD11 sing N N 187 
LEU CD1 HD12 sing N N 188 
LEU CD1 HD13 sing N N 189 
LEU CD2 HD21 sing N N 190 
LEU CD2 HD22 sing N N 191 
LEU CD2 HD23 sing N N 192 
LEU OXT HXT  sing N N 193 
LYS N   CA   sing N N 194 
LYS N   H    sing N N 195 
LYS N   H2   sing N N 196 
LYS CA  C    sing N N 197 
LYS CA  CB   sing N N 198 
LYS CA  HA   sing N N 199 
LYS C   O    doub N N 200 
LYS C   OXT  sing N N 201 
LYS CB  CG   sing N N 202 
LYS CB  HB2  sing N N 203 
LYS CB  HB3  sing N N 204 
LYS CG  CD   sing N N 205 
LYS CG  HG2  sing N N 206 
LYS CG  HG3  sing N N 207 
LYS CD  CE   sing N N 208 
LYS CD  HD2  sing N N 209 
LYS CD  HD3  sing N N 210 
LYS CE  NZ   sing N N 211 
LYS CE  HE2  sing N N 212 
LYS CE  HE3  sing N N 213 
LYS NZ  HZ1  sing N N 214 
LYS NZ  HZ2  sing N N 215 
LYS NZ  HZ3  sing N N 216 
LYS OXT HXT  sing N N 217 
MSE N   CA   sing N N 218 
MSE N   H    sing N N 219 
MSE N   H2   sing N N 220 
MSE CA  C    sing N N 221 
MSE CA  CB   sing N N 222 
MSE CA  HA   sing N N 223 
MSE C   O    doub N N 224 
MSE C   OXT  sing N N 225 
MSE OXT HXT  sing N N 226 
MSE CB  CG   sing N N 227 
MSE CB  HB2  sing N N 228 
MSE CB  HB3  sing N N 229 
MSE CG  SE   sing N N 230 
MSE CG  HG2  sing N N 231 
MSE CG  HG3  sing N N 232 
MSE SE  CE   sing N N 233 
MSE CE  HE1  sing N N 234 
MSE CE  HE2  sing N N 235 
MSE CE  HE3  sing N N 236 
PEG C1  O1   sing N N 237 
PEG C1  C2   sing N N 238 
PEG C1  H11  sing N N 239 
PEG C1  H12  sing N N 240 
PEG O1  HO1  sing N N 241 
PEG C2  O2   sing N N 242 
PEG C2  H21  sing N N 243 
PEG C2  H22  sing N N 244 
PEG O2  C3   sing N N 245 
PEG C3  C4   sing N N 246 
PEG C3  H31  sing N N 247 
PEG C3  H32  sing N N 248 
PEG C4  O4   sing N N 249 
PEG C4  H41  sing N N 250 
PEG C4  H42  sing N N 251 
PEG O4  HO4  sing N N 252 
PHE N   CA   sing N N 253 
PHE N   H    sing N N 254 
PHE N   H2   sing N N 255 
PHE CA  C    sing N N 256 
PHE CA  CB   sing N N 257 
PHE CA  HA   sing N N 258 
PHE C   O    doub N N 259 
PHE C   OXT  sing N N 260 
PHE CB  CG   sing N N 261 
PHE CB  HB2  sing N N 262 
PHE CB  HB3  sing N N 263 
PHE CG  CD1  doub Y N 264 
PHE CG  CD2  sing Y N 265 
PHE CD1 CE1  sing Y N 266 
PHE CD1 HD1  sing N N 267 
PHE CD2 CE2  doub Y N 268 
PHE CD2 HD2  sing N N 269 
PHE CE1 CZ   doub Y N 270 
PHE CE1 HE1  sing N N 271 
PHE CE2 CZ   sing Y N 272 
PHE CE2 HE2  sing N N 273 
PHE CZ  HZ   sing N N 274 
PHE OXT HXT  sing N N 275 
PRO N   CA   sing N N 276 
PRO N   CD   sing N N 277 
PRO N   H    sing N N 278 
PRO CA  C    sing N N 279 
PRO CA  CB   sing N N 280 
PRO CA  HA   sing N N 281 
PRO C   O    doub N N 282 
PRO C   OXT  sing N N 283 
PRO CB  CG   sing N N 284 
PRO CB  HB2  sing N N 285 
PRO CB  HB3  sing N N 286 
PRO CG  CD   sing N N 287 
PRO CG  HG2  sing N N 288 
PRO CG  HG3  sing N N 289 
PRO CD  HD2  sing N N 290 
PRO CD  HD3  sing N N 291 
PRO OXT HXT  sing N N 292 
SER N   CA   sing N N 293 
SER N   H    sing N N 294 
SER N   H2   sing N N 295 
SER CA  C    sing N N 296 
SER CA  CB   sing N N 297 
SER CA  HA   sing N N 298 
SER C   O    doub N N 299 
SER C   OXT  sing N N 300 
SER CB  OG   sing N N 301 
SER CB  HB2  sing N N 302 
SER CB  HB3  sing N N 303 
SER OG  HG   sing N N 304 
SER OXT HXT  sing N N 305 
THR N   CA   sing N N 306 
THR N   H    sing N N 307 
THR N   H2   sing N N 308 
THR CA  C    sing N N 309 
THR CA  CB   sing N N 310 
THR CA  HA   sing N N 311 
THR C   O    doub N N 312 
THR C   OXT  sing N N 313 
THR CB  OG1  sing N N 314 
THR CB  CG2  sing N N 315 
THR CB  HB   sing N N 316 
THR OG1 HG1  sing N N 317 
THR CG2 HG21 sing N N 318 
THR CG2 HG22 sing N N 319 
THR CG2 HG23 sing N N 320 
THR OXT HXT  sing N N 321 
TRP N   CA   sing N N 322 
TRP N   H    sing N N 323 
TRP N   H2   sing N N 324 
TRP CA  C    sing N N 325 
TRP CA  CB   sing N N 326 
TRP CA  HA   sing N N 327 
TRP C   O    doub N N 328 
TRP C   OXT  sing N N 329 
TRP CB  CG   sing N N 330 
TRP CB  HB2  sing N N 331 
TRP CB  HB3  sing N N 332 
TRP CG  CD1  doub Y N 333 
TRP CG  CD2  sing Y N 334 
TRP CD1 NE1  sing Y N 335 
TRP CD1 HD1  sing N N 336 
TRP CD2 CE2  doub Y N 337 
TRP CD2 CE3  sing Y N 338 
TRP NE1 CE2  sing Y N 339 
TRP NE1 HE1  sing N N 340 
TRP CE2 CZ2  sing Y N 341 
TRP CE3 CZ3  doub Y N 342 
TRP CE3 HE3  sing N N 343 
TRP CZ2 CH2  doub Y N 344 
TRP CZ2 HZ2  sing N N 345 
TRP CZ3 CH2  sing Y N 346 
TRP CZ3 HZ3  sing N N 347 
TRP CH2 HH2  sing N N 348 
TRP OXT HXT  sing N N 349 
TYR N   CA   sing N N 350 
TYR N   H    sing N N 351 
TYR N   H2   sing N N 352 
TYR CA  C    sing N N 353 
TYR CA  CB   sing N N 354 
TYR CA  HA   sing N N 355 
TYR C   O    doub N N 356 
TYR C   OXT  sing N N 357 
TYR CB  CG   sing N N 358 
TYR CB  HB2  sing N N 359 
TYR CB  HB3  sing N N 360 
TYR CG  CD1  doub Y N 361 
TYR CG  CD2  sing Y N 362 
TYR CD1 CE1  sing Y N 363 
TYR CD1 HD1  sing N N 364 
TYR CD2 CE2  doub Y N 365 
TYR CD2 HD2  sing N N 366 
TYR CE1 CZ   doub Y N 367 
TYR CE1 HE1  sing N N 368 
TYR CE2 CZ   sing Y N 369 
TYR CE2 HE2  sing N N 370 
TYR CZ  OH   sing N N 371 
TYR OH  HH   sing N N 372 
TYR OXT HXT  sing N N 373 
VAL N   CA   sing N N 374 
VAL N   H    sing N N 375 
VAL N   H2   sing N N 376 
VAL CA  C    sing N N 377 
VAL CA  CB   sing N N 378 
VAL CA  HA   sing N N 379 
VAL C   O    doub N N 380 
VAL C   OXT  sing N N 381 
VAL CB  CG1  sing N N 382 
VAL CB  CG2  sing N N 383 
VAL CB  HB   sing N N 384 
VAL CG1 HG11 sing N N 385 
VAL CG1 HG12 sing N N 386 
VAL CG1 HG13 sing N N 387 
VAL CG2 HG21 sing N N 388 
VAL CG2 HG22 sing N N 389 
VAL CG2 HG23 sing N N 390 
VAL OXT HXT  sing N N 391 
# 
_pdbx_initial_refinement_model.id               1 
_pdbx_initial_refinement_model.entity_id_list   ? 
_pdbx_initial_refinement_model.type             'experimental model' 
_pdbx_initial_refinement_model.source_name      PDB 
_pdbx_initial_refinement_model.accession_code   3F2Z 
_pdbx_initial_refinement_model.details          ? 
# 
_atom_sites.entry_id                    3GGL 
_atom_sites.fract_transf_matrix[1][1]   -0.00463261 
_atom_sites.fract_transf_matrix[1][2]   0.00473519 
_atom_sites.fract_transf_matrix[1][3]   0.01152600 
_atom_sites.fract_transf_matrix[2][1]   0.00698144 
_atom_sites.fract_transf_matrix[2][2]   -0.00172444 
_atom_sites.fract_transf_matrix[2][3]   0.01118107 
_atom_sites.fract_transf_matrix[3][1]   0.00933057 
_atom_sites.fract_transf_matrix[3][2]   0.01694737 
_atom_sites.fract_transf_matrix[3][3]   -0.00321223 
_atom_sites.fract_transf_vector[1]      -0.450398 
_atom_sites.fract_transf_vector[2]      -0.180874 
_atom_sites.fract_transf_vector[3]      -0.110542 
# 
loop_
_atom_type.symbol 
C  
N  
O  
S  
SE 
ZN 
# 
loop_
_atom_site.group_PDB 
_atom_site.id 
_atom_site.type_symbol 
_atom_site.label_atom_id 
_atom_site.label_alt_id 
_atom_site.label_comp_id 
_atom_site.label_asym_id 
_atom_site.label_entity_id 
_atom_site.label_seq_id 
_atom_site.pdbx_PDB_ins_code 
_atom_site.Cartn_x 
_atom_site.Cartn_y 
_atom_site.Cartn_z 
_atom_site.occupancy 
_atom_site.B_iso_or_equiv 
_atom_site.pdbx_formal_charge 
_atom_site.auth_seq_id 
_atom_site.auth_comp_id 
_atom_site.auth_asym_id 
_atom_site.auth_atom_id 
_atom_site.pdbx_PDB_model_num 
ATOM   1    N  N   . ASP A 1 1   ? -28.049 6.401   4.016   1.00 65.39 ? 280 ASP A N   1 
ATOM   2    C  CA  . ASP A 1 1   ? -26.908 5.614   3.471   1.00 65.49 ? 280 ASP A CA  1 
ATOM   3    C  C   . ASP A 1 1   ? -25.983 6.506   2.637   1.00 65.38 ? 280 ASP A C   1 
ATOM   4    O  O   . ASP A 1 1   ? -26.450 7.434   1.985   1.00 65.46 ? 280 ASP A O   1 
ATOM   5    C  CB  . ASP A 1 1   ? -27.429 4.465   2.610   1.00 65.58 ? 280 ASP A CB  1 
ATOM   6    C  CG  . ASP A 1 1   ? -26.505 3.258   2.634   1.00 66.16 ? 280 ASP A CG  1 
ATOM   7    O  OD1 . ASP A 1 1   ? -26.566 2.496   3.624   1.00 66.81 ? 280 ASP A OD1 1 
ATOM   8    O  OD2 . ASP A 1 1   ? -25.726 3.061   1.671   1.00 66.05 ? 280 ASP A OD2 1 
ATOM   9    N  N   . THR A 1 2   ? -24.684 6.206   2.644   1.00 65.22 ? 281 THR A N   1 
ATOM   10   C  CA  . THR A 1 2   ? -23.669 7.061   1.995   1.00 64.99 ? 281 THR A CA  1 
ATOM   11   C  C   . THR A 1 2   ? -23.624 6.950   0.460   1.00 64.90 ? 281 THR A C   1 
ATOM   12   O  O   . THR A 1 2   ? -24.307 6.112   -0.128  1.00 64.74 ? 281 THR A O   1 
ATOM   13   C  CB  . THR A 1 2   ? -22.238 6.830   2.572   1.00 64.94 ? 281 THR A CB  1 
ATOM   14   O  OG1 . THR A 1 2   ? -21.570 5.819   1.816   1.00 64.58 ? 281 THR A OG1 1 
ATOM   15   C  CG2 . THR A 1 2   ? -22.277 6.433   4.057   1.00 65.15 ? 281 THR A CG2 1 
ATOM   16   N  N   . TYR A 1 3   ? -22.816 7.815   -0.165  1.00 64.96 ? 282 TYR A N   1 
ATOM   17   C  CA  . TYR A 1 3   ? -22.660 7.900   -1.631  1.00 64.95 ? 282 TYR A CA  1 
ATOM   18   C  C   . TYR A 1 3   ? -21.319 8.518   -2.011  1.00 65.01 ? 282 TYR A C   1 
ATOM   19   O  O   . TYR A 1 3   ? -20.614 9.055   -1.158  1.00 64.98 ? 282 TYR A O   1 
ATOM   20   C  CB  . TYR A 1 3   ? -23.793 8.720   -2.261  1.00 64.91 ? 282 TYR A CB  1 
ATOM   21   C  CG  . TYR A 1 3   ? -23.771 10.199  -1.922  1.00 64.89 ? 282 TYR A CG  1 
ATOM   22   C  CD1 . TYR A 1 3   ? -22.930 11.085  -2.610  1.00 65.20 ? 282 TYR A CD1 1 
ATOM   23   C  CD2 . TYR A 1 3   ? -24.600 10.716  -0.929  1.00 64.34 ? 282 TYR A CD2 1 
ATOM   24   C  CE1 . TYR A 1 3   ? -22.909 12.444  -2.303  1.00 65.07 ? 282 TYR A CE1 1 
ATOM   25   C  CE2 . TYR A 1 3   ? -24.588 12.072  -0.618  1.00 64.51 ? 282 TYR A CE2 1 
ATOM   26   C  CZ  . TYR A 1 3   ? -23.744 12.931  -1.308  1.00 64.83 ? 282 TYR A CZ  1 
ATOM   27   O  OH  . TYR A 1 3   ? -23.738 14.276  -1.008  1.00 64.73 ? 282 TYR A OH  1 
ATOM   28   N  N   . THR A 1 4   ? -20.978 8.467   -3.296  1.00 65.21 ? 283 THR A N   1 
ATOM   29   C  CA  . THR A 1 4   ? -19.701 9.013   -3.762  1.00 65.51 ? 283 THR A CA  1 
ATOM   30   C  C   . THR A 1 4   ? -19.891 10.315  -4.532  1.00 65.69 ? 283 THR A C   1 
ATOM   31   O  O   . THR A 1 4   ? -20.485 10.337  -5.614  1.00 65.73 ? 283 THR A O   1 
ATOM   32   C  CB  . THR A 1 4   ? -18.856 7.977   -4.564  1.00 65.57 ? 283 THR A CB  1 
ATOM   33   O  OG1 . THR A 1 4   ? -17.666 8.603   -5.052  1.00 65.39 ? 283 THR A OG1 1 
ATOM   34   C  CG2 . THR A 1 4   ? -19.644 7.376   -5.751  1.00 66.16 ? 283 THR A CG2 1 
ATOM   35   N  N   . GLY A 1 5   ? -19.393 11.405  -3.955  1.00 65.93 ? 284 GLY A N   1 
ATOM   36   C  CA  . GLY A 1 5   ? -19.606 12.741  -4.504  1.00 66.21 ? 284 GLY A CA  1 
ATOM   37   C  C   . GLY A 1 5   ? -18.341 13.565  -4.567  1.00 66.45 ? 284 GLY A C   1 
ATOM   38   O  O   . GLY A 1 5   ? -17.280 13.118  -4.144  1.00 66.47 ? 284 GLY A O   1 
ATOM   39   N  N   . PHE A 1 6   ? -18.451 14.776  -5.099  1.00 67.03 ? 285 PHE A N   1 
ATOM   40   C  CA  . PHE A 1 6   ? -17.294 15.674  -5.173  1.00 67.59 ? 285 PHE A CA  1 
ATOM   41   C  C   . PHE A 1 6   ? -16.957 16.251  -3.810  1.00 67.91 ? 285 PHE A C   1 
ATOM   42   O  O   . PHE A 1 6   ? -17.647 15.997  -2.819  1.00 68.22 ? 285 PHE A O   1 
ATOM   43   C  CB  . PHE A 1 6   ? -17.502 16.806  -6.188  1.00 67.48 ? 285 PHE A CB  1 
ATOM   44   C  CG  . PHE A 1 6   ? -17.468 16.355  -7.615  1.00 67.34 ? 285 PHE A CG  1 
ATOM   45   C  CD1 . PHE A 1 6   ? -16.512 15.449  -8.054  1.00 67.19 ? 285 PHE A CD1 1 
ATOM   46   C  CD2 . PHE A 1 6   ? -18.390 16.851  -8.531  1.00 67.90 ? 285 PHE A CD2 1 
ATOM   47   C  CE1 . PHE A 1 6   ? -16.488 15.039  -9.380  1.00 67.46 ? 285 PHE A CE1 1 
ATOM   48   C  CE2 . PHE A 1 6   ? -18.371 16.449  -9.864  1.00 67.90 ? 285 PHE A CE2 1 
ATOM   49   C  CZ  . PHE A 1 6   ? -17.417 15.539  -10.286 1.00 67.64 ? 285 PHE A CZ  1 
ATOM   50   N  N   . CYS A 1 7   ? -15.893 17.032  -3.757  1.00 68.19 ? 286 CYS A N   1 
ATOM   51   C  CA  . CYS A 1 7   ? -15.354 17.435  -2.488  1.00 68.24 ? 286 CYS A CA  1 
ATOM   52   C  C   . CYS A 1 7   ? -14.126 18.266  -2.738  1.00 68.21 ? 286 CYS A C   1 
ATOM   53   O  O   . CYS A 1 7   ? -13.368 17.974  -3.659  1.00 68.11 ? 286 CYS A O   1 
ATOM   54   C  CB  . CYS A 1 7   ? -14.945 16.179  -1.737  1.00 68.19 ? 286 CYS A CB  1 
ATOM   55   S  SG  . CYS A 1 7   ? -14.981 16.325  0.027   1.00 68.83 ? 286 CYS A SG  1 
ATOM   56   N  N   . ILE A 1 8   ? -13.914 19.308  -1.940  1.00 68.28 ? 287 ILE A N   1 
ATOM   57   C  CA  . ILE A 1 8   ? -12.583 19.887  -1.933  1.00 68.55 ? 287 ILE A CA  1 
ATOM   58   C  C   . ILE A 1 8   ? -11.807 19.105  -0.910  1.00 68.79 ? 287 ILE A C   1 
ATOM   59   O  O   . ILE A 1 8   ? -12.387 18.484  -0.029  1.00 68.84 ? 287 ILE A O   1 
ATOM   60   C  CB  . ILE A 1 8   ? -12.512 21.417  -1.649  1.00 68.41 ? 287 ILE A CB  1 
ATOM   61   C  CG1 . ILE A 1 8   ? -12.482 21.735  -0.145  1.00 68.52 ? 287 ILE A CG1 1 
ATOM   62   C  CG2 . ILE A 1 8   ? -13.554 22.187  -2.455  1.00 67.90 ? 287 ILE A CG2 1 
ATOM   63   C  CD1 . ILE A 1 8   ? -13.200 20.734  0.777   1.00 68.81 ? 287 ILE A CD1 1 
ATOM   64   N  N   . ILE A 1 9   ? -10.497 19.124  -1.036  1.00 69.17 ? 288 ILE A N   1 
ATOM   65   C  CA  . ILE A 1 9   ? -9.659  18.383  -0.129  1.00 69.49 ? 288 ILE A CA  1 
ATOM   66   C  C   . ILE A 1 9   ? -8.388  19.187  -0.026  1.00 70.02 ? 288 ILE A C   1 
ATOM   67   O  O   . ILE A 1 9   ? -7.823  19.575  -1.045  1.00 70.09 ? 288 ILE A O   1 
ATOM   68   C  CB  . ILE A 1 9   ? -9.368  16.964  -0.678  1.00 69.26 ? 288 ILE A CB  1 
ATOM   69   C  CG1 . ILE A 1 9   ? -10.670 16.253  -1.045  1.00 68.56 ? 288 ILE A CG1 1 
ATOM   70   C  CG2 . ILE A 1 9   ? -8.623  16.141  0.346   1.00 69.11 ? 288 ILE A CG2 1 
ATOM   71   C  CD1 . ILE A 1 9   ? -10.485 15.076  -1.943  1.00 67.23 ? 288 ILE A CD1 1 
ATOM   72   N  N   . LYS A 1 10  ? -7.953  19.478  1.196   1.00 70.68 ? 289 LYS A N   1 
ATOM   73   C  CA  . LYS A 1 10  ? -6.668  20.139  1.368   1.00 71.58 ? 289 LYS A CA  1 
ATOM   74   C  C   . LYS A 1 10  ? -5.656  19.145  0.834   1.00 71.88 ? 289 LYS A C   1 
ATOM   75   O  O   . LYS A 1 10  ? -6.030  18.113  0.294   1.00 72.03 ? 289 LYS A O   1 
ATOM   76   C  CB  . LYS A 1 10  ? -6.405  20.478  2.838   1.00 71.59 ? 289 LYS A CB  1 
ATOM   77   C  CG  . LYS A 1 10  ? -5.281  21.502  3.065   1.00 72.06 ? 289 LYS A CG  1 
ATOM   78   C  CD  . LYS A 1 10  ? -4.773  21.497  4.522   1.00 72.63 ? 289 LYS A CD  1 
ATOM   79   C  CE  . LYS A 1 10  ? -3.791  20.336  4.814   1.00 73.23 ? 289 LYS A CE  1 
ATOM   80   N  NZ  . LYS A 1 10  ? -2.385  20.649  4.405   1.00 73.14 ? 289 LYS A NZ  1 
ATOM   81   N  N   . GLU A 1 11  ? -4.377  19.441  0.952   1.00 72.26 ? 290 GLU A N   1 
ATOM   82   C  CA  . GLU A 1 11  ? -3.410  18.423  0.652   1.00 72.72 ? 290 GLU A CA  1 
ATOM   83   C  C   . GLU A 1 11  ? -2.863  18.021  1.998   1.00 72.78 ? 290 GLU A C   1 
ATOM   84   O  O   . GLU A 1 11  ? -1.951  18.647  2.529   1.00 73.00 ? 290 GLU A O   1 
ATOM   85   C  CB  . GLU A 1 11  ? -2.333  18.951  -0.289  1.00 72.96 ? 290 GLU A CB  1 
ATOM   86   C  CG  . GLU A 1 11  ? -1.748  17.892  -1.215  1.00 73.85 ? 290 GLU A CG  1 
ATOM   87   C  CD  . GLU A 1 11  ? -0.852  16.897  -0.483  1.00 75.66 ? 290 GLU A CD  1 
ATOM   88   O  OE1 . GLU A 1 11  ? -0.891  16.819  0.768   1.00 75.83 ? 290 GLU A OE1 1 
ATOM   89   O  OE2 . GLU A 1 11  ? -0.102  16.175  -1.166  1.00 76.94 ? 290 GLU A OE2 1 
ATOM   90   N  N   . GLY A 1 12  ? -3.462  16.989  2.575   1.00 72.77 ? 291 GLY A N   1 
ATOM   91   C  CA  . GLY A 1 12  ? -3.123  16.587  3.937   1.00 72.48 ? 291 GLY A CA  1 
ATOM   92   C  C   . GLY A 1 12  ? -1.655  16.251  4.097   1.00 71.97 ? 291 GLY A C   1 
ATOM   93   O  O   . GLY A 1 12  ? -1.004  15.819  3.141   1.00 71.89 ? 291 GLY A O   1 
ATOM   94   N  N   . THR A 1 13  ? -1.138  16.462  5.307   1.00 71.29 ? 292 THR A N   1 
ATOM   95   C  CA  . THR A 1 13  ? 0.231   16.080  5.638   1.00 70.61 ? 292 THR A CA  1 
ATOM   96   C  C   . THR A 1 13  ? 0.308   14.588  5.948   1.00 70.04 ? 292 THR A C   1 
ATOM   97   O  O   . THR A 1 13  ? -0.717  13.943  6.137   1.00 69.93 ? 292 THR A O   1 
ATOM   98   C  CB  . THR A 1 13  ? 0.765   16.888  6.825   1.00 70.65 ? 292 THR A CB  1 
ATOM   99   O  OG1 . THR A 1 13  ? 2.063   16.400  7.176   1.00 70.77 ? 292 THR A OG1 1 
ATOM   100  C  CG2 . THR A 1 13  ? -0.168  16.786  8.028   1.00 70.30 ? 292 THR A CG2 1 
ATOM   101  N  N   . LYS A 1 14  ? 1.516   14.038  6.002   1.00 69.44 ? 293 LYS A N   1 
ATOM   102  C  CA  . LYS A 1 14  ? 1.676   12.593  6.277   1.00 68.96 ? 293 LYS A CA  1 
ATOM   103  C  C   . LYS A 1 14  ? 1.227   12.190  7.683   1.00 68.52 ? 293 LYS A C   1 
ATOM   104  O  O   . LYS A 1 14  ? 0.937   13.040  8.521   1.00 68.76 ? 293 LYS A O   1 
ATOM   105  C  CB  . LYS A 1 14  ? 3.127   12.149  6.072   1.00 68.95 ? 293 LYS A CB  1 
ATOM   106  C  CG  . LYS A 1 14  ? 3.442   11.623  4.693   1.00 68.74 ? 293 LYS A CG  1 
ATOM   107  C  CD  . LYS A 1 14  ? 4.762   10.899  4.717   1.00 68.86 ? 293 LYS A CD  1 
ATOM   108  C  CE  . LYS A 1 14  ? 5.668   11.377  3.611   1.00 68.88 ? 293 LYS A CE  1 
ATOM   109  N  NZ  . LYS A 1 14  ? 7.036   11.551  4.169   1.00 69.56 ? 293 LYS A NZ  1 
ATOM   110  N  N   . ILE A 1 15  ? 1.188   10.888  7.936   1.00 67.81 ? 294 ILE A N   1 
ATOM   111  C  CA  . ILE A 1 15  ? 0.841   10.362  9.247   1.00 67.26 ? 294 ILE A CA  1 
ATOM   112  C  C   . ILE A 1 15  ? 2.025   9.578   9.806   1.00 67.25 ? 294 ILE A C   1 
ATOM   113  O  O   . ILE A 1 15  ? 2.798   8.995   9.047   1.00 67.32 ? 294 ILE A O   1 
ATOM   114  C  CB  . ILE A 1 15  ? -0.388  9.440   9.149   1.00 67.05 ? 294 ILE A CB  1 
ATOM   115  C  CG1 . ILE A 1 15  ? -1.581  10.192  8.557   1.00 66.45 ? 294 ILE A CG1 1 
ATOM   116  C  CG2 . ILE A 1 15  ? -0.747  8.855   10.501  1.00 67.19 ? 294 ILE A CG2 1 
ATOM   117  C  CD1 . ILE A 1 15  ? -2.339  11.055  9.530   1.00 66.36 ? 294 ILE A CD1 1 
ATOM   118  N  N   . SER A 1 16  ? 2.174   9.576   11.130  1.00 67.10 ? 295 SER A N   1 
ATOM   119  C  CA  . SER A 1 16  ? 3.185   8.748   11.773  1.00 66.92 ? 295 SER A CA  1 
ATOM   120  C  C   . SER A 1 16  ? 2.756   7.289   11.734  1.00 66.78 ? 295 SER A C   1 
ATOM   121  O  O   . SER A 1 16  ? 1.718   6.921   12.301  1.00 66.87 ? 295 SER A O   1 
ATOM   122  C  CB  . SER A 1 16  ? 3.405   9.174   13.214  1.00 66.96 ? 295 SER A CB  1 
ATOM   123  O  OG  . SER A 1 16  ? 4.126   8.175   13.907  1.00 67.50 ? 295 SER A OG  1 
ATOM   124  N  N   . LYS A 1 17  ? 3.558   6.466   11.063  1.00 66.39 ? 296 LYS A N   1 
ATOM   125  C  CA  . LYS A 1 17  ? 3.265   5.050   10.933  1.00 65.95 ? 296 LYS A CA  1 
ATOM   126  C  C   . LYS A 1 17  ? 3.776   4.261   12.143  1.00 66.21 ? 296 LYS A C   1 
ATOM   127  O  O   . LYS A 1 17  ? 3.902   3.037   12.077  1.00 66.28 ? 296 LYS A O   1 
ATOM   128  C  CB  . LYS A 1 17  ? 3.895   4.502   9.654   1.00 66.00 ? 296 LYS A CB  1 
ATOM   129  C  CG  . LYS A 1 17  ? 3.206   4.904   8.355   1.00 65.53 ? 296 LYS A CG  1 
ATOM   130  C  CD  . LYS A 1 17  ? 3.937   4.330   7.148   1.00 65.12 ? 296 LYS A CD  1 
ATOM   131  C  CE  . LYS A 1 17  ? 5.270   5.029   6.920   1.00 64.33 ? 296 LYS A CE  1 
ATOM   132  N  NZ  . LYS A 1 17  ? 6.284   4.162   6.281   1.00 63.26 ? 296 LYS A NZ  1 
ATOM   133  N  N   . SER A 1 18  ? 4.065   4.958   13.245  1.00 66.23 ? 297 SER A N   1 
ATOM   134  C  CA  . SER A 1 18  ? 4.630   4.328   14.446  1.00 66.24 ? 297 SER A CA  1 
ATOM   135  C  C   . SER A 1 18  ? 3.753   3.229   15.046  1.00 66.16 ? 297 SER A C   1 
ATOM   136  O  O   . SER A 1 18  ? 4.218   2.108   15.271  1.00 66.06 ? 297 SER A O   1 
ATOM   137  C  CB  . SER A 1 18  ? 4.953   5.376   15.513  1.00 66.28 ? 297 SER A CB  1 
ATOM   138  O  OG  . SER A 1 18  ? 6.217   5.963   15.271  1.00 66.66 ? 297 SER A OG  1 
ATOM   139  N  N   . GLY A 1 19  ? 2.488   3.556   15.297  1.00 66.13 ? 298 GLY A N   1 
ATOM   140  C  CA  . GLY A 1 19  ? 1.554   2.610   15.903  1.00 66.16 ? 298 GLY A CA  1 
ATOM   141  C  C   . GLY A 1 19  ? 1.129   1.464   14.997  1.00 66.11 ? 298 GLY A C   1 
ATOM   142  O  O   . GLY A 1 19  ? 0.667   0.431   15.477  1.00 66.21 ? 298 GLY A O   1 
ATOM   143  N  N   . TRP A 1 20  ? 1.318   1.642   13.693  1.00 66.01 ? 299 TRP A N   1 
ATOM   144  C  CA  . TRP A 1 20  ? 0.760   0.753   12.668  1.00 65.82 ? 299 TRP A CA  1 
ATOM   145  C  C   . TRP A 1 20  ? 1.222   -0.695  12.740  1.00 65.91 ? 299 TRP A C   1 
ATOM   146  O  O   . TRP A 1 20  ? 2.202   -1.024  13.418  1.00 65.81 ? 299 TRP A O   1 
ATOM   147  C  CB  . TRP A 1 20  ? 1.036   1.324   11.281  1.00 65.52 ? 299 TRP A CB  1 
ATOM   148  C  CG  . TRP A 1 20  ? 0.309   2.594   11.014  1.00 65.15 ? 299 TRP A CG  1 
ATOM   149  C  CD1 . TRP A 1 20  ? -0.289  3.410   11.932  1.00 65.14 ? 299 TRP A CD1 1 
ATOM   150  C  CD2 . TRP A 1 20  ? 0.127   3.218   9.744   1.00 65.16 ? 299 TRP A CD2 1 
ATOM   151  N  NE1 . TRP A 1 20  ? -0.848  4.491   11.312  1.00 65.28 ? 299 TRP A NE1 1 
ATOM   152  C  CE2 . TRP A 1 20  ? -0.611  4.400   9.965   1.00 65.46 ? 299 TRP A CE2 1 
ATOM   153  C  CE3 . TRP A 1 20  ? 0.497   2.885   8.436   1.00 64.94 ? 299 TRP A CE3 1 
ATOM   154  C  CZ2 . TRP A 1 20  ? -0.977  5.260   8.925   1.00 65.04 ? 299 TRP A CZ2 1 
ATOM   155  C  CZ3 . TRP A 1 20  ? 0.134   3.733   7.408   1.00 65.14 ? 299 TRP A CZ3 1 
ATOM   156  C  CH2 . TRP A 1 20  ? -0.594  4.912   7.658   1.00 65.16 ? 299 TRP A CH2 1 
ATOM   157  N  N   . GLU A 1 21  ? 0.487   -1.545  12.023  1.00 66.07 ? 300 GLU A N   1 
ATOM   158  C  CA  . GLU A 1 21  ? 0.674   -2.989  12.029  1.00 66.33 ? 300 GLU A CA  1 
ATOM   159  C  C   . GLU A 1 21  ? -0.108  -3.616  10.874  1.00 66.31 ? 300 GLU A C   1 
ATOM   160  O  O   . GLU A 1 21  ? -1.351  -3.576  10.863  1.00 66.48 ? 300 GLU A O   1 
ATOM   161  C  CB  . GLU A 1 21  ? 0.184   -3.575  13.358  1.00 66.18 ? 300 GLU A CB  1 
ATOM   162  C  CG  . GLU A 1 21  ? 0.133   -5.095  13.382  1.00 66.56 ? 300 GLU A CG  1 
ATOM   163  C  CD  . GLU A 1 21  ? -0.697  -5.656  14.526  1.00 66.88 ? 300 GLU A CD  1 
ATOM   164  O  OE1 . GLU A 1 21  ? -1.583  -4.942  15.051  1.00 67.87 ? 300 GLU A OE1 1 
ATOM   165  O  OE2 . GLU A 1 21  ? -0.465  -6.830  14.895  1.00 67.40 ? 300 GLU A OE2 1 
ATOM   166  N  N   . VAL A 1 22  ? 0.608   -4.179  9.899   1.00 66.19 ? 301 VAL A N   1 
ATOM   167  C  CA  . VAL A 1 22  ? -0.030  -5.004  8.857   1.00 65.89 ? 301 VAL A CA  1 
ATOM   168  C  C   . VAL A 1 22  ? -0.598  -6.223  9.546   1.00 65.52 ? 301 VAL A C   1 
ATOM   169  O  O   . VAL A 1 22  ? 0.113   -6.880  10.282  1.00 65.37 ? 301 VAL A O   1 
ATOM   170  C  CB  . VAL A 1 22  ? 0.952   -5.435  7.706   1.00 65.86 ? 301 VAL A CB  1 
ATOM   171  C  CG1 . VAL A 1 22  ? 2.404   -5.344  8.133   1.00 65.77 ? 301 VAL A CG1 1 
ATOM   172  C  CG2 . VAL A 1 22  ? 0.626   -6.846  7.186   1.00 65.88 ? 301 VAL A CG2 1 
ATOM   173  N  N   . LEU A 1 23  ? -1.873  -6.515  9.335   1.00 65.40 ? 302 LEU A N   1 
ATOM   174  C  CA  . LEU A 1 23  ? -2.464  -7.646  10.029  1.00 65.68 ? 302 LEU A CA  1 
ATOM   175  C  C   . LEU A 1 23  ? -2.787  -8.852  9.147   1.00 65.85 ? 302 LEU A C   1 
ATOM   176  O  O   . LEU A 1 23  ? -3.424  -9.811  9.597   1.00 65.80 ? 302 LEU A O   1 
ATOM   177  C  CB  . LEU A 1 23  ? -3.638  -7.205  10.912  1.00 65.80 ? 302 LEU A CB  1 
ATOM   178  C  CG  . LEU A 1 23  ? -4.888  -6.550  10.338  1.00 65.81 ? 302 LEU A CG  1 
ATOM   179  C  CD1 . LEU A 1 23  ? -5.912  -7.623  9.977   1.00 66.52 ? 302 LEU A CD1 1 
ATOM   180  C  CD2 . LEU A 1 23  ? -5.458  -5.589  11.359  1.00 64.60 ? 302 LEU A CD2 1 
ATOM   181  N  N   . SER A 1 24  ? -2.296  -8.803  7.907   1.00 66.07 ? 303 SER A N   1 
ATOM   182  C  CA  . SER A 1 24  ? -2.508  -9.839  6.893   1.00 66.17 ? 303 SER A CA  1 
ATOM   183  C  C   . SER A 1 24  ? -1.864  -9.459  5.554   1.00 66.12 ? 303 SER A C   1 
ATOM   184  O  O   . SER A 1 24  ? -1.795  -8.277  5.187   1.00 66.22 ? 303 SER A O   1 
ATOM   185  C  CB  . SER A 1 24  ? -4.002  -10.070 6.671   1.00 66.19 ? 303 SER A CB  1 
ATOM   186  O  OG  . SER A 1 24  ? -4.311  -9.923  5.293   1.00 67.47 ? 303 SER A OG  1 
ATOM   187  N  N   . PHE A 1 25  ? -1.434  -10.475 4.812   1.00 65.97 ? 304 PHE A N   1 
ATOM   188  C  CA  . PHE A 1 25  ? -0.811  -10.283 3.503   1.00 65.74 ? 304 PHE A CA  1 
ATOM   189  C  C   . PHE A 1 25  ? -0.855  -11.582 2.732   1.00 65.45 ? 304 PHE A C   1 
ATOM   190  O  O   . PHE A 1 25  ? -0.734  -12.646 3.305   1.00 65.56 ? 304 PHE A O   1 
ATOM   191  C  CB  . PHE A 1 25  ? 0.650   -9.849  3.648   1.00 65.73 ? 304 PHE A CB  1 
ATOM   192  C  CG  . PHE A 1 25  ? 1.460   -10.782 4.463   1.00 65.73 ? 304 PHE A CG  1 
ATOM   193  C  CD1 . PHE A 1 25  ? 2.100   -11.859 3.870   1.00 66.17 ? 304 PHE A CD1 1 
ATOM   194  C  CD2 . PHE A 1 25  ? 1.552   -10.614 5.841   1.00 66.41 ? 304 PHE A CD2 1 
ATOM   195  C  CE1 . PHE A 1 25  ? 2.843   -12.765 4.641   1.00 66.47 ? 304 PHE A CE1 1 
ATOM   196  C  CE2 . PHE A 1 25  ? 2.294   -11.504 6.619   1.00 66.66 ? 304 PHE A CE2 1 
ATOM   197  C  CZ  . PHE A 1 25  ? 2.943   -12.582 6.017   1.00 66.22 ? 304 PHE A CZ  1 
ATOM   198  N  N   . THR A 1 26  ? -1.004  -11.485 1.424   1.00 65.31 ? 305 THR A N   1 
ATOM   199  C  CA  . THR A 1 26  ? -1.040  -12.655 0.567   1.00 64.90 ? 305 THR A CA  1 
ATOM   200  C  C   . THR A 1 26  ? 0.346   -13.283 0.469   1.00 64.68 ? 305 THR A C   1 
ATOM   201  O  O   . THR A 1 26  ? 0.456   -14.495 0.350   1.00 64.74 ? 305 THR A O   1 
ATOM   202  C  CB  . THR A 1 26  ? -1.594  -12.280 -0.836  1.00 64.92 ? 305 THR A CB  1 
ATOM   203  O  OG1 . THR A 1 26  ? -2.869  -11.653 -0.679  1.00 65.42 ? 305 THR A OG1 1 
ATOM   204  C  CG2 . THR A 1 26  ? -1.764  -13.482 -1.734  1.00 64.14 ? 305 THR A CG2 1 
ATOM   205  N  N   . THR A 1 27  ? 1.397   -12.469 0.545   1.00 64.48 ? 306 THR A N   1 
ATOM   206  C  CA  . THR A 1 27  ? 2.737   -12.935 0.195   1.00 64.24 ? 306 THR A CA  1 
ATOM   207  C  C   . THR A 1 27  ? 3.851   -11.973 0.608   1.00 64.14 ? 306 THR A C   1 
ATOM   208  O  O   . THR A 1 27  ? 3.649   -10.765 0.644   1.00 64.05 ? 306 THR A O   1 
ATOM   209  C  CB  . THR A 1 27  ? 2.829   -13.201 -1.328  1.00 64.36 ? 306 THR A CB  1 
ATOM   210  O  OG1 . THR A 1 27  ? 4.053   -13.867 -1.625  1.00 65.29 ? 306 THR A OG1 1 
ATOM   211  C  CG2 . THR A 1 27  ? 2.748   -11.907 -2.152  1.00 64.03 ? 306 THR A CG2 1 
ATOM   212  N  N   . GLN A 1 28  ? 5.023   -12.519 0.913   1.00 64.18 ? 307 GLN A N   1 
ATOM   213  C  CA  . GLN A 1 28  ? 6.210   -11.723 1.210   1.00 64.41 ? 307 GLN A CA  1 
ATOM   214  C  C   . GLN A 1 28  ? 7.442   -12.575 1.027   1.00 64.47 ? 307 GLN A C   1 
ATOM   215  O  O   . GLN A 1 28  ? 7.334   -13.788 0.968   1.00 64.60 ? 307 GLN A O   1 
ATOM   216  C  CB  . GLN A 1 28  ? 6.170   -11.231 2.643   1.00 64.57 ? 307 GLN A CB  1 
ATOM   217  C  CG  . GLN A 1 28  ? 6.129   -12.345 3.657   1.00 65.58 ? 307 GLN A CG  1 
ATOM   218  C  CD  . GLN A 1 28  ? 6.223   -11.852 5.093   1.00 67.44 ? 307 GLN A CD  1 
ATOM   219  O  OE1 . GLN A 1 28  ? 6.097   -12.635 6.034   1.00 67.96 ? 307 GLN A OE1 1 
ATOM   220  N  NE2 . GLN A 1 28  ? 6.442   -10.554 5.268   1.00 68.05 ? 307 GLN A NE2 1 
ATOM   221  N  N   . GLU A 1 29  ? 8.617   -11.954 0.961   1.00 64.67 ? 308 GLU A N   1 
ATOM   222  C  CA  . GLU A 1 29  ? 9.857   -12.713 0.810   1.00 64.79 ? 308 GLU A CA  1 
ATOM   223  C  C   . GLU A 1 29  ? 10.671  -12.732 2.089   1.00 64.99 ? 308 GLU A C   1 
ATOM   224  O  O   . GLU A 1 29  ? 11.430  -11.803 2.353   1.00 65.29 ? 308 GLU A O   1 
ATOM   225  C  CB  . GLU A 1 29  ? 10.696  -12.168 -0.343  1.00 64.68 ? 308 GLU A CB  1 
ATOM   226  C  CG  . GLU A 1 29  ? 11.921  -13.008 -0.647  1.00 65.25 ? 308 GLU A CG  1 
ATOM   227  C  CD  . GLU A 1 29  ? 11.613  -14.498 -0.743  1.00 66.78 ? 308 GLU A CD  1 
ATOM   228  O  OE1 . GLU A 1 29  ? 10.947  -14.915 -1.723  1.00 67.68 ? 308 GLU A OE1 1 
ATOM   229  O  OE2 . GLU A 1 29  ? 12.040  -15.252 0.161   1.00 66.38 ? 308 GLU A OE2 1 
ATOM   230  N  N   . ALA A 1 30  ? 10.533  -13.801 2.869   1.00 65.23 ? 309 ALA A N   1 
ATOM   231  C  CA  . ALA A 1 30  ? 11.196  -13.895 4.176   1.00 65.49 ? 309 ALA A CA  1 
ATOM   232  C  C   . ALA A 1 30  ? 12.660  -14.395 4.151   1.00 65.91 ? 309 ALA A C   1 
ATOM   233  O  O   . ALA A 1 30  ? 13.207  -14.769 5.182   1.00 66.18 ? 309 ALA A O   1 
ATOM   234  C  CB  . ALA A 1 30  ? 10.354  -14.738 5.122   1.00 65.13 ? 309 ALA A CB  1 
ATOM   235  N  N   . SER A 1 31  ? 13.290  -14.402 2.982   1.00 66.38 ? 310 SER A N   1 
ATOM   236  C  CA  . SER A 1 31  ? 14.678  -14.833 2.856   1.00 66.83 ? 310 SER A CA  1 
ATOM   237  C  C   . SER A 1 31  ? 15.289  -14.179 1.640   1.00 67.48 ? 310 SER A C   1 
ATOM   238  O  O   . SER A 1 31  ? 16.050  -13.218 1.764   1.00 67.54 ? 310 SER A O   1 
ATOM   239  C  CB  . SER A 1 31  ? 14.770  -16.346 2.703   1.00 66.62 ? 310 SER A CB  1 
ATOM   240  O  OG  . SER A 1 31  ? 14.295  -16.988 3.859   1.00 66.89 ? 310 SER A OG  1 
ATOM   241  N  N   . GLY A 1 32  ? 14.931  -14.704 0.466   1.00 68.14 ? 311 GLY A N   1 
ATOM   242  C  CA  . GLY A 1 32  ? 15.409  -14.209 -0.825  1.00 68.72 ? 311 GLY A CA  1 
ATOM   243  C  C   . GLY A 1 32  ? 16.237  -12.945 -0.727  1.00 69.04 ? 311 GLY A C   1 
ATOM   244  O  O   . GLY A 1 32  ? 17.466  -12.987 -0.842  1.00 69.14 ? 311 GLY A O   1 
ATOM   245  N  N   . GLU A 1 33  ? 15.554  -11.828 -0.492  1.00 69.39 ? 312 GLU A N   1 
ATOM   246  C  CA  . GLU A 1 33  ? 16.189  -10.526 -0.376  1.00 69.80 ? 312 GLU A CA  1 
ATOM   247  C  C   . GLU A 1 33  ? 17.133  -10.456 0.822   1.00 70.17 ? 312 GLU A C   1 
ATOM   248  O  O   . GLU A 1 33  ? 18.185  -11.108 0.837   1.00 70.83 ? 312 GLU A O   1 
ATOM   249  C  CB  . GLU A 1 33  ? 15.133  -9.417  -0.310  1.00 69.71 ? 312 GLU A CB  1 
ATOM   250  C  CG  . GLU A 1 33  ? 14.467  -9.099  -1.645  1.00 69.96 ? 312 GLU A CG  1 
ATOM   251  C  CD  . GLU A 1 33  ? 15.440  -9.077  -2.831  1.00 71.07 ? 312 GLU A CD  1 
ATOM   252  O  OE1 . GLU A 1 33  ? 16.625  -8.697  -2.660  1.00 71.45 ? 312 GLU A OE1 1 
ATOM   253  O  OE2 . GLU A 1 33  ? 15.003  -9.440  -3.949  1.00 71.61 ? 312 GLU A OE2 1 
ATOM   254  N  N   . GLY A 1 34  ? 16.778  -9.655  1.820   1.00 70.12 ? 313 GLY A N   1 
ATOM   255  C  CA  . GLY A 1 34  ? 17.573  -9.582  3.033   1.00 69.89 ? 313 GLY A CA  1 
ATOM   256  C  C   . GLY A 1 34  ? 16.976  -10.515 4.056   1.00 69.85 ? 313 GLY A C   1 
ATOM   257  O  O   . GLY A 1 34  ? 15.900  -11.070 3.841   1.00 70.14 ? 313 GLY A O   1 
ATOM   258  N  N   . ALA A 1 35  ? 17.674  -10.684 5.172   1.00 69.80 ? 314 ALA A N   1 
ATOM   259  C  CA  . ALA A 1 35  ? 17.167  -11.466 6.290   1.00 69.63 ? 314 ALA A CA  1 
ATOM   260  C  C   . ALA A 1 35  ? 16.524  -10.542 7.328   1.00 69.48 ? 314 ALA A C   1 
ATOM   261  O  O   . ALA A 1 35  ? 16.350  -10.918 8.487   1.00 69.64 ? 314 ALA A O   1 
ATOM   262  C  CB  . ALA A 1 35  ? 18.291  -12.294 6.913   1.00 69.84 ? 314 ALA A CB  1 
ATOM   263  N  N   . GLY A 1 36  ? 16.189  -9.326  6.905   1.00 69.12 ? 315 GLY A N   1 
ATOM   264  C  CA  . GLY A 1 36  ? 15.417  -8.400  7.714   1.00 68.56 ? 315 GLY A CA  1 
ATOM   265  C  C   . GLY A 1 36  ? 14.593  -7.562  6.762   1.00 68.34 ? 315 GLY A C   1 
ATOM   266  O  O   . GLY A 1 36  ? 14.190  -6.449  7.080   1.00 68.27 ? 315 GLY A O   1 
ATOM   267  N  N   . ASN A 1 37  ? 14.331  -8.115  5.586   1.00 67.98 ? 316 ASN A N   1 
ATOM   268  C  CA  . ASN A 1 37  ? 13.901  -7.330  4.457   1.00 67.81 ? 316 ASN A CA  1 
ATOM   269  C  C   . ASN A 1 37  ? 13.065  -8.151  3.485   1.00 67.87 ? 316 ASN A C   1 
ATOM   270  O  O   . ASN A 1 37  ? 13.216  -9.365  3.407   1.00 68.21 ? 316 ASN A O   1 
ATOM   271  C  CB  . ASN A 1 37  ? 15.145  -6.797  3.761   1.00 67.78 ? 316 ASN A CB  1 
ATOM   272  C  CG  . ASN A 1 37  ? 14.829  -5.894  2.601   1.00 68.13 ? 316 ASN A CG  1 
ATOM   273  O  OD1 . ASN A 1 37  ? 14.076  -4.936  2.734   1.00 68.17 ? 316 ASN A OD1 1 
ATOM   274  N  ND2 . ASN A 1 37  ? 15.411  -6.194  1.446   1.00 68.53 ? 316 ASN A ND2 1 
ATOM   275  N  N   . GLY A 1 38  ? 12.193  -7.485  2.734   1.00 67.58 ? 317 GLY A N   1 
ATOM   276  C  CA  . GLY A 1 38  ? 11.324  -8.161  1.791   1.00 67.30 ? 317 GLY A CA  1 
ATOM   277  C  C   . GLY A 1 38  ? 9.993   -8.447  2.440   1.00 67.35 ? 317 GLY A C   1 
ATOM   278  O  O   . GLY A 1 38  ? 9.014   -8.765  1.779   1.00 67.28 ? 317 GLY A O   1 
ATOM   279  N  N   . LEU A 1 39  ? 9.959   -8.329  3.755   1.00 67.38 ? 318 LEU A N   1 
ATOM   280  C  CA  . LEU A 1 39  ? 8.764   -8.618  4.526   1.00 67.49 ? 318 LEU A CA  1 
ATOM   281  C  C   . LEU A 1 39  ? 7.649   -7.639  4.225   1.00 67.61 ? 318 LEU A C   1 
ATOM   282  O  O   . LEU A 1 39  ? 7.904   -6.533  3.753   1.00 67.84 ? 318 LEU A O   1 
ATOM   283  C  CB  . LEU A 1 39  ? 9.083   -8.556  6.011   1.00 67.45 ? 318 LEU A CB  1 
ATOM   284  C  CG  . LEU A 1 39  ? 9.811   -9.753  6.602   1.00 67.12 ? 318 LEU A CG  1 
ATOM   285  C  CD1 . LEU A 1 39  ? 11.242  -9.864  6.097   1.00 67.05 ? 318 LEU A CD1 1 
ATOM   286  C  CD2 . LEU A 1 39  ? 9.785   -9.605  8.107   1.00 67.15 ? 318 LEU A CD2 1 
ATOM   287  N  N   . ALA A 1 40  ? 6.413   -8.045  4.508   1.00 67.64 ? 319 ALA A N   1 
ATOM   288  C  CA  . ALA A 1 40  ? 5.271   -7.152  4.385   1.00 67.62 ? 319 ALA A CA  1 
ATOM   289  C  C   . ALA A 1 40  ? 5.447   -5.953  5.307   1.00 67.72 ? 319 ALA A C   1 
ATOM   290  O  O   . ALA A 1 40  ? 5.219   -4.826  4.887   1.00 67.72 ? 319 ALA A O   1 
ATOM   291  C  CB  . ALA A 1 40  ? 3.982   -7.880  4.679   1.00 67.55 ? 319 ALA A CB  1 
ATOM   292  N  N   . LYS A 1 41  ? 5.908   -6.191  6.538   1.00 67.90 ? 320 LYS A N   1 
ATOM   293  C  CA  . LYS A 1 41  ? 6.079   -5.108  7.529   1.00 68.06 ? 320 LYS A CA  1 
ATOM   294  C  C   . LYS A 1 41  ? 7.039   -3.998  7.078   1.00 68.06 ? 320 LYS A C   1 
ATOM   295  O  O   . LYS A 1 41  ? 7.063   -2.925  7.675   1.00 68.17 ? 320 LYS A O   1 
ATOM   296  C  CB  . LYS A 1 41  ? 6.471   -5.655  8.925   1.00 67.97 ? 320 LYS A CB  1 
ATOM   297  C  CG  . LYS A 1 41  ? 7.972   -5.682  9.241   1.00 67.93 ? 320 LYS A CG  1 
ATOM   298  C  CD  . LYS A 1 41  ? 8.336   -6.740  10.300  1.00 68.17 ? 320 LYS A CD  1 
ATOM   299  C  CE  . LYS A 1 41  ? 8.429   -6.187  11.730  1.00 68.16 ? 320 LYS A CE  1 
ATOM   300  N  NZ  . LYS A 1 41  ? 9.608   -5.297  11.948  1.00 67.89 ? 320 LYS A NZ  1 
ATOM   301  N  N   . CYS A 1 42  ? 7.814   -4.258  6.025   1.00 68.06 ? 321 CYS A N   1 
ATOM   302  C  CA  . CYS A 1 42  ? 8.759   -3.273  5.495   1.00 68.13 ? 321 CYS A CA  1 
ATOM   303  C  C   . CYS A 1 42  ? 8.023   -2.139  4.830   1.00 67.83 ? 321 CYS A C   1 
ATOM   304  O  O   . CYS A 1 42  ? 8.522   -1.012  4.750   1.00 68.04 ? 321 CYS A O   1 
ATOM   305  C  CB  . CYS A 1 42  ? 9.680   -3.908  4.466   1.00 68.31 ? 321 CYS A CB  1 
ATOM   306  S  SG  . CYS A 1 42  ? 10.668  -5.234  5.119   1.00 69.17 ? 321 CYS A SG  1 
ATOM   307  N  N   . LEU A 1 43  ? 6.827   -2.458  4.352   1.00 67.40 ? 322 LEU A N   1 
ATOM   308  C  CA  . LEU A 1 43  ? 5.950   -1.496  3.703   1.00 66.89 ? 322 LEU A CA  1 
ATOM   309  C  C   . LEU A 1 43  ? 5.605   -0.275  4.563   1.00 66.54 ? 322 LEU A C   1 
ATOM   310  O  O   . LEU A 1 43  ? 5.325   0.799   4.022   1.00 66.60 ? 322 LEU A O   1 
ATOM   311  C  CB  . LEU A 1 43  ? 4.670   -2.201  3.309   1.00 66.70 ? 322 LEU A CB  1 
ATOM   312  C  CG  . LEU A 1 43  ? 3.975   -1.581  2.128   1.00 66.84 ? 322 LEU A CG  1 
ATOM   313  C  CD1 . LEU A 1 43  ? 4.823   -1.806  0.916   1.00 67.26 ? 322 LEU A CD1 1 
ATOM   314  C  CD2 . LEU A 1 43  ? 2.663   -2.266  1.981   1.00 67.39 ? 322 LEU A CD2 1 
ATOM   315  N  N   . ILE A 1 44  ? 5.629   -0.452  5.887   1.00 65.95 ? 323 ILE A N   1 
ATOM   316  C  CA  . ILE A 1 44  ? 5.190   0.574   6.837   1.00 65.47 ? 323 ILE A CA  1 
ATOM   317  C  C   . ILE A 1 44  ? 6.150   0.768   7.997   1.00 65.29 ? 323 ILE A C   1 
ATOM   318  O  O   . ILE A 1 44  ? 5.713   1.027   9.112   1.00 64.98 ? 323 ILE A O   1 
ATOM   319  C  CB  . ILE A 1 44  ? 3.797   0.246   7.454   1.00 65.39 ? 323 ILE A CB  1 
ATOM   320  C  CG1 . ILE A 1 44  ? 3.773   -1.172  8.052   1.00 65.18 ? 323 ILE A CG1 1 
ATOM   321  C  CG2 . ILE A 1 44  ? 2.690   0.450   6.436   1.00 65.11 ? 323 ILE A CG2 1 
ATOM   322  C  CD1 . ILE A 1 44  ? 2.800   -1.365  9.210   1.00 64.64 ? 323 ILE A CD1 1 
ATOM   323  N  N   . ASP A 1 45  ? 7.448   0.654   7.749   1.00 65.36 ? 324 ASP A N   1 
ATOM   324  C  CA  . ASP A 1 45  ? 8.405   0.680   8.854   1.00 65.56 ? 324 ASP A CA  1 
ATOM   325  C  C   . ASP A 1 45  ? 9.227   1.970   8.985   1.00 65.90 ? 324 ASP A C   1 
ATOM   326  O  O   . ASP A 1 45  ? 9.999   2.124   9.932   1.00 65.94 ? 324 ASP A O   1 
ATOM   327  C  CB  . ASP A 1 45  ? 9.315   -0.550  8.813   1.00 65.31 ? 324 ASP A CB  1 
ATOM   328  C  CG  . ASP A 1 45  ? 10.307  -0.509  7.675   1.00 65.03 ? 324 ASP A CG  1 
ATOM   329  O  OD1 . ASP A 1 45  ? 10.151  0.292   6.733   1.00 64.29 ? 324 ASP A OD1 1 
ATOM   330  O  OD2 . ASP A 1 45  ? 11.261  -1.298  7.723   1.00 65.27 ? 324 ASP A OD2 1 
ATOM   331  N  N   . GLY A 1 46  ? 9.049   2.896   8.047   1.00 66.33 ? 325 GLY A N   1 
ATOM   332  C  CA  . GLY A 1 46  ? 9.795   4.157   8.068   1.00 66.77 ? 325 GLY A CA  1 
ATOM   333  C  C   . GLY A 1 46  ? 11.218  4.031   7.543   1.00 67.05 ? 325 GLY A C   1 
ATOM   334  O  O   . GLY A 1 46  ? 11.974  5.006   7.554   1.00 67.09 ? 325 GLY A O   1 
ATOM   335  N  N   . ASP A 1 47  ? 11.573  2.833   7.076   1.00 67.21 ? 326 ASP A N   1 
ATOM   336  C  CA  . ASP A 1 47  ? 12.899  2.553   6.546   1.00 67.49 ? 326 ASP A CA  1 
ATOM   337  C  C   . ASP A 1 47  ? 12.874  2.478   5.018   1.00 67.87 ? 326 ASP A C   1 
ATOM   338  O  O   . ASP A 1 47  ? 12.159  1.648   4.445   1.00 67.99 ? 326 ASP A O   1 
ATOM   339  C  CB  . ASP A 1 47  ? 13.406  1.237   7.129   1.00 67.40 ? 326 ASP A CB  1 
ATOM   340  C  CG  . ASP A 1 47  ? 14.886  1.017   6.886   1.00 67.79 ? 326 ASP A CG  1 
ATOM   341  O  OD1 . ASP A 1 47  ? 15.375  1.383   5.797   1.00 68.15 ? 326 ASP A OD1 1 
ATOM   342  O  OD2 . ASP A 1 47  ? 15.562  0.467   7.786   1.00 67.92 ? 326 ASP A OD2 1 
ATOM   343  N  N   . THR A 1 48  ? 13.665  3.339   4.368   1.00 68.21 ? 327 THR A N   1 
ATOM   344  C  CA  . THR A 1 48  ? 13.759  3.390   2.896   1.00 68.43 ? 327 THR A CA  1 
ATOM   345  C  C   . THR A 1 48  ? 14.368  2.114   2.351   1.00 68.47 ? 327 THR A C   1 
ATOM   346  O  O   . THR A 1 48  ? 13.908  1.568   1.347   1.00 68.70 ? 327 THR A O   1 
ATOM   347  C  CB  . THR A 1 48  ? 14.677  4.533   2.392   1.00 68.45 ? 327 THR A CB  1 
ATOM   348  O  OG1 . THR A 1 48  ? 14.492  5.709   3.187   1.00 68.66 ? 327 THR A OG1 1 
ATOM   349  C  CG2 . THR A 1 48  ? 14.397  4.846   0.917   1.00 68.46 ? 327 THR A CG2 1 
ATOM   350  N  N   . GLU A 1 49  ? 15.411  1.656   3.031   1.00 68.39 ? 328 GLU A N   1 
ATOM   351  C  CA  . GLU A 1 49  ? 16.195  0.518   2.590   1.00 68.39 ? 328 GLU A CA  1 
ATOM   352  C  C   . GLU A 1 49  ? 15.413  -0.774  2.646   1.00 68.13 ? 328 GLU A C   1 
ATOM   353  O  O   . GLU A 1 49  ? 15.674  -1.676  1.859   1.00 68.23 ? 328 GLU A O   1 
ATOM   354  C  CB  . GLU A 1 49  ? 17.509  0.438   3.378   1.00 68.71 ? 328 GLU A CB  1 
ATOM   355  C  CG  . GLU A 1 49  ? 18.362  1.703   3.200   1.00 69.41 ? 328 GLU A CG  1 
ATOM   356  C  CD  . GLU A 1 49  ? 18.309  2.213   1.756   1.00 70.43 ? 328 GLU A CD  1 
ATOM   357  O  OE1 . GLU A 1 49  ? 19.112  1.706   0.941   1.00 71.27 ? 328 GLU A OE1 1 
ATOM   358  O  OE2 . GLU A 1 49  ? 17.456  3.087   1.435   1.00 69.41 ? 328 GLU A OE2 1 
ATOM   359  N  N   . THR A 1 50  ? 14.445  -0.854  3.560   1.00 67.86 ? 329 THR A N   1 
ATOM   360  C  CA  . THR A 1 50  ? 13.545  -2.006  3.597   1.00 67.51 ? 329 THR A CA  1 
ATOM   361  C  C   . THR A 1 50  ? 12.442  -1.856  2.575   1.00 67.19 ? 329 THR A C   1 
ATOM   362  O  O   . THR A 1 50  ? 11.885  -0.768  2.394   1.00 67.17 ? 329 THR A O   1 
ATOM   363  C  CB  . THR A 1 50  ? 12.897  -2.258  4.979   1.00 67.45 ? 329 THR A CB  1 
ATOM   364  O  OG1 . THR A 1 50  ? 12.007  -1.184  5.303   1.00 67.52 ? 329 THR A OG1 1 
ATOM   365  C  CG2 . THR A 1 50  ? 13.951  -2.409  6.053   1.00 67.36 ? 329 THR A CG2 1 
ATOM   366  N  N   . PHE A 1 51  ? 12.156  -2.965  1.901   1.00 66.96 ? 330 PHE A N   1 
ATOM   367  C  CA  . PHE A 1 51  ? 11.014  -3.079  0.989   1.00 66.63 ? 330 PHE A CA  1 
ATOM   368  C  C   . PHE A 1 51  ? 10.300  -4.416  1.162   1.00 66.27 ? 330 PHE A C   1 
ATOM   369  O  O   . PHE A 1 51  ? 10.875  -5.387  1.660   1.00 66.36 ? 330 PHE A O   1 
ATOM   370  C  CB  . PHE A 1 51  ? 11.391  -2.808  -0.492  1.00 66.55 ? 330 PHE A CB  1 
ATOM   371  C  CG  . PHE A 1 51  ? 12.509  -3.674  -1.037  1.00 66.64 ? 330 PHE A CG  1 
ATOM   372  C  CD1 . PHE A 1 51  ? 13.846  -3.330  -0.836  1.00 66.71 ? 330 PHE A CD1 1 
ATOM   373  C  CD2 . PHE A 1 51  ? 12.227  -4.807  -1.788  1.00 66.68 ? 330 PHE A CD2 1 
ATOM   374  C  CE1 . PHE A 1 51  ? 14.876  -4.118  -1.344  1.00 65.92 ? 330 PHE A CE1 1 
ATOM   375  C  CE2 . PHE A 1 51  ? 13.259  -5.597  -2.301  1.00 66.45 ? 330 PHE A CE2 1 
ATOM   376  C  CZ  . PHE A 1 51  ? 14.582  -5.248  -2.078  1.00 65.91 ? 330 PHE A CZ  1 
ATOM   377  N  N   . TRP A 1 52  ? 9.024   -4.438  0.815   1.00 65.73 ? 331 TRP A N   1 
ATOM   378  C  CA  . TRP A 1 52  ? 8.300   -5.673  0.743   1.00 65.23 ? 331 TRP A CA  1 
ATOM   379  C  C   . TRP A 1 52  ? 8.609   -6.172  -0.650  1.00 65.12 ? 331 TRP A C   1 
ATOM   380  O  O   . TRP A 1 52  ? 8.730   -5.365  -1.570  1.00 65.40 ? 331 TRP A O   1 
ATOM   381  C  CB  . TRP A 1 52  ? 6.809   -5.409  0.925   1.00 65.05 ? 331 TRP A CB  1 
ATOM   382  C  CG  . TRP A 1 52  ? 5.925   -6.481  0.370   1.00 65.07 ? 331 TRP A CG  1 
ATOM   383  C  CD1 . TRP A 1 52  ? 5.644   -7.682  0.942   1.00 65.54 ? 331 TRP A CD1 1 
ATOM   384  C  CD2 . TRP A 1 52  ? 5.201   -6.448  -0.861  1.00 64.46 ? 331 TRP A CD2 1 
ATOM   385  N  NE1 . TRP A 1 52  ? 4.790   -8.402  0.148   1.00 64.66 ? 331 TRP A NE1 1 
ATOM   386  C  CE2 . TRP A 1 52  ? 4.498   -7.665  -0.964  1.00 64.36 ? 331 TRP A CE2 1 
ATOM   387  C  CE3 . TRP A 1 52  ? 5.075   -5.507  -1.884  1.00 65.07 ? 331 TRP A CE3 1 
ATOM   388  C  CZ2 . TRP A 1 52  ? 3.687   -7.974  -2.051  1.00 64.61 ? 331 TRP A CZ2 1 
ATOM   389  C  CZ3 . TRP A 1 52  ? 4.265   -5.811  -2.965  1.00 65.41 ? 331 TRP A CZ3 1 
ATOM   390  C  CH2 . TRP A 1 52  ? 3.582   -7.042  -3.040  1.00 65.16 ? 331 TRP A CH2 1 
ATOM   391  N  N   . HIS A 1 53  ? 8.811   -7.478  -0.787  1.00 64.74 ? 332 HIS A N   1 
ATOM   392  C  CA  . HIS A 1 53  ? 8.888   -8.132  -2.088  1.00 64.43 ? 332 HIS A CA  1 
ATOM   393  C  C   . HIS A 1 53  ? 8.044   -9.377  -1.986  1.00 64.33 ? 332 HIS A C   1 
ATOM   394  O  O   . HIS A 1 53  ? 8.167   -10.139 -1.028  1.00 64.27 ? 332 HIS A O   1 
ATOM   395  C  CB  . HIS A 1 53  ? 10.326  -8.514  -2.445  1.00 64.32 ? 332 HIS A CB  1 
ATOM   396  C  CG  . HIS A 1 53  ? 10.539  -8.829  -3.901  1.00 64.74 ? 332 HIS A CG  1 
ATOM   397  N  ND1 . HIS A 1 53  ? 9.696   -9.641  -4.629  1.00 64.65 ? 332 HIS A ND1 1 
ATOM   398  C  CD2 . HIS A 1 53  ? 11.527  -8.461  -4.756  1.00 65.15 ? 332 HIS A CD2 1 
ATOM   399  C  CE1 . HIS A 1 53  ? 10.141  -9.745  -5.870  1.00 64.14 ? 332 HIS A CE1 1 
ATOM   400  N  NE2 . HIS A 1 53  ? 11.250  -9.037  -5.974  1.00 64.84 ? 332 HIS A NE2 1 
ATOM   401  N  N   . ALA A 1 54  ? 7.170   -9.575  -2.968  1.00 64.19 ? 333 ALA A N   1 
ATOM   402  C  CA  . ALA A 1 54  ? 6.404   -10.808 -3.084  1.00 64.16 ? 333 ALA A CA  1 
ATOM   403  C  C   . ALA A 1 54  ? 7.331   -12.031 -2.997  1.00 64.36 ? 333 ALA A C   1 
ATOM   404  O  O   . ALA A 1 54  ? 8.503   -11.941 -3.372  1.00 64.48 ? 333 ALA A O   1 
ATOM   405  C  CB  . ALA A 1 54  ? 5.646   -10.804 -4.368  1.00 63.82 ? 333 ALA A CB  1 
ATOM   406  N  N   . LYS A 1 55  ? 6.835   -13.154 -2.467  1.00 64.55 ? 334 LYS A N   1 
ATOM   407  C  CA  . LYS A 1 55  ? 7.662   -14.363 -2.361  1.00 64.84 ? 334 LYS A CA  1 
ATOM   408  C  C   . LYS A 1 55  ? 8.142   -14.781 -3.749  1.00 65.38 ? 334 LYS A C   1 
ATOM   409  O  O   . LYS A 1 55  ? 7.349   -14.835 -4.690  1.00 65.41 ? 334 LYS A O   1 
ATOM   410  C  CB  . LYS A 1 55  ? 6.917   -15.517 -1.685  1.00 64.42 ? 334 LYS A CB  1 
ATOM   411  C  CG  . LYS A 1 55  ? 7.710   -16.806 -1.650  1.00 63.83 ? 334 LYS A CG  1 
ATOM   412  C  CD  . LYS A 1 55  ? 7.286   -17.714 -0.533  1.00 65.11 ? 334 LYS A CD  1 
ATOM   413  C  CE  . LYS A 1 55  ? 6.061   -18.565 -0.888  1.00 66.00 ? 334 LYS A CE  1 
ATOM   414  N  NZ  . LYS A 1 55  ? 6.450   -19.887 -1.433  1.00 66.62 ? 334 LYS A NZ  1 
ATOM   415  N  N   . TRP A 1 56  ? 9.438   -15.049 -3.876  1.00 65.87 ? 335 TRP A N   1 
ATOM   416  C  CA  . TRP A 1 56  ? 9.992   -15.425 -5.163  1.00 66.60 ? 335 TRP A CA  1 
ATOM   417  C  C   . TRP A 1 56  ? 10.997  -16.536 -5.063  1.00 66.92 ? 335 TRP A C   1 
ATOM   418  O  O   . TRP A 1 56  ? 11.196  -17.289 -6.031  1.00 67.38 ? 335 TRP A O   1 
ATOM   419  C  CB  . TRP A 1 56  ? 10.641  -14.233 -5.861  1.00 67.05 ? 335 TRP A CB  1 
ATOM   420  C  CG  . TRP A 1 56  ? 11.808  -13.616 -5.123  1.00 67.57 ? 335 TRP A CG  1 
ATOM   421  C  CD1 . TRP A 1 56  ? 11.749  -12.623 -4.186  1.00 68.26 ? 335 TRP A CD1 1 
ATOM   422  C  CD2 . TRP A 1 56  ? 13.196  -13.921 -5.291  1.00 67.94 ? 335 TRP A CD2 1 
ATOM   423  N  NE1 . TRP A 1 56  ? 13.014  -12.300 -3.751  1.00 68.27 ? 335 TRP A NE1 1 
ATOM   424  C  CE2 . TRP A 1 56  ? 13.920  -13.078 -4.413  1.00 67.83 ? 335 TRP A CE2 1 
ATOM   425  C  CE3 . TRP A 1 56  ? 13.900  -14.830 -6.087  1.00 68.82 ? 335 TRP A CE3 1 
ATOM   426  C  CZ2 . TRP A 1 56  ? 15.312  -13.118 -4.308  1.00 67.72 ? 335 TRP A CZ2 1 
ATOM   427  C  CZ3 . TRP A 1 56  ? 15.303  -14.871 -5.979  1.00 68.64 ? 335 TRP A CZ3 1 
ATOM   428  C  CH2 . TRP A 1 56  ? 15.987  -14.017 -5.095  1.00 67.98 ? 335 TRP A CH2 1 
ATOM   429  N  N   . GLN A 1 57  ? 11.653  -16.629 -3.915  1.00 67.05 ? 336 GLN A N   1 
ATOM   430  C  CA  . GLN A 1 57  ? 12.693  -17.623 -3.755  1.00 67.37 ? 336 GLN A CA  1 
ATOM   431  C  C   . GLN A 1 57  ? 12.118  -18.902 -3.136  1.00 67.01 ? 336 GLN A C   1 
ATOM   432  O  O   . GLN A 1 57  ? 11.608  -18.872 -2.015  1.00 67.12 ? 336 GLN A O   1 
ATOM   433  C  CB  . GLN A 1 57  ? 13.878  -17.031 -2.985  1.00 67.56 ? 336 GLN A CB  1 
ATOM   434  C  CG  . GLN A 1 57  ? 14.881  -18.048 -2.442  1.00 69.72 ? 336 GLN A CG  1 
ATOM   435  C  CD  . GLN A 1 57  ? 14.662  -18.329 -0.954  1.00 72.03 ? 336 GLN A CD  1 
ATOM   436  O  OE1 . GLN A 1 57  ? 13.601  -18.020 -0.404  1.00 73.81 ? 336 GLN A OE1 1 
ATOM   437  N  NE2 . GLN A 1 57  ? 15.671  -18.895 -0.293  1.00 72.36 ? 336 GLN A NE2 1 
ATOM   438  N  N   . GLY A 1 58  ? 12.172  -20.000 -3.902  1.00 66.70 ? 337 GLY A N   1 
ATOM   439  C  CA  . GLY A 1 58  ? 11.692  -21.335 -3.472  1.00 66.19 ? 337 GLY A CA  1 
ATOM   440  C  C   . GLY A 1 58  ? 10.240  -21.660 -3.810  1.00 65.90 ? 337 GLY A C   1 
ATOM   441  O  O   . GLY A 1 58  ? 9.792   -22.816 -3.680  1.00 65.76 ? 337 GLY A O   1 
ATOM   442  N  N   . GLY A 1 59  ? 9.515   -20.632 -4.244  1.00 65.51 ? 338 GLY A N   1 
ATOM   443  C  CA  . GLY A 1 59  ? 8.107   -20.714 -4.615  1.00 65.25 ? 338 GLY A CA  1 
ATOM   444  C  C   . GLY A 1 59  ? 7.649   -19.290 -4.837  1.00 65.18 ? 338 GLY A C   1 
ATOM   445  O  O   . GLY A 1 59  ? 8.331   -18.360 -4.429  1.00 65.49 ? 338 GLY A O   1 
ATOM   446  N  N   . SER A 1 60  ? 6.523   -19.096 -5.508  1.00 65.04 ? 339 SER A N   1 
ATOM   447  C  CA  . SER A 1 60  ? 5.894   -17.769 -5.557  1.00 64.78 ? 339 SER A CA  1 
ATOM   448  C  C   . SER A 1 60  ? 4.387   -17.927 -5.462  1.00 65.01 ? 339 SER A C   1 
ATOM   449  O  O   . SER A 1 60  ? 3.863   -19.031 -5.666  1.00 65.08 ? 339 SER A O   1 
ATOM   450  C  CB  . SER A 1 60  ? 6.279   -17.002 -6.819  1.00 64.47 ? 339 SER A CB  1 
ATOM   451  O  OG  . SER A 1 60  ? 5.969   -17.722 -7.990  1.00 63.70 ? 339 SER A OG  1 
ATOM   452  N  N   . ASP A 1 61  ? 3.682   -16.846 -5.150  1.00 64.96 ? 340 ASP A N   1 
ATOM   453  C  CA  . ASP A 1 61  ? 2.229   -16.936 -5.039  1.00 64.93 ? 340 ASP A CA  1 
ATOM   454  C  C   . ASP A 1 61  ? 1.546   -16.397 -6.301  1.00 64.89 ? 340 ASP A C   1 
ATOM   455  O  O   . ASP A 1 61  ? 2.045   -15.453 -6.916  1.00 64.99 ? 340 ASP A O   1 
ATOM   456  C  CB  . ASP A 1 61  ? 1.739   -16.240 -3.770  1.00 64.80 ? 340 ASP A CB  1 
ATOM   457  C  CG  . ASP A 1 61  ? 2.213   -16.938 -2.505  1.00 65.86 ? 340 ASP A CG  1 
ATOM   458  O  OD1 . ASP A 1 61  ? 1.860   -18.122 -2.287  1.00 67.42 ? 340 ASP A OD1 1 
ATOM   459  O  OD2 . ASP A 1 61  ? 2.938   -16.306 -1.710  1.00 66.64 ? 340 ASP A OD2 1 
ATOM   460  N  N   . PRO A 1 62  ? 0.437   -17.031 -6.729  1.00 64.69 ? 341 PRO A N   1 
ATOM   461  C  CA  . PRO A 1 62  ? -0.355  -16.469 -7.813  1.00 64.75 ? 341 PRO A CA  1 
ATOM   462  C  C   . PRO A 1 62  ? -1.020  -15.165 -7.399  1.00 65.09 ? 341 PRO A C   1 
ATOM   463  O  O   . PRO A 1 62  ? -1.513  -15.054 -6.270  1.00 65.46 ? 341 PRO A O   1 
ATOM   464  C  CB  . PRO A 1 62  ? -1.432  -17.526 -8.025  1.00 64.69 ? 341 PRO A CB  1 
ATOM   465  C  CG  . PRO A 1 62  ? -1.520  -18.229 -6.742  1.00 64.49 ? 341 PRO A CG  1 
ATOM   466  C  CD  . PRO A 1 62  ? -0.122  -18.307 -6.265  1.00 64.43 ? 341 PRO A CD  1 
ATOM   467  N  N   . LEU A 1 63  ? -1.036  -14.189 -8.302  1.00 65.07 ? 342 LEU A N   1 
ATOM   468  C  CA  . LEU A 1 63  ? -1.786  -12.960 -8.094  1.00 65.03 ? 342 LEU A CA  1 
ATOM   469  C  C   . LEU A 1 63  ? -3.250  -13.302 -7.823  1.00 65.15 ? 342 LEU A C   1 
ATOM   470  O  O   . LEU A 1 63  ? -3.694  -14.382 -8.200  1.00 65.06 ? 342 LEU A O   1 
ATOM   471  C  CB  . LEU A 1 63  ? -1.703  -12.091 -9.348  1.00 65.00 ? 342 LEU A CB  1 
ATOM   472  C  CG  . LEU A 1 63  ? -0.369  -11.473 -9.747  1.00 64.92 ? 342 LEU A CG  1 
ATOM   473  C  CD1 . LEU A 1 63  ? -0.528  -10.861 -11.102 1.00 65.67 ? 342 LEU A CD1 1 
ATOM   474  C  CD2 . LEU A 1 63  ? 0.080   -10.420 -8.759  1.00 64.88 ? 342 LEU A CD2 1 
ATOM   475  N  N   . PRO A 1 64  ? -4.019  -12.382 -7.198  1.00 65.42 ? 343 PRO A N   1 
ATOM   476  C  CA  . PRO A 1 64  ? -3.632  -11.076 -6.672  1.00 65.76 ? 343 PRO A CA  1 
ATOM   477  C  C   . PRO A 1 64  ? -2.948  -11.162 -5.316  1.00 66.00 ? 343 PRO A C   1 
ATOM   478  O  O   . PRO A 1 64  ? -3.085  -12.169 -4.613  1.00 66.17 ? 343 PRO A O   1 
ATOM   479  C  CB  . PRO A 1 64  ? -4.977  -10.355 -6.534  1.00 65.77 ? 343 PRO A CB  1 
ATOM   480  C  CG  . PRO A 1 64  ? -5.910  -11.409 -6.218  1.00 65.16 ? 343 PRO A CG  1 
ATOM   481  C  CD  . PRO A 1 64  ? -5.463  -12.606 -7.019  1.00 65.31 ? 343 PRO A CD  1 
ATOM   482  N  N   . TYR A 1 65  ? -2.214  -10.107 -4.969  1.00 66.15 ? 344 TYR A N   1 
ATOM   483  C  CA  . TYR A 1 65  ? -1.539  -10.003 -3.679  1.00 66.21 ? 344 TYR A CA  1 
ATOM   484  C  C   . TYR A 1 65  ? -2.134  -8.838  -2.959  1.00 66.39 ? 344 TYR A C   1 
ATOM   485  O  O   . TYR A 1 65  ? -2.154  -7.737  -3.518  1.00 66.63 ? 344 TYR A O   1 
ATOM   486  C  CB  . TYR A 1 65  ? -0.052  -9.671  -3.852  1.00 66.10 ? 344 TYR A CB  1 
ATOM   487  C  CG  . TYR A 1 65  ? 0.743   -10.609 -4.714  1.00 66.02 ? 344 TYR A CG  1 
ATOM   488  C  CD1 . TYR A 1 65  ? 0.411   -11.955 -4.805  1.00 66.93 ? 344 TYR A CD1 1 
ATOM   489  C  CD2 . TYR A 1 65  ? 1.843   -10.156 -5.417  1.00 65.88 ? 344 TYR A CD2 1 
ATOM   490  C  CE1 . TYR A 1 65  ? 1.133   -12.817 -5.586  1.00 66.84 ? 344 TYR A CE1 1 
ATOM   491  C  CE2 . TYR A 1 65  ? 2.578   -11.010 -6.209  1.00 66.60 ? 344 TYR A CE2 1 
ATOM   492  C  CZ  . TYR A 1 65  ? 2.218   -12.345 -6.281  1.00 66.84 ? 344 TYR A CZ  1 
ATOM   493  O  OH  . TYR A 1 65  ? 2.939   -13.222 -7.049  1.00 66.75 ? 344 TYR A OH  1 
ATOM   494  N  N   . ASP A 1 66  ? -2.592  -9.018  -1.726  1.00 66.36 ? 345 ASP A N   1 
ATOM   495  C  CA  . ASP A 1 66  ? -2.821  -7.806  -0.961  1.00 66.72 ? 345 ASP A CA  1 
ATOM   496  C  C   . ASP A 1 66  ? -2.251  -7.750  0.432   1.00 66.46 ? 345 ASP A C   1 
ATOM   497  O  O   . ASP A 1 66  ? -1.768  -8.749  0.949   1.00 66.50 ? 345 ASP A O   1 
ATOM   498  C  CB  . ASP A 1 66  ? -4.268  -7.322  -1.038  1.00 67.19 ? 345 ASP A CB  1 
ATOM   499  C  CG  . ASP A 1 66  ? -5.252  -8.391  -0.762  1.00 68.03 ? 345 ASP A CG  1 
ATOM   500  O  OD1 . ASP A 1 66  ? -5.108  -9.038  0.284   1.00 70.30 ? 345 ASP A OD1 1 
ATOM   501  O  OD2 . ASP A 1 66  ? -6.196  -8.554  -1.566  1.00 69.80 ? 345 ASP A OD2 1 
ATOM   502  N  N   . ILE A 1 67  ? -2.257  -6.544  0.991   1.00 66.17 ? 346 ILE A N   1 
ATOM   503  C  CA  . ILE A 1 67  ? -1.725  -6.263  2.314   1.00 66.23 ? 346 ILE A CA  1 
ATOM   504  C  C   . ILE A 1 67  ? -2.686  -5.317  3.007   1.00 66.32 ? 346 ILE A C   1 
ATOM   505  O  O   . ILE A 1 67  ? -2.946  -4.220  2.496   1.00 66.15 ? 346 ILE A O   1 
ATOM   506  C  CB  . ILE A 1 67  ? -0.335  -5.594  2.234   1.00 66.20 ? 346 ILE A CB  1 
ATOM   507  C  CG1 . ILE A 1 67  ? 0.715   -6.588  1.736   1.00 66.12 ? 346 ILE A CG1 1 
ATOM   508  C  CG2 . ILE A 1 67  ? 0.070   -5.017  3.581   1.00 65.55 ? 346 ILE A CG2 1 
ATOM   509  C  CD1 . ILE A 1 67  ? 1.970   -5.931  1.215   1.00 66.17 ? 346 ILE A CD1 1 
ATOM   510  N  N   . VAL A 1 68  ? -3.229  -5.749  4.149   1.00 66.41 ? 347 VAL A N   1 
ATOM   511  C  CA  . VAL A 1 68  ? -4.152  -4.915  4.917   1.00 66.63 ? 347 VAL A CA  1 
ATOM   512  C  C   . VAL A 1 68  ? -3.401  -4.334  6.100   1.00 66.93 ? 347 VAL A C   1 
ATOM   513  O  O   . VAL A 1 68  ? -2.772  -5.060  6.858   1.00 67.29 ? 347 VAL A O   1 
ATOM   514  C  CB  . VAL A 1 68  ? -5.463  -5.650  5.364   1.00 66.44 ? 347 VAL A CB  1 
ATOM   515  C  CG1 . VAL A 1 68  ? -5.951  -6.623  4.296   1.00 66.22 ? 347 VAL A CG1 1 
ATOM   516  C  CG2 . VAL A 1 68  ? -5.269  -6.383  6.651   1.00 67.00 ? 347 VAL A CG2 1 
ATOM   517  N  N   . ILE A 1 69  ? -3.431  -3.016  6.226   1.00 67.29 ? 348 ILE A N   1 
ATOM   518  C  CA  . ILE A 1 69  ? -2.722  -2.338  7.293   1.00 67.52 ? 348 ILE A CA  1 
ATOM   519  C  C   . ILE A 1 69  ? -3.764  -1.796  8.250   1.00 68.32 ? 348 ILE A C   1 
ATOM   520  O  O   . ILE A 1 69  ? -4.750  -1.194  7.819   1.00 68.36 ? 348 ILE A O   1 
ATOM   521  C  CB  . ILE A 1 69  ? -1.839  -1.201  6.742   1.00 67.17 ? 348 ILE A CB  1 
ATOM   522  C  CG1 . ILE A 1 69  ? -0.677  -1.779  5.958   1.00 66.28 ? 348 ILE A CG1 1 
ATOM   523  C  CG2 . ILE A 1 69  ? -1.280  -0.339  7.854   1.00 66.89 ? 348 ILE A CG2 1 
ATOM   524  C  CD1 . ILE A 1 69  ? -0.162  -0.857  4.899   1.00 65.24 ? 348 ILE A CD1 1 
ATOM   525  N  N   . ASP A 1 70  ? -3.562  -2.060  9.539   1.00 69.33 ? 349 ASP A N   1 
ATOM   526  C  CA  . ASP A 1 70  ? -4.338  -1.428  10.597  1.00 70.25 ? 349 ASP A CA  1 
ATOM   527  C  C   . ASP A 1 70  ? -3.635  -0.137  10.987  1.00 70.85 ? 349 ASP A C   1 
ATOM   528  O  O   . ASP A 1 70  ? -2.508  -0.138  11.497  1.00 70.81 ? 349 ASP A O   1 
ATOM   529  C  CB  . ASP A 1 70  ? -4.502  -2.362  11.813  1.00 70.38 ? 349 ASP A CB  1 
ATOM   530  C  CG  . ASP A 1 70  ? -5.208  -1.688  13.020  1.00 70.90 ? 349 ASP A CG  1 
ATOM   531  O  OD1 . ASP A 1 70  ? -6.059  -0.785  12.831  1.00 71.20 ? 349 ASP A OD1 1 
ATOM   532  O  OD2 . ASP A 1 70  ? -4.914  -2.083  14.175  1.00 70.92 ? 349 ASP A OD2 1 
HETATM 533  N  N   . MSE A 1 71  ? -4.297  0.970   10.689  1.00 71.70 ? 350 MSE A N   1 
HETATM 534  C  CA  . MSE A 1 71  ? -3.934  2.247   11.259  1.00 72.90 ? 350 MSE A CA  1 
HETATM 535  C  C   . MSE A 1 71  ? -4.679  2.253   12.578  1.00 72.43 ? 350 MSE A C   1 
HETATM 536  O  O   . MSE A 1 71  ? -5.888  2.029   12.616  1.00 72.65 ? 350 MSE A O   1 
HETATM 537  C  CB  . MSE A 1 71  ? -4.375  3.385   10.337  1.00 72.55 ? 350 MSE A CB  1 
HETATM 538  C  CG  . MSE A 1 71  ? -3.837  3.206   8.933   1.00 73.76 ? 350 MSE A CG  1 
HETATM 539  SE SE  . MSE A 1 71  ? -4.457  4.477   7.585   1.00 76.03 ? 350 MSE A SE  1 
HETATM 540  C  CE  . MSE A 1 71  ? -6.319  3.896   7.402   1.00 76.91 ? 350 MSE A CE  1 
ATOM   541  N  N   . LYS A 1 72  ? -3.961  2.459   13.667  1.00 72.25 ? 351 LYS A N   1 
ATOM   542  C  CA  . LYS A 1 72  ? -4.590  2.400   14.978  1.00 72.03 ? 351 LYS A CA  1 
ATOM   543  C  C   . LYS A 1 72  ? -5.632  3.509   15.170  1.00 71.85 ? 351 LYS A C   1 
ATOM   544  O  O   . LYS A 1 72  ? -6.453  3.444   16.088  1.00 71.77 ? 351 LYS A O   1 
ATOM   545  C  CB  . LYS A 1 72  ? -3.523  2.455   16.067  1.00 72.08 ? 351 LYS A CB  1 
ATOM   546  C  CG  . LYS A 1 72  ? -2.380  1.465   15.863  1.00 72.34 ? 351 LYS A CG  1 
ATOM   547  C  CD  . LYS A 1 72  ? -2.881  0.037   15.670  1.00 72.79 ? 351 LYS A CD  1 
ATOM   548  C  CE  . LYS A 1 72  ? -2.139  -0.941  16.578  1.00 73.40 ? 351 LYS A CE  1 
ATOM   549  N  NZ  . LYS A 1 72  ? -2.502  -2.345  16.240  1.00 73.69 ? 351 LYS A NZ  1 
ATOM   550  N  N   . GLN A 1 73  ? -5.610  4.502   14.279  1.00 71.51 ? 352 GLN A N   1 
ATOM   551  C  CA  . GLN A 1 73  ? -6.470  5.678   14.399  1.00 71.27 ? 352 GLN A CA  1 
ATOM   552  C  C   . GLN A 1 73  ? -7.432  5.845   13.226  1.00 70.84 ? 352 GLN A C   1 
ATOM   553  O  O   . GLN A 1 73  ? -7.137  5.448   12.097  1.00 70.81 ? 352 GLN A O   1 
ATOM   554  C  CB  . GLN A 1 73  ? -5.618  6.942   14.557  1.00 71.39 ? 352 GLN A CB  1 
ATOM   555  C  CG  . GLN A 1 73  ? -4.945  7.070   15.920  1.00 72.03 ? 352 GLN A CG  1 
ATOM   556  C  CD  . GLN A 1 73  ? -3.808  8.079   15.933  1.00 72.63 ? 352 GLN A CD  1 
ATOM   557  O  OE1 . GLN A 1 73  ? -3.214  8.380   14.890  1.00 72.24 ? 352 GLN A OE1 1 
ATOM   558  N  NE2 . GLN A 1 73  ? -3.492  8.605   17.122  1.00 72.61 ? 352 GLN A NE2 1 
ATOM   559  N  N   . ASN A 1 74  ? -8.591  6.436   13.512  1.00 70.26 ? 353 ASN A N   1 
ATOM   560  C  CA  . ASN A 1 74  ? -9.531  6.821   12.468  1.00 69.42 ? 353 ASN A CA  1 
ATOM   561  C  C   . ASN A 1 74  ? -9.043  8.055   11.746  1.00 68.83 ? 353 ASN A C   1 
ATOM   562  O  O   . ASN A 1 74  ? -8.928  9.131   12.335  1.00 68.79 ? 353 ASN A O   1 
ATOM   563  C  CB  . ASN A 1 74  ? -10.922 7.055   13.044  1.00 69.42 ? 353 ASN A CB  1 
ATOM   564  C  CG  . ASN A 1 74  ? -11.811 5.854   12.888  1.00 69.45 ? 353 ASN A CG  1 
ATOM   565  O  OD1 . ASN A 1 74  ? -11.428 4.731   13.221  1.00 69.89 ? 353 ASN A OD1 1 
ATOM   566  N  ND2 . ASN A 1 74  ? -13.002 6.075   12.362  1.00 69.48 ? 353 ASN A ND2 1 
ATOM   567  N  N   . ILE A 1 75  ? -8.760  7.896   10.464  1.00 68.07 ? 354 ILE A N   1 
ATOM   568  C  CA  . ILE A 1 75  ? -8.143  8.969   9.710   1.00 67.53 ? 354 ILE A CA  1 
ATOM   569  C  C   . ILE A 1 75  ? -8.854  9.284   8.393   1.00 66.88 ? 354 ILE A C   1 
ATOM   570  O  O   . ILE A 1 75  ? -9.296  8.382   7.685   1.00 66.76 ? 354 ILE A O   1 
ATOM   571  C  CB  . ILE A 1 75  ? -6.634  8.691   9.523   1.00 67.65 ? 354 ILE A CB  1 
ATOM   572  C  CG1 . ILE A 1 75  ? -6.110  9.342   8.242   1.00 68.07 ? 354 ILE A CG1 1 
ATOM   573  C  CG2 . ILE A 1 75  ? -6.361  7.192   9.516   1.00 67.84 ? 354 ILE A CG2 1 
ATOM   574  C  CD1 . ILE A 1 75  ? -4.629  9.204   8.062   1.00 68.66 ? 354 ILE A CD1 1 
ATOM   575  N  N   . GLN A 1 76  ? -8.978  10.579  8.100   1.00 66.15 ? 355 GLN A N   1 
ATOM   576  C  CA  . GLN A 1 76  ? -9.499  11.048  6.830   1.00 65.56 ? 355 GLN A CA  1 
ATOM   577  C  C   . GLN A 1 76  ? -8.383  11.009  5.798   1.00 65.56 ? 355 GLN A C   1 
ATOM   578  O  O   . GLN A 1 76  ? -7.605  11.959  5.667   1.00 65.29 ? 355 GLN A O   1 
ATOM   579  C  CB  . GLN A 1 76  ? -10.046 12.466  6.969   1.00 65.51 ? 355 GLN A CB  1 
ATOM   580  C  CG  . GLN A 1 76  ? -10.840 12.959  5.770   1.00 64.33 ? 355 GLN A CG  1 
ATOM   581  C  CD  . GLN A 1 76  ? -12.183 12.274  5.634   1.00 63.26 ? 355 GLN A CD  1 
ATOM   582  O  OE1 . GLN A 1 76  ? -12.941 12.158  6.599   1.00 63.23 ? 355 GLN A OE1 1 
ATOM   583  N  NE2 . GLN A 1 76  ? -12.488 11.823  4.429   1.00 62.47 ? 355 GLN A NE2 1 
ATOM   584  N  N   . ILE A 1 77  ? -8.305  9.886   5.085   1.00 65.63 ? 356 ILE A N   1 
ATOM   585  C  CA  . ILE A 1 77  ? -7.325  9.670   4.022   1.00 65.60 ? 356 ILE A CA  1 
ATOM   586  C  C   . ILE A 1 77  ? -7.514  10.729  2.958   1.00 65.64 ? 356 ILE A C   1 
ATOM   587  O  O   . ILE A 1 77  ? -8.643  10.978  2.556   1.00 65.76 ? 356 ILE A O   1 
ATOM   588  C  CB  . ILE A 1 77  ? -7.541  8.317   3.310   1.00 65.52 ? 356 ILE A CB  1 
ATOM   589  C  CG1 . ILE A 1 77  ? -7.816  7.174   4.299   1.00 65.59 ? 356 ILE A CG1 1 
ATOM   590  C  CG2 . ILE A 1 77  ? -6.368  8.014   2.390   1.00 65.61 ? 356 ILE A CG2 1 
ATOM   591  C  CD1 . ILE A 1 77  ? -6.639  6.260   4.583   1.00 65.54 ? 356 ILE A CD1 1 
ATOM   592  N  N   . ALA A 1 78  ? -6.425  11.344  2.501   1.00 65.71 ? 357 ALA A N   1 
ATOM   593  C  CA  . ALA A 1 78  ? -6.498  12.275  1.370   1.00 65.87 ? 357 ALA A CA  1 
ATOM   594  C  C   . ALA A 1 78  ? -5.655  11.816  0.183   1.00 66.18 ? 357 ALA A C   1 
ATOM   595  O  O   . ALA A 1 78  ? -6.100  11.884  -0.965  1.00 66.24 ? 357 ALA A O   1 
ATOM   596  C  CB  . ALA A 1 78  ? -6.114  13.670  1.790   1.00 65.86 ? 357 ALA A CB  1 
ATOM   597  N  N   . GLN A 1 79  ? -4.436  11.363  0.454   1.00 66.44 ? 358 GLN A N   1 
ATOM   598  C  CA  . GLN A 1 79  ? -3.605  10.758  -0.585  1.00 66.80 ? 358 GLN A CA  1 
ATOM   599  C  C   . GLN A 1 79  ? -3.055  9.435   -0.078  1.00 66.92 ? 358 GLN A C   1 
ATOM   600  O  O   . GLN A 1 79  ? -3.147  9.145   1.109   1.00 67.16 ? 358 GLN A O   1 
ATOM   601  C  CB  . GLN A 1 79  ? -2.441  11.676  -0.986  1.00 66.83 ? 358 GLN A CB  1 
ATOM   602  C  CG  . GLN A 1 79  ? -2.839  12.967  -1.684  1.00 67.47 ? 358 GLN A CG  1 
ATOM   603  C  CD  . GLN A 1 79  ? -3.180  14.075  -0.701  1.00 68.28 ? 358 GLN A CD  1 
ATOM   604  O  OE1 . GLN A 1 79  ? -2.353  14.466  0.121   1.00 69.30 ? 358 GLN A OE1 1 
ATOM   605  N  NE2 . GLN A 1 79  ? -4.401  14.585  -0.783  1.00 68.12 ? 358 GLN A NE2 1 
ATOM   606  N  N   . VAL A 1 80  ? -2.513  8.626   -0.984  1.00 66.93 ? 359 VAL A N   1 
ATOM   607  C  CA  . VAL A 1 80  ? -1.668  7.495   -0.615  1.00 66.87 ? 359 VAL A CA  1 
ATOM   608  C  C   . VAL A 1 80  ? -0.364  7.681   -1.374  1.00 66.98 ? 359 VAL A C   1 
ATOM   609  O  O   . VAL A 1 80  ? -0.363  8.206   -2.481  1.00 67.33 ? 359 VAL A O   1 
ATOM   610  C  CB  . VAL A 1 80  ? -2.321  6.142   -0.963  1.00 66.77 ? 359 VAL A CB  1 
ATOM   611  C  CG1 . VAL A 1 80  ? -1.399  4.993   -0.620  1.00 66.64 ? 359 VAL A CG1 1 
ATOM   612  C  CG2 . VAL A 1 80  ? -3.603  5.977   -0.193  1.00 66.74 ? 359 VAL A CG2 1 
ATOM   613  N  N   . GLU A 1 81  ? 0.745   7.279   -0.776  1.00 66.97 ? 360 GLU A N   1 
ATOM   614  C  CA  . GLU A 1 81  ? 2.038   7.417   -1.418  1.00 67.38 ? 360 GLU A CA  1 
ATOM   615  C  C   . GLU A 1 81  ? 2.746   6.054   -1.430  1.00 67.31 ? 360 GLU A C   1 
ATOM   616  O  O   . GLU A 1 81  ? 2.756   5.334   -0.425  1.00 67.76 ? 360 GLU A O   1 
ATOM   617  C  CB  . GLU A 1 81  ? 2.870   8.477   -0.686  1.00 67.26 ? 360 GLU A CB  1 
ATOM   618  C  CG  . GLU A 1 81  ? 3.472   9.530   -1.609  1.00 68.05 ? 360 GLU A CG  1 
ATOM   619  C  CD  . GLU A 1 81  ? 4.241   10.640  -0.872  1.00 68.51 ? 360 GLU A CD  1 
ATOM   620  O  OE1 . GLU A 1 81  ? 5.250   10.315  -0.185  1.00 70.42 ? 360 GLU A OE1 1 
ATOM   621  O  OE2 . GLU A 1 81  ? 3.860   11.840  -1.010  1.00 69.31 ? 360 GLU A OE2 1 
ATOM   622  N  N   . LEU A 1 82  ? 3.318   5.677   -2.563  1.00 66.99 ? 361 LEU A N   1 
ATOM   623  C  CA  . LEU A 1 82  ? 4.086   4.449   -2.608  1.00 66.69 ? 361 LEU A CA  1 
ATOM   624  C  C   . LEU A 1 82  ? 5.479   4.741   -3.095  1.00 66.83 ? 361 LEU A C   1 
ATOM   625  O  O   . LEU A 1 82  ? 5.657   5.314   -4.173  1.00 67.19 ? 361 LEU A O   1 
ATOM   626  C  CB  . LEU A 1 82  ? 3.433   3.428   -3.526  1.00 66.61 ? 361 LEU A CB  1 
ATOM   627  C  CG  . LEU A 1 82  ? 2.081   2.878   -3.115  1.00 66.17 ? 361 LEU A CG  1 
ATOM   628  C  CD1 . LEU A 1 82  ? 1.684   1.800   -4.088  1.00 66.23 ? 361 LEU A CD1 1 
ATOM   629  C  CD2 . LEU A 1 82  ? 2.183   2.315   -1.735  1.00 66.39 ? 361 LEU A CD2 1 
ATOM   630  N  N   . LEU A 1 83  ? 6.465   4.366   -2.286  1.00 66.68 ? 362 LEU A N   1 
ATOM   631  C  CA  . LEU A 1 83  ? 7.851   4.413   -2.711  1.00 66.38 ? 362 LEU A CA  1 
ATOM   632  C  C   . LEU A 1 83  ? 8.180   3.078   -3.397  1.00 66.35 ? 362 LEU A C   1 
ATOM   633  O  O   . LEU A 1 83  ? 8.226   2.040   -2.727  1.00 66.58 ? 362 LEU A O   1 
ATOM   634  C  CB  . LEU A 1 83  ? 8.782   4.697   -1.520  1.00 66.22 ? 362 LEU A CB  1 
ATOM   635  C  CG  . LEU A 1 83  ? 10.215  5.144   -1.859  1.00 66.03 ? 362 LEU A CG  1 
ATOM   636  C  CD1 . LEU A 1 83  ? 10.266  6.498   -2.549  1.00 65.14 ? 362 LEU A CD1 1 
ATOM   637  C  CD2 . LEU A 1 83  ? 11.075  5.168   -0.636  1.00 66.21 ? 362 LEU A CD2 1 
ATOM   638  N  N   . PRO A 1 84  ? 8.372   3.096   -4.736  1.00 66.14 ? 363 PRO A N   1 
ATOM   639  C  CA  . PRO A 1 84  ? 8.734   1.904   -5.505  1.00 66.21 ? 363 PRO A CA  1 
ATOM   640  C  C   . PRO A 1 84  ? 10.177  1.464   -5.248  1.00 66.42 ? 363 PRO A C   1 
ATOM   641  O  O   . PRO A 1 84  ? 10.980  2.253   -4.747  1.00 66.49 ? 363 PRO A O   1 
ATOM   642  C  CB  . PRO A 1 84  ? 8.587   2.372   -6.965  1.00 66.11 ? 363 PRO A CB  1 
ATOM   643  C  CG  . PRO A 1 84  ? 7.831   3.639   -6.907  1.00 65.92 ? 363 PRO A CG  1 
ATOM   644  C  CD  . PRO A 1 84  ? 8.241   4.264   -5.621  1.00 66.07 ? 363 PRO A CD  1 
ATOM   645  N  N   . ARG A 1 85  ? 10.518  0.223   -5.592  1.00 66.64 ? 364 ARG A N   1 
ATOM   646  C  CA  . ARG A 1 85  ? 11.893  -0.225  -5.397  1.00 66.81 ? 364 ARG A CA  1 
ATOM   647  C  C   . ARG A 1 85  ? 12.857  0.632   -6.191  1.00 66.66 ? 364 ARG A C   1 
ATOM   648  O  O   . ARG A 1 85  ? 13.919  0.977   -5.684  1.00 66.80 ? 364 ARG A O   1 
ATOM   649  C  CB  . ARG A 1 85  ? 12.092  -1.704  -5.724  1.00 66.72 ? 364 ARG A CB  1 
ATOM   650  C  CG  . ARG A 1 85  ? 13.260  -2.303  -4.933  1.00 67.14 ? 364 ARG A CG  1 
ATOM   651  C  CD  . ARG A 1 85  ? 13.436  -3.812  -5.140  1.00 67.51 ? 364 ARG A CD  1 
ATOM   652  N  NE  . ARG A 1 85  ? 14.347  -4.153  -6.243  1.00 68.96 ? 364 ARG A NE  1 
ATOM   653  C  CZ  . ARG A 1 85  ? 15.029  -5.296  -6.351  1.00 68.86 ? 364 ARG A CZ  1 
ATOM   654  N  NH1 . ARG A 1 85  ? 14.937  -6.233  -5.416  1.00 69.22 ? 364 ARG A NH1 1 
ATOM   655  N  NH2 . ARG A 1 85  ? 15.820  -5.506  -7.398  1.00 68.97 ? 364 ARG A NH2 1 
ATOM   656  N  N   . GLY A 1 86  ? 12.482  0.975   -7.425  1.00 66.66 ? 365 GLY A N   1 
ATOM   657  C  CA  . GLY A 1 86  ? 13.269  1.881   -8.279  1.00 66.85 ? 365 GLY A CA  1 
ATOM   658  C  C   . GLY A 1 86  ? 14.734  1.506   -8.463  1.00 66.91 ? 365 GLY A C   1 
ATOM   659  O  O   . GLY A 1 86  ? 15.128  0.369   -8.204  1.00 67.09 ? 365 GLY A O   1 
ATOM   660  N  N   . ARG A 1 87  ? 15.545  2.470   -8.896  1.00 66.97 ? 366 ARG A N   1 
ATOM   661  C  CA  . ARG A 1 87  ? 16.985  2.266   -9.087  1.00 66.95 ? 366 ARG A CA  1 
ATOM   662  C  C   . ARG A 1 87  ? 17.224  1.132   -10.084 1.00 67.21 ? 366 ARG A C   1 
ATOM   663  O  O   . ARG A 1 87  ? 17.990  0.210   -9.811  1.00 67.29 ? 366 ARG A O   1 
ATOM   664  C  CB  . ARG A 1 87  ? 17.680  1.943   -7.751  1.00 66.99 ? 366 ARG A CB  1 
ATOM   665  C  CG  . ARG A 1 87  ? 17.252  2.800   -6.566  1.00 66.81 ? 366 ARG A CG  1 
ATOM   666  C  CD  . ARG A 1 87  ? 17.578  2.140   -5.229  1.00 66.34 ? 366 ARG A CD  1 
ATOM   667  N  NE  . ARG A 1 87  ? 17.101  2.947   -4.103  1.00 65.26 ? 366 ARG A NE  1 
ATOM   668  C  CZ  . ARG A 1 87  ? 17.385  2.724   -2.819  1.00 64.31 ? 366 ARG A CZ  1 
ATOM   669  N  NH1 . ARG A 1 87  ? 18.150  1.702   -2.463  1.00 63.18 ? 366 ARG A NH1 1 
ATOM   670  N  NH2 . ARG A 1 87  ? 16.890  3.525   -1.881  1.00 64.00 ? 366 ARG A NH2 1 
ATOM   671  N  N   . GLY A 1 88  ? 16.520  1.174   -11.213 1.00 67.40 ? 367 GLY A N   1 
ATOM   672  C  CA  . GLY A 1 88  ? 16.752  0.240   -12.322 1.00 67.43 ? 367 GLY A CA  1 
ATOM   673  C  C   . GLY A 1 88  ? 16.261  -1.183  -12.130 1.00 67.50 ? 367 GLY A C   1 
ATOM   674  O  O   . GLY A 1 88  ? 16.381  -2.006  -13.038 1.00 67.67 ? 367 GLY A O   1 
ATOM   675  N  N   . SER A 1 89  ? 15.700  -1.468  -10.956 1.00 67.50 ? 368 SER A N   1 
ATOM   676  C  CA  . SER A 1 89  ? 15.244  -2.813  -10.590 1.00 67.39 ? 368 SER A CA  1 
ATOM   677  C  C   . SER A 1 89  ? 14.124  -3.330  -11.481 1.00 67.48 ? 368 SER A C   1 
ATOM   678  O  O   . SER A 1 89  ? 13.351  -2.547  -12.028 1.00 67.48 ? 368 SER A O   1 
ATOM   679  C  CB  . SER A 1 89  ? 14.751  -2.813  -9.149  1.00 67.29 ? 368 SER A CB  1 
ATOM   680  O  OG  . SER A 1 89  ? 13.547  -2.075  -9.026  1.00 66.70 ? 368 SER A OG  1 
ATOM   681  N  N   . ASN A 1 90  ? 14.035  -4.648  -11.622 1.00 67.67 ? 369 ASN A N   1 
ATOM   682  C  CA  . ASN A 1 90  ? 12.898  -5.243  -12.296 1.00 67.88 ? 369 ASN A CA  1 
ATOM   683  C  C   . ASN A 1 90  ? 11.733  -5.306  -11.324 1.00 67.89 ? 369 ASN A C   1 
ATOM   684  O  O   . ASN A 1 90  ? 11.673  -6.181  -10.462 1.00 68.18 ? 369 ASN A O   1 
ATOM   685  C  CB  . ASN A 1 90  ? 13.210  -6.643  -12.828 1.00 68.07 ? 369 ASN A CB  1 
ATOM   686  C  CG  . ASN A 1 90  ? 12.208  -7.093  -13.879 1.00 68.76 ? 369 ASN A CG  1 
ATOM   687  O  OD1 . ASN A 1 90  ? 12.037  -6.427  -14.910 1.00 70.31 ? 369 ASN A OD1 1 
ATOM   688  N  ND2 . ASN A 1 90  ? 11.527  -8.212  -13.624 1.00 68.31 ? 369 ASN A ND2 1 
ATOM   689  N  N   . ASN A 1 91  ? 10.811  -4.365  -11.456 1.00 67.71 ? 370 ASN A N   1 
ATOM   690  C  CA  . ASN A 1 91  ? 9.665   -4.314  -10.577 1.00 67.49 ? 370 ASN A CA  1 
ATOM   691  C  C   . ASN A 1 91  ? 8.427   -4.026  -11.420 1.00 67.15 ? 370 ASN A C   1 
ATOM   692  O  O   . ASN A 1 91  ? 7.892   -2.922  -11.386 1.00 67.64 ? 370 ASN A O   1 
ATOM   693  C  CB  . ASN A 1 91  ? 9.902   -3.237  -9.523  1.00 67.71 ? 370 ASN A CB  1 
ATOM   694  C  CG  . ASN A 1 91  ? 8.803   -3.174  -8.482  1.00 68.78 ? 370 ASN A CG  1 
ATOM   695  O  OD1 . ASN A 1 91  ? 8.213   -4.194  -8.113  1.00 69.55 ? 370 ASN A OD1 1 
ATOM   696  N  ND2 . ASN A 1 91  ? 8.524   -1.961  -7.995  1.00 69.03 ? 370 ASN A ND2 1 
ATOM   697  N  N   . PRO A 1 92  ? 7.981   -5.017  -12.212 1.00 66.56 ? 371 PRO A N   1 
ATOM   698  C  CA  . PRO A 1 92  ? 6.985   -4.799  -13.253 1.00 66.00 ? 371 PRO A CA  1 
ATOM   699  C  C   . PRO A 1 92  ? 5.522   -4.699  -12.779 1.00 65.62 ? 371 PRO A C   1 
ATOM   700  O  O   . PRO A 1 92  ? 4.612   -5.165  -13.480 1.00 65.70 ? 371 PRO A O   1 
ATOM   701  C  CB  . PRO A 1 92  ? 7.178   -6.014  -14.143 1.00 65.90 ? 371 PRO A CB  1 
ATOM   702  C  CG  . PRO A 1 92  ? 7.567   -7.079  -13.192 1.00 66.45 ? 371 PRO A CG  1 
ATOM   703  C  CD  . PRO A 1 92  ? 8.419   -6.422  -12.169 1.00 66.51 ? 371 PRO A CD  1 
ATOM   704  N  N   . ILE A 1 93  ? 5.299   -4.098  -11.613 1.00 64.99 ? 372 ILE A N   1 
ATOM   705  C  CA  . ILE A 1 93  ? 3.954   -3.731  -11.197 1.00 64.67 ? 372 ILE A CA  1 
ATOM   706  C  C   . ILE A 1 93  ? 3.456   -2.685  -12.172 1.00 64.71 ? 372 ILE A C   1 
ATOM   707  O  O   . ILE A 1 93  ? 4.173   -1.742  -12.477 1.00 65.01 ? 372 ILE A O   1 
ATOM   708  C  CB  . ILE A 1 93  ? 3.933   -3.111  -9.800  1.00 64.42 ? 372 ILE A CB  1 
ATOM   709  C  CG1 . ILE A 1 93  ? 4.545   -4.066  -8.787  1.00 64.52 ? 372 ILE A CG1 1 
ATOM   710  C  CG2 . ILE A 1 93  ? 2.523   -2.786  -9.400  1.00 64.50 ? 372 ILE A CG2 1 
ATOM   711  C  CD1 . ILE A 1 93  ? 4.698   -3.497  -7.417  1.00 63.87 ? 372 ILE A CD1 1 
ATOM   712  N  N   . LYS A 1 94  ? 2.242   -2.852  -12.676 1.00 64.75 ? 373 LYS A N   1 
ATOM   713  C  CA  . LYS A 1 94  ? 1.680   -1.881  -13.601 1.00 64.78 ? 373 LYS A CA  1 
ATOM   714  C  C   . LYS A 1 94  ? 0.437   -1.240  -13.030 1.00 64.50 ? 373 LYS A C   1 
ATOM   715  O  O   . LYS A 1 94  ? 0.167   -0.087  -13.293 1.00 64.59 ? 373 LYS A O   1 
ATOM   716  C  CB  . LYS A 1 94  ? 1.376   -2.516  -14.954 1.00 65.02 ? 373 LYS A CB  1 
ATOM   717  C  CG  . LYS A 1 94  ? 2.410   -3.531  -15.383 1.00 66.40 ? 373 LYS A CG  1 
ATOM   718  C  CD  . LYS A 1 94  ? 2.713   -3.489  -16.870 1.00 68.52 ? 373 LYS A CD  1 
ATOM   719  C  CE  . LYS A 1 94  ? 3.567   -4.703  -17.252 1.00 69.60 ? 373 LYS A CE  1 
ATOM   720  N  NZ  . LYS A 1 94  ? 4.416   -4.461  -18.460 1.00 71.60 ? 373 LYS A NZ  1 
ATOM   721  N  N   . VAL A 1 95  ? -0.319  -1.989  -12.246 1.00 64.40 ? 374 VAL A N   1 
ATOM   722  C  CA  . VAL A 1 95  ? -1.543  -1.474  -11.649 1.00 64.36 ? 374 VAL A CA  1 
ATOM   723  C  C   . VAL A 1 95  ? -1.583  -1.858  -10.181 1.00 64.58 ? 374 VAL A C   1 
ATOM   724  O  O   . VAL A 1 95  ? -1.336  -3.020  -9.851  1.00 65.02 ? 374 VAL A O   1 
ATOM   725  C  CB  . VAL A 1 95  ? -2.799  -2.048  -12.358 1.00 64.18 ? 374 VAL A CB  1 
ATOM   726  C  CG1 . VAL A 1 95  ? -4.060  -1.639  -11.630 1.00 64.21 ? 374 VAL A CG1 1 
ATOM   727  C  CG2 . VAL A 1 95  ? -2.868  -1.573  -13.789 1.00 63.54 ? 374 VAL A CG2 1 
ATOM   728  N  N   . VAL A 1 96  ? -1.871  -0.893  -9.305  1.00 64.59 ? 375 VAL A N   1 
ATOM   729  C  CA  . VAL A 1 96  ? -2.162  -1.187  -7.895  1.00 64.73 ? 375 VAL A CA  1 
ATOM   730  C  C   . VAL A 1 96  ? -3.577  -0.745  -7.582  1.00 65.17 ? 375 VAL A C   1 
ATOM   731  O  O   . VAL A 1 96  ? -4.123  0.117   -8.274  1.00 65.50 ? 375 VAL A O   1 
ATOM   732  C  CB  . VAL A 1 96  ? -1.186  -0.501  -6.903  1.00 64.41 ? 375 VAL A CB  1 
ATOM   733  C  CG1 . VAL A 1 96  ? 0.216   -1.006  -7.090  1.00 64.27 ? 375 VAL A CG1 1 
ATOM   734  C  CG2 . VAL A 1 96  ? -1.213  0.992   -7.051  1.00 64.10 ? 375 VAL A CG2 1 
ATOM   735  N  N   . GLU A 1 97  ? -4.170  -1.326  -6.545  1.00 65.57 ? 376 GLU A N   1 
ATOM   736  C  CA  . GLU A 1 97  ? -5.502  -0.909  -6.087  1.00 65.89 ? 376 GLU A CA  1 
ATOM   737  C  C   . GLU A 1 97  ? -5.525  -0.644  -4.595  1.00 65.87 ? 376 GLU A C   1 
ATOM   738  O  O   . GLU A 1 97  ? -4.959  -1.414  -3.813  1.00 66.14 ? 376 GLU A O   1 
ATOM   739  C  CB  . GLU A 1 97  ? -6.548  -1.970  -6.416  1.00 65.91 ? 376 GLU A CB  1 
ATOM   740  C  CG  . GLU A 1 97  ? -6.874  -2.081  -7.874  1.00 66.79 ? 376 GLU A CG  1 
ATOM   741  C  CD  . GLU A 1 97  ? -7.749  -3.277  -8.164  1.00 68.68 ? 376 GLU A CD  1 
ATOM   742  O  OE1 . GLU A 1 97  ? -7.939  -4.081  -7.225  1.00 68.91 ? 376 GLU A OE1 1 
ATOM   743  O  OE2 . GLU A 1 97  ? -8.241  -3.423  -9.322  1.00 69.69 ? 376 GLU A OE2 1 
ATOM   744  N  N   . PHE A 1 98  ? -6.189  0.436   -4.196  1.00 65.73 ? 377 PHE A N   1 
ATOM   745  C  CA  . PHE A 1 98  ? -6.398  0.698   -2.780  1.00 65.77 ? 377 PHE A CA  1 
ATOM   746  C  C   . PHE A 1 98  ? -7.851  0.581   -2.385  1.00 66.15 ? 377 PHE A C   1 
ATOM   747  O  O   . PHE A 1 98  ? -8.754  1.005   -3.121  1.00 66.48 ? 377 PHE A O   1 
ATOM   748  C  CB  . PHE A 1 98  ? -5.922  2.080   -2.415  1.00 65.29 ? 377 PHE A CB  1 
ATOM   749  C  CG  . PHE A 1 98  ? -4.530  2.335   -2.792  1.00 64.68 ? 377 PHE A CG  1 
ATOM   750  C  CD1 . PHE A 1 98  ? -3.498  1.911   -1.976  1.00 64.55 ? 377 PHE A CD1 1 
ATOM   751  C  CD2 . PHE A 1 98  ? -4.237  3.009   -3.970  1.00 64.31 ? 377 PHE A CD2 1 
ATOM   752  C  CE1 . PHE A 1 98  ? -2.178  2.165   -2.322  1.00 64.97 ? 377 PHE A CE1 1 
ATOM   753  C  CE2 . PHE A 1 98  ? -2.922  3.268   -4.339  1.00 64.00 ? 377 PHE A CE2 1 
ATOM   754  C  CZ  . PHE A 1 98  ? -1.887  2.847   -3.510  1.00 64.75 ? 377 PHE A CZ  1 
ATOM   755  N  N   . ALA A 1 99  ? -8.068  0.007   -1.212  1.00 66.23 ? 378 ALA A N   1 
ATOM   756  C  CA  . ALA A 1 99  ? -9.377  -0.009  -0.616  1.00 66.42 ? 378 ALA A CA  1 
ATOM   757  C  C   . ALA A 1 99  ? -9.165  0.450   0.814   1.00 66.63 ? 378 ALA A C   1 
ATOM   758  O  O   . ALA A 1 99  ? -8.019  0.557   1.255   1.00 66.78 ? 378 ALA A O   1 
ATOM   759  C  CB  . ALA A 1 99  ? -9.940  -1.400  -0.673  1.00 66.57 ? 378 ALA A CB  1 
ATOM   760  N  N   . ALA A 1 100 ? -10.244 0.747   1.531   1.00 66.77 ? 379 ALA A N   1 
ATOM   761  C  CA  . ALA A 1 100 ? -10.138 1.140   2.936   1.00 67.10 ? 379 ALA A CA  1 
ATOM   762  C  C   . ALA A 1 100 ? -11.419 0.862   3.735   1.00 67.43 ? 379 ALA A C   1 
ATOM   763  O  O   . ALA A 1 100 ? -12.504 0.710   3.151   1.00 67.43 ? 379 ALA A O   1 
ATOM   764  C  CB  . ALA A 1 100 ? -9.724  2.596   3.058   1.00 67.04 ? 379 ALA A CB  1 
ATOM   765  N  N   . SER A 1 101 ? -11.283 0.795   5.065   1.00 67.63 ? 380 SER A N   1 
ATOM   766  C  CA  . SER A 1 101 ? -12.388 0.400   5.948   1.00 67.81 ? 380 SER A CA  1 
ATOM   767  C  C   . SER A 1 101 ? -12.284 0.909   7.393   1.00 67.74 ? 380 SER A C   1 
ATOM   768  O  O   . SER A 1 101 ? -11.185 1.033   7.937   1.00 67.80 ? 380 SER A O   1 
ATOM   769  C  CB  . SER A 1 101 ? -12.511 -1.122  5.963   1.00 67.82 ? 380 SER A CB  1 
ATOM   770  O  OG  . SER A 1 101 ? -13.643 -1.516  6.720   1.00 68.41 ? 380 SER A OG  1 
ATOM   771  N  N   . GLU A 1 102 ? -13.438 1.176   8.008   1.00 67.63 ? 381 GLU A N   1 
ATOM   772  C  CA  . GLU A 1 102 ? -13.503 1.596   9.419   1.00 67.81 ? 381 GLU A CA  1 
ATOM   773  C  C   . GLU A 1 102 ? -13.467 0.397   10.366  1.00 67.68 ? 381 GLU A C   1 
ATOM   774  O  O   . GLU A 1 102 ? -12.832 0.441   11.415  1.00 67.54 ? 381 GLU A O   1 
ATOM   775  C  CB  . GLU A 1 102 ? -14.767 2.421   9.698   1.00 67.85 ? 381 GLU A CB  1 
ATOM   776  C  CG  . GLU A 1 102 ? -14.781 3.822   9.090   1.00 67.96 ? 381 GLU A CG  1 
ATOM   777  C  CD  . GLU A 1 102 ? -15.992 4.638   9.532   1.00 68.08 ? 381 GLU A CD  1 
ATOM   778  O  OE1 . GLU A 1 102 ? -16.175 4.845   10.750  1.00 68.37 ? 381 GLU A OE1 1 
ATOM   779  O  OE2 . GLU A 1 102 ? -16.764 5.082   8.660   1.00 68.57 ? 381 GLU A OE2 1 
ATOM   780  N  N   . ASP A 1 103 ? -14.189 -0.653  9.990   1.00 67.74 ? 382 ASP A N   1 
ATOM   781  C  CA  . ASP A 1 103 ? -14.121 -1.958  10.638  1.00 67.83 ? 382 ASP A CA  1 
ATOM   782  C  C   . ASP A 1 103 ? -13.475 -2.910  9.638   1.00 67.63 ? 382 ASP A C   1 
ATOM   783  O  O   . ASP A 1 103 ? -13.617 -2.738  8.422   1.00 67.64 ? 382 ASP A O   1 
ATOM   784  C  CB  . ASP A 1 103 ? -15.527 -2.453  10.941  1.00 68.07 ? 382 ASP A CB  1 
ATOM   785  C  CG  . ASP A 1 103 ? -16.367 -2.604  9.681   1.00 68.99 ? 382 ASP A CG  1 
ATOM   786  O  OD1 . ASP A 1 103 ? -17.098 -1.645  9.328   1.00 69.79 ? 382 ASP A OD1 1 
ATOM   787  O  OD2 . ASP A 1 103 ? -16.262 -3.667  9.026   1.00 69.71 ? 382 ASP A OD2 1 
ATOM   788  N  N   . ASN A 1 104 ? -12.790 -3.933  10.129  1.00 67.16 ? 383 ASN A N   1 
ATOM   789  C  CA  . ASN A 1 104 ? -12.035 -4.790  9.227   1.00 66.72 ? 383 ASN A CA  1 
ATOM   790  C  C   . ASN A 1 104 ? -12.894 -5.598  8.241   1.00 66.53 ? 383 ASN A C   1 
ATOM   791  O  O   . ASN A 1 104 ? -12.354 -6.351  7.426   1.00 66.44 ? 383 ASN A O   1 
ATOM   792  C  CB  . ASN A 1 104 ? -11.122 -5.716  10.023  1.00 66.71 ? 383 ASN A CB  1 
ATOM   793  C  CG  . ASN A 1 104 ? -9.777  -5.909  9.366   1.00 66.58 ? 383 ASN A CG  1 
ATOM   794  O  OD1 . ASN A 1 104 ? -9.676  -6.055  8.143   1.00 67.44 ? 383 ASN A OD1 1 
ATOM   795  N  ND2 . ASN A 1 104 ? -8.728  -5.907  10.174  1.00 66.01 ? 383 ASN A ND2 1 
ATOM   796  N  N   . VAL A 1 105 ? -14.220 -5.428  8.292   1.00 66.28 ? 384 VAL A N   1 
ATOM   797  C  CA  . VAL A 1 105 ? -15.124 -6.309  7.530   1.00 65.87 ? 384 VAL A CA  1 
ATOM   798  C  C   . VAL A 1 105 ? -15.693 -5.719  6.223   1.00 65.62 ? 384 VAL A C   1 
ATOM   799  O  O   . VAL A 1 105 ? -15.724 -6.410  5.204   1.00 65.68 ? 384 VAL A O   1 
ATOM   800  C  CB  . VAL A 1 105 ? -16.227 -6.992  8.429   1.00 65.74 ? 384 VAL A CB  1 
ATOM   801  C  CG1 . VAL A 1 105 ? -15.846 -6.931  9.907   1.00 65.38 ? 384 VAL A CG1 1 
ATOM   802  C  CG2 . VAL A 1 105 ? -17.597 -6.390  8.208   1.00 65.68 ? 384 VAL A CG2 1 
ATOM   803  N  N   . ASN A 1 106 ? -16.121 -4.459  6.236   1.00 65.25 ? 385 ASN A N   1 
ATOM   804  C  CA  . ASN A 1 106 ? -16.694 -3.859  5.026   1.00 65.08 ? 385 ASN A CA  1 
ATOM   805  C  C   . ASN A 1 106 ? -15.721 -2.916  4.339   1.00 64.95 ? 385 ASN A C   1 
ATOM   806  O  O   . ASN A 1 106 ? -15.334 -1.906  4.919   1.00 65.23 ? 385 ASN A O   1 
ATOM   807  C  CB  . ASN A 1 106 ? -17.998 -3.115  5.346   1.00 65.09 ? 385 ASN A CB  1 
ATOM   808  C  CG  . ASN A 1 106 ? -19.080 -4.026  5.910   1.00 65.03 ? 385 ASN A CG  1 
ATOM   809  O  OD1 . ASN A 1 106 ? -19.285 -5.147  5.438   1.00 65.15 ? 385 ASN A OD1 1 
ATOM   810  N  ND2 . ASN A 1 106 ? -19.782 -3.543  6.926   1.00 64.67 ? 385 ASN A ND2 1 
ATOM   811  N  N   . TRP A 1 107 ? -15.338 -3.224  3.104   1.00 64.56 ? 386 TRP A N   1 
ATOM   812  C  CA  . TRP A 1 107 ? -14.391 -2.370  2.381   1.00 64.28 ? 386 TRP A CA  1 
ATOM   813  C  C   . TRP A 1 107 ? -15.035 -1.516  1.289   1.00 64.31 ? 386 TRP A C   1 
ATOM   814  O  O   . TRP A 1 107 ? -15.895 -1.996  0.550   1.00 64.32 ? 386 TRP A O   1 
ATOM   815  C  CB  . TRP A 1 107 ? -13.266 -3.216  1.783   1.00 64.01 ? 386 TRP A CB  1 
ATOM   816  C  CG  . TRP A 1 107 ? -12.476 -3.944  2.821   1.00 63.64 ? 386 TRP A CG  1 
ATOM   817  C  CD1 . TRP A 1 107 ? -12.800 -5.126  3.397   1.00 63.25 ? 386 TRP A CD1 1 
ATOM   818  C  CD2 . TRP A 1 107 ? -11.231 -3.533  3.414   1.00 63.11 ? 386 TRP A CD2 1 
ATOM   819  N  NE1 . TRP A 1 107 ? -11.841 -5.484  4.313   1.00 63.66 ? 386 TRP A NE1 1 
ATOM   820  C  CE2 . TRP A 1 107 ? -10.866 -4.523  4.344   1.00 63.11 ? 386 TRP A CE2 1 
ATOM   821  C  CE3 . TRP A 1 107 ? -10.394 -2.425  3.247   1.00 62.65 ? 386 TRP A CE3 1 
ATOM   822  C  CZ2 . TRP A 1 107 ? -9.702  -4.443  5.113   1.00 63.02 ? 386 TRP A CZ2 1 
ATOM   823  C  CZ3 . TRP A 1 107 ? -9.246  -2.342  4.012   1.00 63.05 ? 386 TRP A CZ3 1 
ATOM   824  C  CH2 . TRP A 1 107 ? -8.910  -3.346  4.934   1.00 63.06 ? 386 TRP A CH2 1 
ATOM   825  N  N   . THR A 1 108 ? -14.635 -0.246  1.208   1.00 64.35 ? 387 THR A N   1 
ATOM   826  C  CA  . THR A 1 108 ? -14.951 0.593   0.037   1.00 64.35 ? 387 THR A CA  1 
ATOM   827  C  C   . THR A 1 108 ? -13.670 0.818   -0.760  1.00 64.44 ? 387 THR A C   1 
ATOM   828  O  O   . THR A 1 108 ? -12.654 1.249   -0.201  1.00 64.74 ? 387 THR A O   1 
ATOM   829  C  CB  . THR A 1 108 ? -15.616 1.977   0.374   1.00 64.11 ? 387 THR A CB  1 
ATOM   830  O  OG1 . THR A 1 108 ? -14.817 2.688   1.323   1.00 63.79 ? 387 THR A OG1 1 
ATOM   831  C  CG2 . THR A 1 108 ? -17.036 1.814   0.922   1.00 63.98 ? 387 THR A CG2 1 
ATOM   832  N  N   . PRO A 1 109 ? -13.695 0.489   -2.063  1.00 64.31 ? 388 PRO A N   1 
ATOM   833  C  CA  . PRO A 1 109 ? -12.545 0.775   -2.929  1.00 64.37 ? 388 PRO A CA  1 
ATOM   834  C  C   . PRO A 1 109 ? -12.299 2.277   -3.063  1.00 64.29 ? 388 PRO A C   1 
ATOM   835  O  O   . PRO A 1 109 ? -13.241 3.018   -3.329  1.00 64.46 ? 388 PRO A O   1 
ATOM   836  C  CB  . PRO A 1 109 ? -12.968 0.182   -4.283  1.00 64.36 ? 388 PRO A CB  1 
ATOM   837  C  CG  . PRO A 1 109 ? -14.454 0.055   -4.208  1.00 64.12 ? 388 PRO A CG  1 
ATOM   838  C  CD  . PRO A 1 109 ? -14.784 -0.194  -2.780  1.00 64.11 ? 388 PRO A CD  1 
ATOM   839  N  N   . ILE A 1 110 ? -11.058 2.725   -2.884  1.00 64.15 ? 389 ILE A N   1 
ATOM   840  C  CA  . ILE A 1 110 ? -10.754 4.159   -3.034  1.00 64.22 ? 389 ILE A CA  1 
ATOM   841  C  C   . ILE A 1 110 ? -9.829  4.551   -4.195  1.00 64.21 ? 389 ILE A C   1 
ATOM   842  O  O   . ILE A 1 110 ? -9.267  5.652   -4.221  1.00 63.94 ? 389 ILE A O   1 
ATOM   843  C  CB  . ILE A 1 110 ? -10.252 4.783   -1.739  1.00 64.12 ? 389 ILE A CB  1 
ATOM   844  C  CG1 . ILE A 1 110 ? -8.939  4.119   -1.308  1.00 64.34 ? 389 ILE A CG1 1 
ATOM   845  C  CG2 . ILE A 1 110 ? -11.347 4.703   -0.702  1.00 64.05 ? 389 ILE A CG2 1 
ATOM   846  C  CD1 . ILE A 1 110 ? -8.164  4.882   -0.245  1.00 64.71 ? 389 ILE A CD1 1 
ATOM   847  N  N   . GLY A 1 111 ? -9.705  3.660   -5.167  1.00 64.24 ? 390 GLY A N   1 
ATOM   848  C  CA  . GLY A 1 111 ? -9.022  4.006   -6.389  1.00 64.15 ? 390 GLY A CA  1 
ATOM   849  C  C   . GLY A 1 111 ? -8.238  2.855   -6.955  1.00 64.12 ? 390 GLY A C   1 
ATOM   850  O  O   . GLY A 1 111 ? -7.870  1.918   -6.245  1.00 63.91 ? 390 GLY A O   1 
ATOM   851  N  N   . ARG A 1 112 ? -8.005  2.955   -8.258  1.00 64.20 ? 391 ARG A N   1 
ATOM   852  C  CA  . ARG A 1 112 ? -7.193  2.030   -9.014  1.00 64.44 ? 391 ARG A CA  1 
ATOM   853  C  C   . ARG A 1 112 ? -6.224  2.852   -9.810  1.00 64.54 ? 391 ARG A C   1 
ATOM   854  O  O   . ARG A 1 112 ? -6.649  3.673   -10.619 1.00 65.06 ? 391 ARG A O   1 
ATOM   855  C  CB  . ARG A 1 112 ? -8.071  1.297   -9.996  1.00 64.56 ? 391 ARG A CB  1 
ATOM   856  C  CG  . ARG A 1 112 ? -7.338  0.354   -10.898 1.00 65.00 ? 391 ARG A CG  1 
ATOM   857  C  CD  . ARG A 1 112 ? -8.355  -0.408  -11.671 1.00 66.34 ? 391 ARG A CD  1 
ATOM   858  N  NE  . ARG A 1 112 ? -7.963  -1.795  -11.852 1.00 67.63 ? 391 ARG A NE  1 
ATOM   859  C  CZ  . ARG A 1 112 ? -7.325  -2.254  -12.924 1.00 68.88 ? 391 ARG A CZ  1 
ATOM   860  N  NH1 . ARG A 1 112 ? -6.988  -1.430  -13.935 1.00 68.49 ? 391 ARG A NH1 1 
ATOM   861  N  NH2 . ARG A 1 112 ? -7.024  -3.549  -12.975 1.00 69.14 ? 391 ARG A NH2 1 
ATOM   862  N  N   . PHE A 1 113 ? -4.932  2.640   -9.613  1.00 64.32 ? 392 PHE A N   1 
ATOM   863  C  CA  . PHE A 1 113 ? -3.981  3.518   -10.249 1.00 64.30 ? 392 PHE A CA  1 
ATOM   864  C  C   . PHE A 1 113 ? -2.908  2.789   -11.004 1.00 64.33 ? 392 PHE A C   1 
ATOM   865  O  O   . PHE A 1 113 ? -2.605  1.638   -10.708 1.00 64.32 ? 392 PHE A O   1 
ATOM   866  C  CB  . PHE A 1 113 ? -3.317  4.408   -9.219  1.00 64.33 ? 392 PHE A CB  1 
ATOM   867  C  CG  . PHE A 1 113 ? -4.267  5.195   -8.387  1.00 64.55 ? 392 PHE A CG  1 
ATOM   868  C  CD1 . PHE A 1 113 ? -4.852  4.634   -7.256  1.00 65.21 ? 392 PHE A CD1 1 
ATOM   869  C  CD2 . PHE A 1 113 ? -4.552  6.511   -8.705  1.00 65.11 ? 392 PHE A CD2 1 
ATOM   870  C  CE1 . PHE A 1 113 ? -5.724  5.371   -6.464  1.00 64.95 ? 392 PHE A CE1 1 
ATOM   871  C  CE2 . PHE A 1 113 ? -5.412  7.268   -7.911  1.00 65.14 ? 392 PHE A CE2 1 
ATOM   872  C  CZ  . PHE A 1 113 ? -6.003  6.694   -6.791  1.00 64.82 ? 392 PHE A CZ  1 
ATOM   873  N  N   . GLY A 1 114 ? -2.332  3.493   -11.977 1.00 64.49 ? 393 GLY A N   1 
ATOM   874  C  CA  . GLY A 1 114 ? -1.158  3.038   -12.704 1.00 64.50 ? 393 GLY A CA  1 
ATOM   875  C  C   . GLY A 1 114 ? 0.025   3.094   -11.772 1.00 64.80 ? 393 GLY A C   1 
ATOM   876  O  O   . GLY A 1 114 ? 0.056   3.904   -10.857 1.00 65.07 ? 393 GLY A O   1 
ATOM   877  N  N   . PHE A 1 115 ? 0.987   2.210   -11.990 1.00 65.04 ? 394 PHE A N   1 
ATOM   878  C  CA  . PHE A 1 115 ? 2.217   2.171   -11.213 1.00 65.17 ? 394 PHE A CA  1 
ATOM   879  C  C   . PHE A 1 115 ? 3.401   2.372   -12.166 1.00 65.15 ? 394 PHE A C   1 
ATOM   880  O  O   . PHE A 1 115 ? 3.335   1.973   -13.323 1.00 65.17 ? 394 PHE A O   1 
ATOM   881  C  CB  . PHE A 1 115 ? 2.310   0.824   -10.502 1.00 65.30 ? 394 PHE A CB  1 
ATOM   882  C  CG  . PHE A 1 115 ? 3.451   0.721   -9.531  1.00 66.13 ? 394 PHE A CG  1 
ATOM   883  C  CD1 . PHE A 1 115 ? 4.752   0.455   -9.977  1.00 65.96 ? 394 PHE A CD1 1 
ATOM   884  C  CD2 . PHE A 1 115 ? 3.229   0.864   -8.166  1.00 66.35 ? 394 PHE A CD2 1 
ATOM   885  C  CE1 . PHE A 1 115 ? 5.804   0.347   -9.082  1.00 65.27 ? 394 PHE A CE1 1 
ATOM   886  C  CE2 . PHE A 1 115 ? 4.286   0.756   -7.265  1.00 65.70 ? 394 PHE A CE2 1 
ATOM   887  C  CZ  . PHE A 1 115 ? 5.571   0.494   -7.727  1.00 65.25 ? 394 PHE A CZ  1 
ATOM   888  N  N   . THR A 1 116 ? 4.465   3.008   -11.685 1.00 65.23 ? 395 THR A N   1 
ATOM   889  C  CA  . THR A 1 116 ? 5.685   3.249   -12.469 1.00 65.37 ? 395 THR A CA  1 
ATOM   890  C  C   . THR A 1 116 ? 6.856   3.064   -11.523 1.00 65.51 ? 395 THR A C   1 
ATOM   891  O  O   . THR A 1 116 ? 6.823   3.507   -10.377 1.00 65.68 ? 395 THR A O   1 
ATOM   892  C  CB  . THR A 1 116 ? 5.678   4.660   -13.159 1.00 65.38 ? 395 THR A CB  1 
ATOM   893  O  OG1 . THR A 1 116 ? 5.052   4.551   -14.438 1.00 65.63 ? 395 THR A OG1 1 
ATOM   894  C  CG2 . THR A 1 116 ? 7.082   5.235   -13.381 1.00 65.44 ? 395 THR A CG2 1 
ATOM   895  N  N   . ASN A 1 117 ? 7.893   2.389   -11.987 1.00 65.66 ? 396 ASN A N   1 
ATOM   896  C  CA  . ASN A 1 117 ? 8.978   2.029   -11.092 1.00 65.81 ? 396 ASN A CA  1 
ATOM   897  C  C   . ASN A 1 117 ? 10.012  3.142   -10.866 1.00 65.77 ? 396 ASN A C   1 
ATOM   898  O  O   . ASN A 1 117 ? 11.207  2.887   -10.708 1.00 65.97 ? 396 ASN A O   1 
ATOM   899  C  CB  . ASN A 1 117 ? 9.625   0.728   -11.553 1.00 65.84 ? 396 ASN A CB  1 
ATOM   900  C  CG  . ASN A 1 117 ? 10.546  0.154   -10.522 1.00 66.42 ? 396 ASN A CG  1 
ATOM   901  O  OD1 . ASN A 1 117 ? 10.250  0.165   -9.320  1.00 66.49 ? 396 ASN A OD1 1 
ATOM   902  N  ND2 . ASN A 1 117 ? 11.692  -0.338  -10.977 1.00 67.77 ? 396 ASN A ND2 1 
ATOM   903  N  N   . GLN A 1 118 ? 9.539   4.379   -10.824 1.00 65.64 ? 397 GLN A N   1 
ATOM   904  C  CA  . GLN A 1 118 ? 10.398  5.536   -10.577 1.00 65.58 ? 397 GLN A CA  1 
ATOM   905  C  C   . GLN A 1 118 ? 11.048  5.507   -9.188  1.00 65.49 ? 397 GLN A C   1 
ATOM   906  O  O   . GLN A 1 118 ? 10.504  4.930   -8.249  1.00 65.54 ? 397 GLN A O   1 
ATOM   907  C  CB  . GLN A 1 118 ? 9.590   6.824   -10.744 1.00 65.52 ? 397 GLN A CB  1 
ATOM   908  C  CG  . GLN A 1 118 ? 8.230   6.743   -10.078 1.00 65.79 ? 397 GLN A CG  1 
ATOM   909  C  CD  . GLN A 1 118 ? 7.552   8.076   -9.923  1.00 65.84 ? 397 GLN A CD  1 
ATOM   910  O  OE1 . GLN A 1 118 ? 7.441   8.857   -10.871 1.00 66.10 ? 397 GLN A OE1 1 
ATOM   911  N  NE2 . GLN A 1 118 ? 7.071   8.343   -8.718  1.00 66.50 ? 397 GLN A NE2 1 
ATOM   912  N  N   . ASP A 1 119 ? 12.218  6.135   -9.085  1.00 65.50 ? 398 ASP A N   1 
ATOM   913  C  CA  . ASP A 1 119 ? 12.926  6.328   -7.818  1.00 65.17 ? 398 ASP A CA  1 
ATOM   914  C  C   . ASP A 1 119 ? 12.116  7.225   -6.878  1.00 64.97 ? 398 ASP A C   1 
ATOM   915  O  O   . ASP A 1 119 ? 11.854  6.860   -5.725  1.00 64.80 ? 398 ASP A O   1 
ATOM   916  C  CB  . ASP A 1 119 ? 14.316  6.919   -8.090  1.00 65.14 ? 398 ASP A CB  1 
ATOM   917  C  CG  . ASP A 1 119 ? 15.309  5.873   -8.585  1.00 65.28 ? 398 ASP A CG  1 
ATOM   918  O  OD1 . ASP A 1 119 ? 15.208  4.711   -8.142  1.00 66.00 ? 398 ASP A OD1 1 
ATOM   919  O  OD2 . ASP A 1 119 ? 16.192  6.206   -9.403  1.00 64.46 ? 398 ASP A OD2 1 
ATOM   920  N  N   . ALA A 1 120 ? 11.708  8.384   -7.398  1.00 64.68 ? 399 ALA A N   1 
ATOM   921  C  CA  . ALA A 1 120 ? 10.796  9.299   -6.716  1.00 64.54 ? 399 ALA A CA  1 
ATOM   922  C  C   . ALA A 1 120 ? 9.496   8.588   -6.289  1.00 64.45 ? 399 ALA A C   1 
ATOM   923  O  O   . ALA A 1 120 ? 9.138   7.560   -6.867  1.00 64.53 ? 399 ALA A O   1 
ATOM   924  C  CB  . ALA A 1 120 ? 10.504  10.502  -7.625  1.00 64.49 ? 399 ALA A CB  1 
ATOM   925  N  N   . ALA A 1 121 ? 8.803   9.129   -5.283  1.00 64.38 ? 400 ALA A N   1 
ATOM   926  C  CA  . ALA A 1 121 ? 7.621   8.478   -4.678  1.00 64.39 ? 400 ALA A CA  1 
ATOM   927  C  C   . ALA A 1 121 ? 6.344   8.717   -5.457  1.00 64.45 ? 400 ALA A C   1 
ATOM   928  O  O   . ALA A 1 121 ? 6.182   9.759   -6.073  1.00 64.32 ? 400 ALA A O   1 
ATOM   929  C  CB  . ALA A 1 121 ? 7.434   8.933   -3.246  1.00 64.41 ? 400 ALA A CB  1 
ATOM   930  N  N   . LEU A 1 122 ? 5.430   7.757   -5.406  1.00 64.75 ? 401 LEU A N   1 
ATOM   931  C  CA  . LEU A 1 122 ? 4.203   7.825   -6.203  1.00 65.14 ? 401 LEU A CA  1 
ATOM   932  C  C   . LEU A 1 122 ? 3.007   8.394   -5.444  1.00 65.52 ? 401 LEU A C   1 
ATOM   933  O  O   . LEU A 1 122 ? 2.430   7.733   -4.585  1.00 65.78 ? 401 LEU A O   1 
ATOM   934  C  CB  . LEU A 1 122 ? 3.852   6.447   -6.768  1.00 64.91 ? 401 LEU A CB  1 
ATOM   935  C  CG  . LEU A 1 122 ? 4.684   5.954   -7.942  1.00 64.53 ? 401 LEU A CG  1 
ATOM   936  C  CD1 . LEU A 1 122 ? 4.425   4.475   -8.114  1.00 64.70 ? 401 LEU A CD1 1 
ATOM   937  C  CD2 . LEU A 1 122 ? 4.371   6.720   -9.223  1.00 63.50 ? 401 LEU A CD2 1 
ATOM   938  N  N   . GLU A 1 123 ? 2.630   9.619   -5.775  1.00 65.88 ? 402 GLU A N   1 
ATOM   939  C  CA  . GLU A 1 123 ? 1.477   10.242  -5.151  1.00 66.45 ? 402 GLU A CA  1 
ATOM   940  C  C   . GLU A 1 123 ? 0.179   9.779   -5.824  1.00 66.68 ? 402 GLU A C   1 
ATOM   941  O  O   . GLU A 1 123 ? -0.008  9.960   -7.036  1.00 67.13 ? 402 GLU A O   1 
ATOM   942  C  CB  . GLU A 1 123 ? 1.591   11.761  -5.234  1.00 66.54 ? 402 GLU A CB  1 
ATOM   943  C  CG  . GLU A 1 123 ? 2.791   12.343  -4.538  1.00 67.50 ? 402 GLU A CG  1 
ATOM   944  C  CD  . GLU A 1 123 ? 2.970   13.798  -4.884  1.00 69.71 ? 402 GLU A CD  1 
ATOM   945  O  OE1 . GLU A 1 123 ? 2.516   14.193  -5.980  1.00 70.90 ? 402 GLU A OE1 1 
ATOM   946  O  OE2 . GLU A 1 123 ? 3.560   14.550  -4.073  1.00 70.90 ? 402 GLU A OE2 1 
ATOM   947  N  N   . TYR A 1 124 ? -0.723  9.200   -5.038  1.00 66.50 ? 403 TYR A N   1 
ATOM   948  C  CA  . TYR A 1 124 ? -1.974  8.710   -5.570  1.00 66.26 ? 403 TYR A CA  1 
ATOM   949  C  C   . TYR A 1 124 ? -3.134  9.432   -4.959  1.00 66.23 ? 403 TYR A C   1 
ATOM   950  O  O   . TYR A 1 124 ? -3.396  9.302   -3.772  1.00 66.28 ? 403 TYR A O   1 
ATOM   951  C  CB  . TYR A 1 124 ? -2.124  7.228   -5.293  1.00 66.27 ? 403 TYR A CB  1 
ATOM   952  C  CG  . TYR A 1 124 ? -1.211  6.353   -6.096  1.00 66.44 ? 403 TYR A CG  1 
ATOM   953  C  CD1 . TYR A 1 124 ? -1.118  6.492   -7.479  1.00 66.39 ? 403 TYR A CD1 1 
ATOM   954  C  CD2 . TYR A 1 124 ? -0.451  5.366   -5.476  1.00 66.54 ? 403 TYR A CD2 1 
ATOM   955  C  CE1 . TYR A 1 124 ? -0.285  5.676   -8.220  1.00 66.60 ? 403 TYR A CE1 1 
ATOM   956  C  CE2 . TYR A 1 124 ? 0.383   4.540   -6.205  1.00 66.29 ? 403 TYR A CE2 1 
ATOM   957  C  CZ  . TYR A 1 124 ? 0.461   4.696   -7.575  1.00 66.43 ? 403 TYR A CZ  1 
ATOM   958  O  OH  . TYR A 1 124 ? 1.289   3.873   -8.296  1.00 66.48 ? 403 TYR A OH  1 
ATOM   959  N  N   . TYR A 1 125 ? -3.854  10.174  -5.784  1.00 66.41 ? 404 TYR A N   1 
ATOM   960  C  CA  . TYR A 1 125 ? -5.018  10.899  -5.316  1.00 66.38 ? 404 TYR A CA  1 
ATOM   961  C  C   . TYR A 1 125 ? -6.237  9.995   -5.182  1.00 66.33 ? 404 TYR A C   1 
ATOM   962  O  O   . TYR A 1 125 ? -7.131  9.983   -6.031  1.00 66.37 ? 404 TYR A O   1 
ATOM   963  C  CB  . TYR A 1 125 ? -5.264  12.102  -6.210  1.00 66.54 ? 404 TYR A CB  1 
ATOM   964  C  CG  . TYR A 1 125 ? -4.230  13.169  -5.967  1.00 66.97 ? 404 TYR A CG  1 
ATOM   965  C  CD1 . TYR A 1 125 ? -4.470  14.188  -5.053  1.00 66.98 ? 404 TYR A CD1 1 
ATOM   966  C  CD2 . TYR A 1 125 ? -2.990  13.137  -6.618  1.00 67.25 ? 404 TYR A CD2 1 
ATOM   967  C  CE1 . TYR A 1 125 ? -3.523  15.166  -4.810  1.00 67.51 ? 404 TYR A CE1 1 
ATOM   968  C  CE2 . TYR A 1 125 ? -2.025  14.120  -6.378  1.00 66.98 ? 404 TYR A CE2 1 
ATOM   969  C  CZ  . TYR A 1 125 ? -2.304  15.131  -5.472  1.00 67.26 ? 404 TYR A CZ  1 
ATOM   970  O  OH  . TYR A 1 125 ? -1.383  16.119  -5.209  1.00 67.58 ? 404 TYR A OH  1 
ATOM   971  N  N   . VAL A 1 126 ? -6.245  9.228   -4.095  1.00 66.23 ? 405 VAL A N   1 
ATOM   972  C  CA  . VAL A 1 126 ? -7.357  8.342   -3.736  1.00 66.12 ? 405 VAL A CA  1 
ATOM   973  C  C   . VAL A 1 126 ? -8.659  9.100   -3.477  1.00 66.25 ? 405 VAL A C   1 
ATOM   974  O  O   . VAL A 1 126 ? -8.676  10.331  -3.410  1.00 66.29 ? 405 VAL A O   1 
ATOM   975  C  CB  . VAL A 1 126 ? -7.013  7.464   -2.504  1.00 65.87 ? 405 VAL A CB  1 
ATOM   976  C  CG1 . VAL A 1 126 ? -6.082  6.355   -2.889  1.00 65.43 ? 405 VAL A CG1 1 
ATOM   977  C  CG2 . VAL A 1 126 ? -6.378  8.293   -1.417  1.00 66.04 ? 405 VAL A CG2 1 
ATOM   978  N  N   . LYS A 1 127 ? -9.750  8.352   -3.347  1.00 66.59 ? 406 LYS A N   1 
ATOM   979  C  CA  . LYS A 1 127 ? -11.045 8.913   -2.950  1.00 66.79 ? 406 LYS A CA  1 
ATOM   980  C  C   . LYS A 1 127 ? -11.019 9.096   -1.449  1.00 66.46 ? 406 LYS A C   1 
ATOM   981  O  O   . LYS A 1 127 ? -10.931 8.131   -0.709  1.00 66.34 ? 406 LYS A O   1 
ATOM   982  C  CB  . LYS A 1 127 ? -12.173 7.959   -3.324  1.00 66.81 ? 406 LYS A CB  1 
ATOM   983  C  CG  . LYS A 1 127 ? -13.535 8.305   -2.737  1.00 67.18 ? 406 LYS A CG  1 
ATOM   984  C  CD  . LYS A 1 127 ? -14.596 7.254   -3.128  1.00 67.23 ? 406 LYS A CD  1 
ATOM   985  C  CE  . LYS A 1 127 ? -14.586 6.954   -4.638  1.00 67.27 ? 406 LYS A CE  1 
ATOM   986  N  NZ  . LYS A 1 127 ? -15.869 6.386   -5.101  1.00 67.32 ? 406 LYS A NZ  1 
ATOM   987  N  N   . SER A 1 128 ? -11.080 10.339  -1.003  1.00 66.32 ? 407 SER A N   1 
ATOM   988  C  CA  . SER A 1 128 ? -10.921 10.620  0.406   1.00 66.13 ? 407 SER A CA  1 
ATOM   989  C  C   . SER A 1 128 ? -11.992 9.918   1.220   1.00 66.16 ? 407 SER A C   1 
ATOM   990  O  O   . SER A 1 128 ? -13.181 10.013  0.889   1.00 66.20 ? 407 SER A O   1 
ATOM   991  C  CB  . SER A 1 128 ? -10.998 12.115  0.657   1.00 65.85 ? 407 SER A CB  1 
ATOM   992  O  OG  . SER A 1 128 ? -11.133 12.343  2.042   1.00 65.77 ? 407 SER A OG  1 
ATOM   993  N  N   . ILE A 1 129 ? -11.577 9.197   2.261   1.00 66.01 ? 408 ILE A N   1 
ATOM   994  C  CA  . ILE A 1 129 ? -12.535 8.688   3.237   1.00 66.17 ? 408 ILE A CA  1 
ATOM   995  C  C   . ILE A 1 129 ? -12.004 8.607   4.648   1.00 66.14 ? 408 ILE A C   1 
ATOM   996  O  O   . ILE A 1 129 ? -10.800 8.647   4.872   1.00 66.29 ? 408 ILE A O   1 
ATOM   997  C  CB  . ILE A 1 129 ? -13.118 7.315   2.868   1.00 66.14 ? 408 ILE A CB  1 
ATOM   998  C  CG1 . ILE A 1 129 ? -12.098 6.207   3.041   1.00 66.33 ? 408 ILE A CG1 1 
ATOM   999  C  CG2 . ILE A 1 129 ? -13.619 7.307   1.467   1.00 67.03 ? 408 ILE A CG2 1 
ATOM   1000 C  CD1 . ILE A 1 129 ? -12.774 4.862   3.163   1.00 67.24 ? 408 ILE A CD1 1 
ATOM   1001 N  N   . LYS A 1 130 ? -12.933 8.505   5.593   1.00 66.12 ? 409 LYS A N   1 
ATOM   1002 C  CA  . LYS A 1 130 ? -12.615 8.249   6.982   1.00 66.20 ? 409 LYS A CA  1 
ATOM   1003 C  C   . LYS A 1 130 ? -12.412 6.745   7.110   1.00 66.20 ? 409 LYS A C   1 
ATOM   1004 O  O   . LYS A 1 130 ? -13.321 5.963   6.810   1.00 66.31 ? 409 LYS A O   1 
ATOM   1005 C  CB  . LYS A 1 130 ? -13.761 8.737   7.867   1.00 66.08 ? 409 LYS A CB  1 
ATOM   1006 C  CG  . LYS A 1 130 ? -13.723 8.260   9.317   1.00 66.49 ? 409 LYS A CG  1 
ATOM   1007 C  CD  . LYS A 1 130 ? -14.977 8.737   10.071  1.00 66.42 ? 409 LYS A CD  1 
ATOM   1008 C  CE  . LYS A 1 130 ? -15.260 7.909   11.319  1.00 65.81 ? 409 LYS A CE  1 
ATOM   1009 N  NZ  . LYS A 1 130 ? -16.698 7.970   11.694  1.00 65.51 ? 409 LYS A NZ  1 
ATOM   1010 N  N   . ALA A 1 131 ? -11.212 6.340   7.523   1.00 66.07 ? 410 ALA A N   1 
ATOM   1011 C  CA  . ALA A 1 131 ? -10.872 4.916   7.600   1.00 65.94 ? 410 ALA A CA  1 
ATOM   1012 C  C   . ALA A 1 131 ? -9.778  4.593   8.619   1.00 65.86 ? 410 ALA A C   1 
ATOM   1013 O  O   . ALA A 1 131 ? -8.902  5.414   8.900   1.00 65.78 ? 410 ALA A O   1 
ATOM   1014 C  CB  . ALA A 1 131 ? -10.498 4.372   6.212   1.00 65.80 ? 410 ALA A CB  1 
ATOM   1015 N  N   . ARG A 1 132 ? -9.851  3.382   9.164   1.00 65.84 ? 411 ARG A N   1 
ATOM   1016 C  CA  . ARG A 1 132 ? -8.855  2.870   10.091  1.00 65.84 ? 411 ARG A CA  1 
ATOM   1017 C  C   . ARG A 1 132 ? -7.954  1.827   9.427   1.00 65.78 ? 411 ARG A C   1 
ATOM   1018 O  O   . ARG A 1 132 ? -6.852  1.563   9.895   1.00 65.48 ? 411 ARG A O   1 
ATOM   1019 C  CB  . ARG A 1 132 ? -9.550  2.249   11.293  1.00 65.99 ? 411 ARG A CB  1 
ATOM   1020 C  CG  . ARG A 1 132 ? -8.653  2.091   12.495  1.00 66.09 ? 411 ARG A CG  1 
ATOM   1021 C  CD  . ARG A 1 132 ? -9.172  1.045   13.434  1.00 65.94 ? 411 ARG A CD  1 
ATOM   1022 N  NE  . ARG A 1 132 ? -8.082  0.435   14.179  1.00 65.45 ? 411 ARG A NE  1 
ATOM   1023 C  CZ  . ARG A 1 132 ? -8.237  -0.276  15.289  1.00 65.05 ? 411 ARG A CZ  1 
ATOM   1024 N  NH1 . ARG A 1 132 ? -9.445  -0.477  15.807  1.00 64.53 ? 411 ARG A NH1 1 
ATOM   1025 N  NH2 . ARG A 1 132 ? -7.172  -0.780  15.885  1.00 65.15 ? 411 ARG A NH2 1 
ATOM   1026 N  N   . TYR A 1 133 ? -8.429  1.253   8.325   1.00 65.87 ? 412 TYR A N   1 
ATOM   1027 C  CA  . TYR A 1 133 ? -7.709  0.193   7.626   1.00 66.04 ? 412 TYR A CA  1 
ATOM   1028 C  C   . TYR A 1 133 ? -7.560  0.510   6.147   1.00 66.07 ? 412 TYR A C   1 
ATOM   1029 O  O   . TYR A 1 133 ? -8.559  0.771   5.477   1.00 66.15 ? 412 TYR A O   1 
ATOM   1030 C  CB  . TYR A 1 133 ? -8.461  -1.133  7.763   1.00 66.09 ? 412 TYR A CB  1 
ATOM   1031 C  CG  . TYR A 1 133 ? -8.772  -1.551  9.184   1.00 66.25 ? 412 TYR A CG  1 
ATOM   1032 C  CD1 . TYR A 1 133 ? -9.926  -1.102  9.830   1.00 66.28 ? 412 TYR A CD1 1 
ATOM   1033 C  CD2 . TYR A 1 133 ? -7.920  -2.413  9.878   1.00 66.11 ? 412 TYR A CD2 1 
ATOM   1034 C  CE1 . TYR A 1 133 ? -10.215 -1.491  11.128  1.00 66.20 ? 412 TYR A CE1 1 
ATOM   1035 C  CE2 . TYR A 1 133 ? -8.203  -2.811  11.176  1.00 66.04 ? 412 TYR A CE2 1 
ATOM   1036 C  CZ  . TYR A 1 133 ? -9.349  -2.346  11.792  1.00 66.13 ? 412 TYR A CZ  1 
ATOM   1037 O  OH  . TYR A 1 133 ? -9.627  -2.735  13.076  1.00 66.18 ? 412 TYR A OH  1 
ATOM   1038 N  N   . ILE A 1 134 ? -6.325  0.500   5.642   1.00 65.95 ? 413 ILE A N   1 
ATOM   1039 C  CA  . ILE A 1 134 ? -6.100  0.533   4.194   1.00 65.98 ? 413 ILE A CA  1 
ATOM   1040 C  C   . ILE A 1 134 ? -5.588  -0.803  3.748   1.00 65.98 ? 413 ILE A C   1 
ATOM   1041 O  O   . ILE A 1 134 ? -4.823  -1.451  4.463   1.00 65.93 ? 413 ILE A O   1 
ATOM   1042 C  CB  . ILE A 1 134 ? -5.041  1.547   3.715   1.00 65.91 ? 413 ILE A CB  1 
ATOM   1043 C  CG1 . ILE A 1 134 ? -4.182  2.023   4.873   1.00 66.51 ? 413 ILE A CG1 1 
ATOM   1044 C  CG2 . ILE A 1 134 ? -5.666  2.675   2.930   1.00 65.29 ? 413 ILE A CG2 1 
ATOM   1045 C  CD1 . ILE A 1 134 ? -2.733  2.023   4.511   1.00 68.04 ? 413 ILE A CD1 1 
ATOM   1046 N  N   . ARG A 1 135 ? -5.991  -1.180  2.540   1.00 65.99 ? 414 ARG A N   1 
ATOM   1047 C  CA  . ARG A 1 135 ? -5.577  -2.414  1.930   1.00 65.98 ? 414 ARG A CA  1 
ATOM   1048 C  C   . ARG A 1 135 ? -4.979  -2.134  0.568   1.00 66.17 ? 414 ARG A C   1 
ATOM   1049 O  O   . ARG A 1 135 ? -5.691  -1.765  -0.386  1.00 66.32 ? 414 ARG A O   1 
ATOM   1050 C  CB  . ARG A 1 135 ? -6.770  -3.333  1.782   1.00 65.94 ? 414 ARG A CB  1 
ATOM   1051 C  CG  . ARG A 1 135 ? -6.411  -4.730  1.361   1.00 65.96 ? 414 ARG A CG  1 
ATOM   1052 C  CD  . ARG A 1 135 ? -7.666  -5.542  1.251   1.00 66.55 ? 414 ARG A CD  1 
ATOM   1053 N  NE  . ARG A 1 135 ? -8.500  -5.045  0.164   1.00 67.18 ? 414 ARG A NE  1 
ATOM   1054 C  CZ  . ARG A 1 135 ? -9.810  -5.239  0.074   1.00 67.01 ? 414 ARG A CZ  1 
ATOM   1055 N  NH1 . ARG A 1 135 ? -10.466 -5.910  1.016   1.00 65.96 ? 414 ARG A NH1 1 
ATOM   1056 N  NH2 . ARG A 1 135 ? -10.464 -4.745  -0.967  1.00 67.85 ? 414 ARG A NH2 1 
ATOM   1057 N  N   . LEU A 1 136 ? -3.662  -2.295  0.491   1.00 66.11 ? 415 LEU A N   1 
ATOM   1058 C  CA  . LEU A 1 136 ? -2.968  -2.232  -0.773  1.00 66.12 ? 415 LEU A CA  1 
ATOM   1059 C  C   . LEU A 1 136 ? -3.171  -3.573  -1.410  1.00 66.45 ? 415 LEU A C   1 
ATOM   1060 O  O   . LEU A 1 136 ? -2.879  -4.590  -0.800  1.00 66.86 ? 415 LEU A O   1 
ATOM   1061 C  CB  . LEU A 1 136 ? -1.474  -1.988  -0.575  1.00 65.84 ? 415 LEU A CB  1 
ATOM   1062 C  CG  . LEU A 1 136 ? -0.599  -2.445  -1.745  1.00 64.89 ? 415 LEU A CG  1 
ATOM   1063 C  CD1 . LEU A 1 136 ? -1.117  -1.848  -3.009  1.00 65.41 ? 415 LEU A CD1 1 
ATOM   1064 C  CD2 . LEU A 1 136 ? 0.833   -2.043  -1.561  1.00 64.65 ? 415 LEU A CD2 1 
ATOM   1065 N  N   . THR A 1 137 ? -3.690  -3.586  -2.625  1.00 66.79 ? 416 THR A N   1 
ATOM   1066 C  CA  . THR A 1 137 ? -3.811  -4.836  -3.345  1.00 67.25 ? 416 THR A CA  1 
ATOM   1067 C  C   . THR A 1 137 ? -3.202  -4.674  -4.743  1.00 67.42 ? 416 THR A C   1 
ATOM   1068 O  O   . THR A 1 137 ? -3.193  -3.579  -5.313  1.00 67.28 ? 416 THR A O   1 
ATOM   1069 C  CB  . THR A 1 137 ? -5.278  -5.337  -3.454  1.00 67.25 ? 416 THR A CB  1 
ATOM   1070 O  OG1 . THR A 1 137 ? -5.733  -5.119  -4.788  1.00 68.49 ? 416 THR A OG1 1 
ATOM   1071 C  CG2 . THR A 1 137 ? -6.245  -4.628  -2.452  1.00 67.25 ? 416 THR A CG2 1 
ATOM   1072 N  N   . ILE A 1 138 ? -2.693  -5.779  -5.275  1.00 67.80 ? 417 ILE A N   1 
ATOM   1073 C  CA  . ILE A 1 138 ? -2.073  -5.813  -6.583  1.00 68.15 ? 417 ILE A CA  1 
ATOM   1074 C  C   . ILE A 1 138 ? -2.858  -6.816  -7.409  1.00 68.71 ? 417 ILE A C   1 
ATOM   1075 O  O   . ILE A 1 138 ? -2.639  -8.027  -7.303  1.00 68.70 ? 417 ILE A O   1 
ATOM   1076 C  CB  . ILE A 1 138 ? -0.594  -6.182  -6.467  1.00 68.08 ? 417 ILE A CB  1 
ATOM   1077 C  CG1 . ILE A 1 138 ? 0.152   -5.000  -5.871  1.00 68.34 ? 417 ILE A CG1 1 
ATOM   1078 C  CG2 . ILE A 1 138 ? 0.006   -6.514  -7.825  1.00 67.98 ? 417 ILE A CG2 1 
ATOM   1079 C  CD1 . ILE A 1 138 ? 1.341   -5.391  -5.092  1.00 69.37 ? 417 ILE A CD1 1 
ATOM   1080 N  N   . PRO A 1 139 ? -3.802  -6.304  -8.221  1.00 69.21 ? 418 PRO A N   1 
ATOM   1081 C  CA  . PRO A 1 139 ? -4.817  -7.112  -8.894  1.00 69.64 ? 418 PRO A CA  1 
ATOM   1082 C  C   . PRO A 1 139 ? -4.220  -8.117  -9.867  1.00 70.30 ? 418 PRO A C   1 
ATOM   1083 O  O   . PRO A 1 139 ? -3.032  -8.020  -10.198 1.00 70.45 ? 418 PRO A O   1 
ATOM   1084 C  CB  . PRO A 1 139 ? -5.655  -6.073  -9.634  1.00 69.48 ? 418 PRO A CB  1 
ATOM   1085 C  CG  . PRO A 1 139 ? -4.767  -4.890  -9.752  1.00 69.32 ? 418 PRO A CG  1 
ATOM   1086 C  CD  . PRO A 1 139 ? -3.943  -4.874  -8.538  1.00 69.12 ? 418 PRO A CD  1 
ATOM   1087 N  N   . ASP A 1 140 ? -5.051  -9.078  -10.293 1.00 70.98 ? 419 ASP A N   1 
ATOM   1088 C  CA  . ASP A 1 140 ? -4.692  -10.102 -11.282 1.00 71.33 ? 419 ASP A CA  1 
ATOM   1089 C  C   . ASP A 1 140 ? -5.179  -9.713  -12.677 1.00 71.24 ? 419 ASP A C   1 
ATOM   1090 O  O   . ASP A 1 140 ? -5.500  -10.579 -13.492 1.00 71.27 ? 419 ASP A O   1 
ATOM   1091 C  CB  . ASP A 1 140 ? -5.306  -11.456 -10.880 1.00 71.72 ? 419 ASP A CB  1 
ATOM   1092 C  CG  . ASP A 1 140 ? -4.903  -12.631 -11.840 1.00 73.54 ? 419 ASP A CG  1 
ATOM   1093 O  OD1 . ASP A 1 140 ? -3.796  -12.577 -12.472 1.00 74.30 ? 419 ASP A OD1 1 
ATOM   1094 O  OD2 . ASP A 1 140 ? -5.707  -13.618 -11.939 1.00 73.88 ? 419 ASP A OD2 1 
ATOM   1095 N  N   . ASP A 1 141 ? -5.237  -8.418  -12.970 1.00 71.25 ? 420 ASP A N   1 
ATOM   1096 C  CA  . ASP A 1 141 ? -5.791  -7.989  -14.265 1.00 71.26 ? 420 ASP A CA  1 
ATOM   1097 C  C   . ASP A 1 141 ? -5.216  -6.671  -14.726 1.00 70.88 ? 420 ASP A C   1 
ATOM   1098 O  O   . ASP A 1 141 ? -5.844  -5.954  -15.512 1.00 71.14 ? 420 ASP A O   1 
ATOM   1099 C  CB  . ASP A 1 141 ? -7.322  -7.885  -14.218 1.00 71.42 ? 420 ASP A CB  1 
ATOM   1100 C  CG  . ASP A 1 141 ? -7.816  -7.143  -12.987 1.00 72.37 ? 420 ASP A CG  1 
ATOM   1101 O  OD1 . ASP A 1 141 ? -7.269  -6.070  -12.633 1.00 72.86 ? 420 ASP A OD1 1 
ATOM   1102 O  OD2 . ASP A 1 141 ? -8.751  -7.656  -12.346 1.00 74.29 ? 420 ASP A OD2 1 
ATOM   1103 N  N   . GLY A 1 142 ? -4.029  -6.341  -14.240 1.00 70.18 ? 421 GLY A N   1 
ATOM   1104 C  CA  . GLY A 1 142 ? -3.395  -5.131  -14.701 1.00 69.63 ? 421 GLY A CA  1 
ATOM   1105 C  C   . GLY A 1 142 ? -2.383  -5.386  -15.790 1.00 69.20 ? 421 GLY A C   1 
ATOM   1106 O  O   . GLY A 1 142 ? -1.934  -4.466  -16.461 1.00 69.46 ? 421 GLY A O   1 
ATOM   1107 N  N   . GLY A 1 143 ? -2.044  -6.648  -15.984 1.00 69.03 ? 422 GLY A N   1 
ATOM   1108 C  CA  . GLY A 1 143 ? -0.826  -6.993  -16.678 1.00 68.68 ? 422 GLY A CA  1 
ATOM   1109 C  C   . GLY A 1 143 ? 0.252   -7.018  -15.615 1.00 68.58 ? 422 GLY A C   1 
ATOM   1110 O  O   . GLY A 1 143 ? 1.437   -6.947  -15.931 1.00 68.89 ? 422 GLY A O   1 
ATOM   1111 N  N   . ASN A 1 144 ? -0.162  -7.116  -14.349 1.00 68.27 ? 423 ASN A N   1 
ATOM   1112 C  CA  . ASN A 1 144 ? 0.765   -7.251  -13.234 1.00 67.91 ? 423 ASN A CA  1 
ATOM   1113 C  C   . ASN A 1 144 ? 1.548   -8.560  -13.284 1.00 67.78 ? 423 ASN A C   1 
ATOM   1114 O  O   . ASN A 1 144 ? 1.201   -9.473  -14.031 1.00 68.17 ? 423 ASN A O   1 
ATOM   1115 C  CB  . ASN A 1 144 ? 0.022   -7.107  -11.912 1.00 67.88 ? 423 ASN A CB  1 
ATOM   1116 C  CG  . ASN A 1 144 ? -0.265  -5.650  -11.560 1.00 68.29 ? 423 ASN A CG  1 
ATOM   1117 O  OD1 . ASN A 1 144 ? 0.460   -4.749  -11.978 1.00 68.30 ? 423 ASN A OD1 1 
ATOM   1118 N  ND2 . ASN A 1 144 ? -1.332  -5.415  -10.786 1.00 68.63 ? 423 ASN A ND2 1 
ATOM   1119 N  N   . SER A 1 145 ? 2.609   -8.642  -12.492 1.00 67.49 ? 424 SER A N   1 
ATOM   1120 C  CA  . SER A 1 145 ? 3.513   -9.791  -12.492 1.00 66.97 ? 424 SER A CA  1 
ATOM   1121 C  C   . SER A 1 145 ? 3.751   -10.310 -11.069 1.00 66.63 ? 424 SER A C   1 
ATOM   1122 O  O   . SER A 1 145 ? 3.472   -9.624  -10.087 1.00 66.71 ? 424 SER A O   1 
ATOM   1123 C  CB  . SER A 1 145 ? 4.830   -9.381  -13.156 1.00 67.07 ? 424 SER A CB  1 
ATOM   1124 O  OG  . SER A 1 145 ? 5.964   -9.958  -12.536 1.00 67.45 ? 424 SER A OG  1 
ATOM   1125 N  N   . THR A 1 146 ? 4.271   -11.522 -10.941 1.00 66.15 ? 425 THR A N   1 
ATOM   1126 C  CA  . THR A 1 146 ? 4.513   -12.060 -9.603  1.00 65.62 ? 425 THR A CA  1 
ATOM   1127 C  C   . THR A 1 146 ? 5.748   -11.415 -8.985  1.00 65.37 ? 425 THR A C   1 
ATOM   1128 O  O   . THR A 1 146 ? 6.088   -11.667 -7.840  1.00 65.54 ? 425 THR A O   1 
ATOM   1129 C  CB  . THR A 1 146 ? 4.613   -13.595 -9.598  1.00 65.34 ? 425 THR A CB  1 
ATOM   1130 O  OG1 . THR A 1 146 ? 5.656   -14.017 -10.475 1.00 65.54 ? 425 THR A OG1 1 
ATOM   1131 C  CG2 . THR A 1 146 ? 3.322   -14.199 -10.077 1.00 65.45 ? 425 THR A CG2 1 
ATOM   1132 N  N   . VAL A 1 147 ? 6.419   -10.579 -9.760  1.00 65.01 ? 426 VAL A N   1 
ATOM   1133 C  CA  . VAL A 1 147 ? 7.465   -9.727  -9.225  1.00 64.79 ? 426 VAL A CA  1 
ATOM   1134 C  C   . VAL A 1 147 ? 6.805   -8.407  -8.856  1.00 64.45 ? 426 VAL A C   1 
ATOM   1135 O  O   . VAL A 1 147 ? 6.200   -7.750  -9.712  1.00 64.69 ? 426 VAL A O   1 
ATOM   1136 C  CB  . VAL A 1 147 ? 8.615   -9.510  -10.246 1.00 64.89 ? 426 VAL A CB  1 
ATOM   1137 C  CG1 . VAL A 1 147 ? 9.669   -8.563  -9.686  1.00 64.95 ? 426 VAL A CG1 1 
ATOM   1138 C  CG2 . VAL A 1 147 ? 9.260   -10.840 -10.611 1.00 64.90 ? 426 VAL A CG2 1 
ATOM   1139 N  N   . ALA A 1 148 ? 6.899   -8.048  -7.579  1.00 63.84 ? 427 ALA A N   1 
ATOM   1140 C  CA  . ALA A 1 148 ? 6.334   -6.809  -7.056  1.00 63.60 ? 427 ALA A CA  1 
ATOM   1141 C  C   . ALA A 1 148 ? 7.042   -6.454  -5.770  1.00 63.78 ? 427 ALA A C   1 
ATOM   1142 O  O   . ALA A 1 148 ? 7.111   -7.284  -4.855  1.00 63.92 ? 427 ALA A O   1 
ATOM   1143 C  CB  . ALA A 1 148 ? 4.868   -6.959  -6.798  1.00 63.41 ? 427 ALA A CB  1 
ATOM   1144 N  N   . ALA A 1 149 ? 7.568   -5.227  -5.702  1.00 63.77 ? 428 ALA A N   1 
ATOM   1145 C  CA  . ALA A 1 149 ? 8.355   -4.767  -4.557  1.00 63.69 ? 428 ALA A CA  1 
ATOM   1146 C  C   . ALA A 1 149 ? 8.034   -3.331  -4.277  1.00 63.83 ? 428 ALA A C   1 
ATOM   1147 O  O   . ALA A 1 149 ? 7.938   -2.552  -5.214  1.00 64.25 ? 428 ALA A O   1 
ATOM   1148 C  CB  . ALA A 1 149 ? 9.826   -4.910  -4.841  1.00 63.66 ? 428 ALA A CB  1 
ATOM   1149 N  N   . ILE A 1 150 ? 7.869   -2.976  -3.003  1.00 63.90 ? 429 ILE A N   1 
ATOM   1150 C  CA  . ILE A 1 150 ? 7.540   -1.599  -2.619  1.00 64.08 ? 429 ILE A CA  1 
ATOM   1151 C  C   . ILE A 1 150 ? 8.253   -1.225  -1.330  1.00 64.24 ? 429 ILE A C   1 
ATOM   1152 O  O   . ILE A 1 150 ? 8.134   -1.938  -0.336  1.00 64.28 ? 429 ILE A O   1 
ATOM   1153 C  CB  . ILE A 1 150 ? 6.016   -1.396  -2.432  1.00 63.97 ? 429 ILE A CB  1 
ATOM   1154 C  CG1 . ILE A 1 150 ? 5.284   -1.530  -3.761  1.00 63.86 ? 429 ILE A CG1 1 
ATOM   1155 C  CG2 . ILE A 1 150 ? 5.717   -0.015  -1.858  1.00 64.42 ? 429 ILE A CG2 1 
ATOM   1156 C  CD1 . ILE A 1 150 ? 3.808   -1.693  -3.612  1.00 64.71 ? 429 ILE A CD1 1 
ATOM   1157 N  N   . ARG A 1 151 ? 8.974   -0.102  -1.351  1.00 64.46 ? 430 ARG A N   1 
ATOM   1158 C  CA  . ARG A 1 151 ? 9.780   0.339   -0.205  1.00 64.78 ? 430 ARG A CA  1 
ATOM   1159 C  C   . ARG A 1 151 ? 8.941   0.844   0.952   1.00 65.36 ? 430 ARG A C   1 
ATOM   1160 O  O   . ARG A 1 151 ? 9.186   0.484   2.110   1.00 65.32 ? 430 ARG A O   1 
ATOM   1161 C  CB  . ARG A 1 151 ? 10.768  1.425   -0.609  1.00 64.49 ? 430 ARG A CB  1 
ATOM   1162 C  CG  . ARG A 1 151 ? 11.738  0.984   -1.641  1.00 64.06 ? 430 ARG A CG  1 
ATOM   1163 C  CD  . ARG A 1 151 ? 12.874  1.951   -1.792  1.00 63.39 ? 430 ARG A CD  1 
ATOM   1164 N  NE  . ARG A 1 151 ? 13.813  1.436   -2.781  1.00 63.20 ? 430 ARG A NE  1 
ATOM   1165 C  CZ  . ARG A 1 151 ? 14.831  0.625   -2.511  1.00 62.70 ? 430 ARG A CZ  1 
ATOM   1166 N  NH1 . ARG A 1 151 ? 15.075  0.237   -1.267  1.00 62.59 ? 430 ARG A NH1 1 
ATOM   1167 N  NH2 . ARG A 1 151 ? 15.616  0.209   -3.495  1.00 62.58 ? 430 ARG A NH2 1 
ATOM   1168 N  N   . GLU A 1 152 ? 7.969   1.698   0.641   1.00 65.86 ? 431 GLU A N   1 
ATOM   1169 C  CA  . GLU A 1 152 ? 7.139   2.297   1.669   1.00 66.44 ? 431 GLU A CA  1 
ATOM   1170 C  C   . GLU A 1 152 ? 5.790   2.629   1.126   1.00 66.40 ? 431 GLU A C   1 
ATOM   1171 O  O   . GLU A 1 152 ? 5.665   2.987   -0.040  1.00 66.88 ? 431 GLU A O   1 
ATOM   1172 C  CB  . GLU A 1 152 ? 7.760   3.589   2.186   1.00 66.58 ? 431 GLU A CB  1 
ATOM   1173 C  CG  . GLU A 1 152 ? 8.944   3.399   3.142   1.00 68.50 ? 431 GLU A CG  1 
ATOM   1174 C  CD  . GLU A 1 152 ? 8.567   2.812   4.506   1.00 70.32 ? 431 GLU A CD  1 
ATOM   1175 O  OE1 . GLU A 1 152 ? 7.375   2.519   4.759   1.00 71.29 ? 431 GLU A OE1 1 
ATOM   1176 O  OE2 . GLU A 1 152 ? 9.484   2.651   5.335   1.00 70.84 ? 431 GLU A OE2 1 
ATOM   1177 N  N   . LEU A 1 153 ? 4.783   2.503   1.983   1.00 66.20 ? 432 LEU A N   1 
ATOM   1178 C  CA  . LEU A 1 153 ? 3.453   3.044   1.732   1.00 65.80 ? 432 LEU A CA  1 
ATOM   1179 C  C   . LEU A 1 153 ? 3.214   4.098   2.797   1.00 65.89 ? 432 LEU A C   1 
ATOM   1180 O  O   . LEU A 1 153 ? 3.433   3.813   3.969   1.00 66.26 ? 432 LEU A O   1 
ATOM   1181 C  CB  . LEU A 1 153 ? 2.410   1.942   1.869   1.00 65.37 ? 432 LEU A CB  1 
ATOM   1182 C  CG  . LEU A 1 153 ? 0.934   2.297   1.717   1.00 64.60 ? 432 LEU A CG  1 
ATOM   1183 C  CD1 . LEU A 1 153 ? 0.183   1.027   1.490   1.00 64.47 ? 432 LEU A CD1 1 
ATOM   1184 C  CD2 . LEU A 1 153 ? 0.367   3.013   2.923   1.00 63.98 ? 432 LEU A CD2 1 
ATOM   1185 N  N   . ASP A 1 154 ? 2.790   5.304   2.416   1.00 65.72 ? 433 ASP A N   1 
ATOM   1186 C  CA  . ASP A 1 154 ? 2.407   6.321   3.406   1.00 65.82 ? 433 ASP A CA  1 
ATOM   1187 C  C   . ASP A 1 154 ? 1.008   6.845   3.132   1.00 65.73 ? 433 ASP A C   1 
ATOM   1188 O  O   . ASP A 1 154 ? 0.491   6.698   2.036   1.00 65.97 ? 433 ASP A O   1 
ATOM   1189 C  CB  . ASP A 1 154 ? 3.406   7.484   3.461   1.00 65.93 ? 433 ASP A CB  1 
ATOM   1190 C  CG  . ASP A 1 154 ? 4.857   7.018   3.483   1.00 66.48 ? 433 ASP A CG  1 
ATOM   1191 O  OD1 . ASP A 1 154 ? 5.523   7.200   4.525   1.00 65.41 ? 433 ASP A OD1 1 
ATOM   1192 O  OD2 . ASP A 1 154 ? 5.325   6.468   2.452   1.00 67.41 ? 433 ASP A OD2 1 
ATOM   1193 N  N   . VAL A 1 155 ? 0.391   7.454   4.134   1.00 65.73 ? 434 VAL A N   1 
ATOM   1194 C  CA  . VAL A 1 155 ? -0.960  7.983   3.993   1.00 65.48 ? 434 VAL A CA  1 
ATOM   1195 C  C   . VAL A 1 155 ? -0.953  9.447   4.389   1.00 65.63 ? 434 VAL A C   1 
ATOM   1196 O  O   . VAL A 1 155 ? -0.611  9.780   5.513   1.00 65.91 ? 434 VAL A O   1 
ATOM   1197 C  CB  . VAL A 1 155 ? -1.961  7.205   4.884   1.00 65.42 ? 434 VAL A CB  1 
ATOM   1198 C  CG1 . VAL A 1 155 ? -3.307  7.894   4.941   1.00 64.93 ? 434 VAL A CG1 1 
ATOM   1199 C  CG2 . VAL A 1 155 ? -2.112  5.781   4.397   1.00 65.31 ? 434 VAL A CG2 1 
ATOM   1200 N  N   . LYS A 1 156 ? -1.306  10.325  3.461   1.00 65.85 ? 435 LYS A N   1 
ATOM   1201 C  CA  . LYS A 1 156 ? -1.452  11.741  3.786   1.00 66.14 ? 435 LYS A CA  1 
ATOM   1202 C  C   . LYS A 1 156 ? -2.917  12.056  4.098   1.00 66.25 ? 435 LYS A C   1 
ATOM   1203 O  O   . LYS A 1 156 ? -3.816  11.678  3.350   1.00 66.28 ? 435 LYS A O   1 
ATOM   1204 C  CB  . LYS A 1 156 ? -0.909  12.622  2.657   1.00 66.11 ? 435 LYS A CB  1 
ATOM   1205 C  CG  . LYS A 1 156 ? 0.489   12.233  2.169   1.00 66.11 ? 435 LYS A CG  1 
ATOM   1206 C  CD  . LYS A 1 156 ? 1.099   13.284  1.247   1.00 66.42 ? 435 LYS A CD  1 
ATOM   1207 C  CE  . LYS A 1 156 ? 1.733   14.428  2.044   1.00 67.69 ? 435 LYS A CE  1 
ATOM   1208 N  NZ  . LYS A 1 156 ? 2.295   15.537  1.197   1.00 68.27 ? 435 LYS A NZ  1 
ATOM   1209 N  N   . GLY A 1 157 ? -3.154  12.720  5.218   1.00 66.48 ? 436 GLY A N   1 
ATOM   1210 C  CA  . GLY A 1 157 ? -4.510  13.043  5.639   1.00 67.15 ? 436 GLY A CA  1 
ATOM   1211 C  C   . GLY A 1 157 ? -4.524  13.833  6.935   1.00 67.76 ? 436 GLY A C   1 
ATOM   1212 O  O   . GLY A 1 157 ? -3.533  14.483  7.290   1.00 67.95 ? 436 GLY A O   1 
ATOM   1213 N  N   . THR A 1 158 ? -5.653  13.804  7.637   1.00 68.15 ? 437 THR A N   1 
ATOM   1214 C  CA  . THR A 1 158 ? -5.745  14.452  8.942   1.00 68.54 ? 437 THR A CA  1 
ATOM   1215 C  C   . THR A 1 158 ? -6.374  13.490  9.923   1.00 68.98 ? 437 THR A C   1 
ATOM   1216 O  O   . THR A 1 158 ? -7.256  12.708  9.552   1.00 68.92 ? 437 THR A O   1 
ATOM   1217 C  CB  . THR A 1 158 ? -6.598  15.741  8.925   1.00 68.44 ? 437 THR A CB  1 
ATOM   1218 O  OG1 . THR A 1 158 ? -7.983  15.398  8.815   1.00 68.41 ? 437 THR A OG1 1 
ATOM   1219 C  CG2 . THR A 1 158 ? -6.199  16.679  7.790   1.00 68.22 ? 437 THR A CG2 1 
ATOM   1220 N  N   . ILE A 1 159 ? -5.911  13.559  11.170  1.00 69.54 ? 438 ILE A N   1 
ATOM   1221 C  CA  . ILE A 1 159 ? -6.501  12.819  12.277  1.00 70.06 ? 438 ILE A CA  1 
ATOM   1222 C  C   . ILE A 1 159 ? -7.921  13.295  12.542  1.00 70.56 ? 438 ILE A C   1 
ATOM   1223 O  O   . ILE A 1 159 ? -8.147  14.488  12.797  1.00 70.68 ? 438 ILE A O   1 
ATOM   1224 C  CB  . ILE A 1 159 ? -5.654  12.973  13.560  1.00 69.95 ? 438 ILE A CB  1 
ATOM   1225 C  CG1 . ILE A 1 159 ? -4.643  11.827  13.666  1.00 70.14 ? 438 ILE A CG1 1 
ATOM   1226 C  CG2 . ILE A 1 159 ? -6.535  13.043  14.821  1.00 70.06 ? 438 ILE A CG2 1 
ATOM   1227 C  CD1 . ILE A 1 159 ? -5.257  10.435  13.819  1.00 70.35 ? 438 ILE A CD1 1 
ATOM   1228 N  N   . ILE A 1 160 ? -8.873  12.365  12.465  1.00 71.03 ? 439 ILE A N   1 
ATOM   1229 C  CA  . ILE A 1 160 ? -10.263 12.672  12.816  1.00 71.58 ? 439 ILE A CA  1 
ATOM   1230 C  C   . ILE A 1 160 ? -10.723 11.885  14.054  1.00 71.89 ? 439 ILE A C   1 
ATOM   1231 O  O   . ILE A 1 160 ? -11.654 11.077  13.993  1.00 72.13 ? 439 ILE A O   1 
ATOM   1232 C  CB  . ILE A 1 160 ? -11.250 12.554  11.594  1.00 71.53 ? 439 ILE A CB  1 
ATOM   1233 C  CG1 . ILE A 1 160 ? -12.641 13.149  11.930  1.00 71.82 ? 439 ILE A CG1 1 
ATOM   1234 C  CG2 . ILE A 1 160 ? -11.347 11.114  11.086  1.00 71.26 ? 439 ILE A CG2 1 
ATOM   1235 C  CD1 . ILE A 1 160 ? -12.688 14.683  12.168  1.00 71.07 ? 439 ILE A CD1 1 
ATOM   1236 N  N   . ASN A 1 161 ? -10.041 12.131  15.172  1.00 72.07 ? 440 ASN A N   1 
ATOM   1237 C  CA  . ASN A 1 161 ? -10.376 11.522  16.462  1.00 72.21 ? 440 ASN A CA  1 
ATOM   1238 C  C   . ASN A 1 161 ? -9.672  12.258  17.588  1.00 72.21 ? 440 ASN A C   1 
ATOM   1239 O  O   . ASN A 1 161 ? -9.153  13.353  17.355  1.00 72.19 ? 440 ASN A O   1 
ATOM   1240 C  CB  . ASN A 1 161 ? -10.083 10.000  16.504  1.00 72.33 ? 440 ASN A CB  1 
ATOM   1241 C  CG  . ASN A 1 161 ? -8.649  9.638   16.089  1.00 72.64 ? 440 ASN A CG  1 
ATOM   1242 O  OD1 . ASN A 1 161 ? -7.784  9.415   16.933  1.00 73.40 ? 440 ASN A OD1 1 
ATOM   1243 N  ND2 . ASN A 1 161 ? -8.411  9.547   14.789  1.00 73.03 ? 440 ASN A ND2 1 
HETATM 1244 ZN ZN  . ZN  B 2 .   ? 10.635  0.284   4.143   1.00 68.86 ? 1   ZN  A ZN  1 
HETATM 1245 C  C1  . PEG C 3 .   ? 5.162   16.185  -1.336  1.00 83.19 ? 449 PEG A C1  1 
HETATM 1246 O  O1  . PEG C 3 .   ? 4.501   14.907  -1.175  1.00 82.63 ? 449 PEG A O1  1 
HETATM 1247 C  C2  . PEG C 3 .   ? 6.697   15.989  -1.403  1.00 83.26 ? 449 PEG A C2  1 
HETATM 1248 O  O2  . PEG C 3 .   ? 7.101   14.729  -2.056  1.00 83.22 ? 449 PEG A O2  1 
HETATM 1249 C  C3  . PEG C 3 .   ? 8.182   14.042  -1.361  1.00 81.49 ? 449 PEG A C3  1 
HETATM 1250 C  C4  . PEG C 3 .   ? 7.930   12.529  -1.356  1.00 80.28 ? 449 PEG A C4  1 
HETATM 1251 O  O4  . PEG C 3 .   ? 7.031   12.226  -0.281  1.00 79.07 ? 449 PEG A O4  1 
HETATM 1252 O  O   . HOH D 4 .   ? 9.802   16.984  -2.166  1.00 74.23 ? 2   HOH A O   1 
HETATM 1253 O  O   . HOH D 4 .   ? 2.661   17.504  -4.962  1.00 56.20 ? 3   HOH A O   1 
# 
